data_8YNO
# 
_entry.id   8YNO 
# 
_audit_conform.dict_name       mmcif_pdbx.dic 
_audit_conform.dict_version    5.398 
_audit_conform.dict_location   http://mmcif.pdb.org/dictionaries/ascii/mmcif_pdbx.dic 
# 
loop_
_database_2.database_id 
_database_2.database_code 
_database_2.pdbx_database_accession 
_database_2.pdbx_DOI 
PDB   8YNO         pdb_00008yno 10.2210/pdb8yno/pdb 
WWPDB D_1300046011 ?            ?                   
# 
_pdbx_audit_revision_history.ordinal             1 
_pdbx_audit_revision_history.data_content_type   'Structure model' 
_pdbx_audit_revision_history.major_revision      1 
_pdbx_audit_revision_history.minor_revision      0 
_pdbx_audit_revision_history.revision_date       2024-11-20 
# 
_pdbx_audit_revision_details.ordinal             1 
_pdbx_audit_revision_details.revision_ordinal    1 
_pdbx_audit_revision_details.data_content_type   'Structure model' 
_pdbx_audit_revision_details.provider            repository 
_pdbx_audit_revision_details.type                'Initial release' 
_pdbx_audit_revision_details.description         ? 
_pdbx_audit_revision_details.details             ? 
# 
_pdbx_database_status.status_code                     REL 
_pdbx_database_status.status_code_sf                  REL 
_pdbx_database_status.status_code_mr                  ? 
_pdbx_database_status.entry_id                        8YNO 
_pdbx_database_status.recvd_initial_deposition_date   2024-03-11 
_pdbx_database_status.SG_entry                        N 
_pdbx_database_status.deposit_site                    PDBJ 
_pdbx_database_status.process_site                    PDBJ 
_pdbx_database_status.status_code_cs                  ? 
_pdbx_database_status.status_code_nmr_data            ? 
_pdbx_database_status.methods_development_category    ? 
_pdbx_database_status.pdb_format_compatible           Y 
# 
_pdbx_contact_author.id                 2 
_pdbx_contact_author.email              j.kondo@sophia.ac.jp 
_pdbx_contact_author.name_first         Jiro 
_pdbx_contact_author.name_last          Kondo 
_pdbx_contact_author.name_mi            ? 
_pdbx_contact_author.role               'principal investigator/group leader' 
_pdbx_contact_author.identifier_ORCID   0000-0002-5682-3685 
# 
loop_
_audit_author.name 
_audit_author.pdbx_ordinal 
_audit_author.identifier_ORCID 
'Kondo, J.' 1 ? 
'Abe, H.'   2 ? 
# 
_citation.abstract                  ? 
_citation.abstract_id_CAS           ? 
_citation.book_id_ISBN              ? 
_citation.book_publisher            ? 
_citation.book_publisher_city       ? 
_citation.book_title                ? 
_citation.coordinate_linkage        ? 
_citation.country                   UK 
_citation.database_id_Medline       ? 
_citation.details                   ? 
_citation.id                        primary 
_citation.journal_abbrev            'Nucleic Acids Res.' 
_citation.journal_id_ASTM           NARHAD 
_citation.journal_id_CSD            0389 
_citation.journal_id_ISSN           1362-4962 
_citation.journal_full              ? 
_citation.journal_issue             ? 
_citation.journal_volume            52 
_citation.language                  ? 
_citation.page_first                10754 
_citation.page_last                 10774 
_citation.title                     
;Synthesis of 2'-formamidonucleoside phosphoramidites for suppressing the seed-based off-target effects of siRNAs.
;
_citation.year                      2024 
_citation.database_id_CSD           ? 
_citation.pdbx_database_id_DOI      10.1093/nar/gkae741 
_citation.pdbx_database_id_PubMed   39231537 
_citation.pdbx_database_id_patent   ? 
_citation.unpublished_flag          ? 
# 
loop_
_citation_author.citation_id 
_citation_author.name 
_citation_author.ordinal 
_citation_author.identifier_ORCID 
primary 'Nomura, K.'    1  ?                   
primary 'An, S.'        2  ?                   
primary 'Kobayashi, Y.' 3  ?                   
primary 'Kondo, J.'     4  0000-0002-5682-3685 
primary 'Shi, T.'       5  ?                   
primary 'Murase, H.'    6  ?                   
primary 'Nakamoto, K.'  7  ?                   
primary 'Kimura, Y.'    8  ?                   
primary 'Abe, N.'       9  ?                   
primary 'Ui-Tei, K.'    10 0000-0001-8695-9025 
primary 'Abe, H.'       11 0000-0003-0048-3789 
# 
loop_
_entity.id 
_entity.type 
_entity.src_method 
_entity.pdbx_description 
_entity.formula_weight 
_entity.pdbx_number_of_molecules 
_entity.pdbx_ec 
_entity.pdbx_mutation 
_entity.pdbx_fragment 
_entity.details 
1 polymer     syn 
;RNA (5'-R(*GP*GP*AP*CP*(5BU)P*CP*GP*AP*GP*(HHU)P*CP*C)-3')
;
3933.258 2   ? ? ? ? 
2 non-polymer syn SPERMINE                                                     202.340  1   ? ? ? ? 
3 water       nat water                                                        18.015   170 ? ? ? ? 
# 
_entity_poly.entity_id                      1 
_entity_poly.type                           polyribonucleotide 
_entity_poly.nstd_linkage                   no 
_entity_poly.nstd_monomer                   yes 
_entity_poly.pdbx_seq_one_letter_code       'GGAC(5BU)CGAG(HHU)CC' 
_entity_poly.pdbx_seq_one_letter_code_can   GGACUCGAGXCC 
_entity_poly.pdbx_strand_id                 A,B 
_entity_poly.pdbx_target_identifier         ? 
# 
loop_
_pdbx_entity_nonpoly.entity_id 
_pdbx_entity_nonpoly.name 
_pdbx_entity_nonpoly.comp_id 
2 SPERMINE SPM 
3 water    HOH 
# 
loop_
_entity_poly_seq.entity_id 
_entity_poly_seq.num 
_entity_poly_seq.mon_id 
_entity_poly_seq.hetero 
1 1  G   n 
1 2  G   n 
1 3  A   n 
1 4  C   n 
1 5  5BU n 
1 6  C   n 
1 7  G   n 
1 8  A   n 
1 9  G   n 
1 10 HHU n 
1 11 C   n 
1 12 C   n 
# 
_pdbx_entity_src_syn.entity_id              1 
_pdbx_entity_src_syn.pdbx_src_id            1 
_pdbx_entity_src_syn.pdbx_alt_source_flag   sample 
_pdbx_entity_src_syn.pdbx_beg_seq_num       1 
_pdbx_entity_src_syn.pdbx_end_seq_num       12 
_pdbx_entity_src_syn.organism_scientific    'synthetic construct' 
_pdbx_entity_src_syn.organism_common_name   ? 
_pdbx_entity_src_syn.ncbi_taxonomy_id       32630 
_pdbx_entity_src_syn.details                ? 
# 
loop_
_chem_comp.id 
_chem_comp.type 
_chem_comp.mon_nstd_flag 
_chem_comp.name 
_chem_comp.pdbx_synonyms 
_chem_comp.formula 
_chem_comp.formula_weight 
5BU 'RNA linking' n "5-BROMO-URIDINE-5'-MONOPHOSPHATE" ? 'C9 H12 Br N2 O9 P' 403.077 
A   'RNA linking' y "ADENOSINE-5'-MONOPHOSPHATE" ? 'C10 H14 N5 O7 P'   347.221 
C   'RNA linking' y "CYTIDINE-5'-MONOPHOSPHATE" ? 'C9 H14 N3 O8 P'    323.197 
G   'RNA linking' y "GUANOSINE-5'-MONOPHOSPHATE" ? 'C10 H14 N5 O8 P'   363.221 
HHU 'RNA linking' . 
'[(2R,3S,4R,5R)-5-[2,4-bis(oxidanylidene)pyrimidin-1-yl]-4-formamido-3-oxidanyl-oxolan-2-yl]methyl dihydrogen phosphate' ? 
'C10 H14 N3 O9 P'   351.207 
HOH non-polymer   . WATER ? 'H2 O'              18.015  
SPM non-polymer   . SPERMINE ? 'C10 H26 N4'        202.340 
# 
loop_
_pdbx_poly_seq_scheme.asym_id 
_pdbx_poly_seq_scheme.entity_id 
_pdbx_poly_seq_scheme.seq_id 
_pdbx_poly_seq_scheme.mon_id 
_pdbx_poly_seq_scheme.ndb_seq_num 
_pdbx_poly_seq_scheme.pdb_seq_num 
_pdbx_poly_seq_scheme.auth_seq_num 
_pdbx_poly_seq_scheme.pdb_mon_id 
_pdbx_poly_seq_scheme.auth_mon_id 
_pdbx_poly_seq_scheme.pdb_strand_id 
_pdbx_poly_seq_scheme.pdb_ins_code 
_pdbx_poly_seq_scheme.hetero 
A 1 1  G   1  1  1  G   G   A . n 
A 1 2  G   2  2  2  G   G   A . n 
A 1 3  A   3  3  3  A   A   A . n 
A 1 4  C   4  4  4  C   C   A . n 
A 1 5  5BU 5  5  5  5BU 5BU A . n 
A 1 6  C   6  6  6  C   C   A . n 
A 1 7  G   7  7  7  G   G   A . n 
A 1 8  A   8  8  8  A   A   A . n 
A 1 9  G   9  9  9  G   G   A . n 
A 1 10 HHU 10 10 10 HHU HHU A . n 
A 1 11 C   11 11 11 C   C   A . n 
A 1 12 C   12 12 12 C   C   A . n 
B 1 1  G   1  1  1  G   G   B . n 
B 1 2  G   2  2  2  G   G   B . n 
B 1 3  A   3  3  3  A   A   B . n 
B 1 4  C   4  4  4  C   C   B . n 
B 1 5  5BU 5  5  5  5BU 5BU B . n 
B 1 6  C   6  6  6  C   C   B . n 
B 1 7  G   7  7  7  G   G   B . n 
B 1 8  A   8  8  8  A   A   B . n 
B 1 9  G   9  9  9  G   G   B . n 
B 1 10 HHU 10 10 10 HHU HHU B . n 
B 1 11 C   11 11 11 C   C   B . n 
B 1 12 C   12 12 12 C   C   B . n 
# 
_pdbx_entity_instance_feature.ordinal        1 
_pdbx_entity_instance_feature.comp_id        HHU 
_pdbx_entity_instance_feature.asym_id        ? 
_pdbx_entity_instance_feature.seq_num        ? 
_pdbx_entity_instance_feature.auth_comp_id   HHU 
_pdbx_entity_instance_feature.auth_asym_id   ? 
_pdbx_entity_instance_feature.auth_seq_num   ? 
_pdbx_entity_instance_feature.feature_type   'SUBJECT OF INVESTIGATION' 
_pdbx_entity_instance_feature.details        ? 
# 
loop_
_pdbx_nonpoly_scheme.asym_id 
_pdbx_nonpoly_scheme.entity_id 
_pdbx_nonpoly_scheme.mon_id 
_pdbx_nonpoly_scheme.ndb_seq_num 
_pdbx_nonpoly_scheme.pdb_seq_num 
_pdbx_nonpoly_scheme.auth_seq_num 
_pdbx_nonpoly_scheme.pdb_mon_id 
_pdbx_nonpoly_scheme.auth_mon_id 
_pdbx_nonpoly_scheme.pdb_strand_id 
_pdbx_nonpoly_scheme.pdb_ins_code 
C 2 SPM 1  101 101 SPM SPM A . 
D 3 HOH 1  201 201 HOH HOH A . 
D 3 HOH 2  202 202 HOH HOH A . 
D 3 HOH 3  203 203 HOH HOH A . 
D 3 HOH 4  204 204 HOH HOH A . 
D 3 HOH 5  205 205 HOH HOH A . 
D 3 HOH 6  206 206 HOH HOH A . 
D 3 HOH 7  207 207 HOH HOH A . 
D 3 HOH 8  208 208 HOH HOH A . 
D 3 HOH 9  209 209 HOH HOH A . 
D 3 HOH 10 210 210 HOH HOH A . 
D 3 HOH 11 211 211 HOH HOH A . 
D 3 HOH 12 212 212 HOH HOH A . 
D 3 HOH 13 213 213 HOH HOH A . 
D 3 HOH 14 214 214 HOH HOH A . 
D 3 HOH 15 215 215 HOH HOH A . 
D 3 HOH 16 216 216 HOH HOH A . 
D 3 HOH 17 217 217 HOH HOH A . 
D 3 HOH 18 218 218 HOH HOH A . 
D 3 HOH 19 219 219 HOH HOH A . 
D 3 HOH 20 220 220 HOH HOH A . 
D 3 HOH 21 221 221 HOH HOH A . 
D 3 HOH 22 222 222 HOH HOH A . 
D 3 HOH 23 223 223 HOH HOH A . 
D 3 HOH 24 224 224 HOH HOH A . 
D 3 HOH 25 225 225 HOH HOH A . 
D 3 HOH 26 226 226 HOH HOH A . 
D 3 HOH 27 227 227 HOH HOH A . 
D 3 HOH 28 228 228 HOH HOH A . 
D 3 HOH 29 229 229 HOH HOH A . 
D 3 HOH 30 230 230 HOH HOH A . 
D 3 HOH 31 231 231 HOH HOH A . 
D 3 HOH 32 232 232 HOH HOH A . 
D 3 HOH 33 233 233 HOH HOH A . 
D 3 HOH 34 234 234 HOH HOH A . 
D 3 HOH 35 235 235 HOH HOH A . 
D 3 HOH 36 236 236 HOH HOH A . 
D 3 HOH 37 237 237 HOH HOH A . 
D 3 HOH 38 238 238 HOH HOH A . 
D 3 HOH 39 239 239 HOH HOH A . 
D 3 HOH 40 240 240 HOH HOH A . 
D 3 HOH 41 241 241 HOH HOH A . 
D 3 HOH 42 242 242 HOH HOH A . 
D 3 HOH 43 243 243 HOH HOH A . 
D 3 HOH 44 244 244 HOH HOH A . 
D 3 HOH 45 245 245 HOH HOH A . 
D 3 HOH 46 246 246 HOH HOH A . 
D 3 HOH 47 247 247 HOH HOH A . 
D 3 HOH 48 248 248 HOH HOH A . 
D 3 HOH 49 249 249 HOH HOH A . 
D 3 HOH 50 250 250 HOH HOH A . 
D 3 HOH 51 251 251 HOH HOH A . 
D 3 HOH 52 252 252 HOH HOH A . 
D 3 HOH 53 253 253 HOH HOH A . 
D 3 HOH 54 254 254 HOH HOH A . 
D 3 HOH 55 255 255 HOH HOH A . 
D 3 HOH 56 256 256 HOH HOH A . 
D 3 HOH 57 257 257 HOH HOH A . 
D 3 HOH 58 258 258 HOH HOH A . 
D 3 HOH 59 259 259 HOH HOH A . 
D 3 HOH 60 260 260 HOH HOH A . 
D 3 HOH 61 261 261 HOH HOH A . 
D 3 HOH 62 262 262 HOH HOH A . 
D 3 HOH 63 263 263 HOH HOH A . 
D 3 HOH 64 264 264 HOH HOH A . 
D 3 HOH 65 265 265 HOH HOH A . 
D 3 HOH 66 266 266 HOH HOH A . 
D 3 HOH 67 267 267 HOH HOH A . 
D 3 HOH 68 268 268 HOH HOH A . 
D 3 HOH 69 269 269 HOH HOH A . 
D 3 HOH 70 270 270 HOH HOH A . 
D 3 HOH 71 271 271 HOH HOH A . 
D 3 HOH 72 272 272 HOH HOH A . 
D 3 HOH 73 273 273 HOH HOH A . 
D 3 HOH 74 274 274 HOH HOH A . 
D 3 HOH 75 275 275 HOH HOH A . 
D 3 HOH 76 276 276 HOH HOH A . 
D 3 HOH 77 277 277 HOH HOH A . 
D 3 HOH 78 278 278 HOH HOH A . 
D 3 HOH 79 279 279 HOH HOH A . 
D 3 HOH 80 280 280 HOH HOH A . 
D 3 HOH 81 281 281 HOH HOH A . 
D 3 HOH 82 282 282 HOH HOH A . 
D 3 HOH 83 283 283 HOH HOH A . 
D 3 HOH 84 284 284 HOH HOH A . 
D 3 HOH 85 285 285 HOH HOH A . 
D 3 HOH 86 286 286 HOH HOH A . 
E 3 HOH 1  101 101 HOH HOH B . 
E 3 HOH 2  102 102 HOH HOH B . 
E 3 HOH 3  103 103 HOH HOH B . 
E 3 HOH 4  104 104 HOH HOH B . 
E 3 HOH 5  105 105 HOH HOH B . 
E 3 HOH 6  106 106 HOH HOH B . 
E 3 HOH 7  107 107 HOH HOH B . 
E 3 HOH 8  108 108 HOH HOH B . 
E 3 HOH 9  109 109 HOH HOH B . 
E 3 HOH 10 110 110 HOH HOH B . 
E 3 HOH 11 111 111 HOH HOH B . 
E 3 HOH 12 112 112 HOH HOH B . 
E 3 HOH 13 113 113 HOH HOH B . 
E 3 HOH 14 114 114 HOH HOH B . 
E 3 HOH 15 115 115 HOH HOH B . 
E 3 HOH 16 116 116 HOH HOH B . 
E 3 HOH 17 117 117 HOH HOH B . 
E 3 HOH 18 118 118 HOH HOH B . 
E 3 HOH 19 119 119 HOH HOH B . 
E 3 HOH 20 120 120 HOH HOH B . 
E 3 HOH 21 121 121 HOH HOH B . 
E 3 HOH 22 122 122 HOH HOH B . 
E 3 HOH 23 123 123 HOH HOH B . 
E 3 HOH 24 124 124 HOH HOH B . 
E 3 HOH 25 125 125 HOH HOH B . 
E 3 HOH 26 126 126 HOH HOH B . 
E 3 HOH 27 127 127 HOH HOH B . 
E 3 HOH 28 128 128 HOH HOH B . 
E 3 HOH 29 129 129 HOH HOH B . 
E 3 HOH 30 130 130 HOH HOH B . 
E 3 HOH 31 131 131 HOH HOH B . 
E 3 HOH 32 132 132 HOH HOH B . 
E 3 HOH 33 133 133 HOH HOH B . 
E 3 HOH 34 134 134 HOH HOH B . 
E 3 HOH 35 135 135 HOH HOH B . 
E 3 HOH 36 136 136 HOH HOH B . 
E 3 HOH 37 137 137 HOH HOH B . 
E 3 HOH 38 138 138 HOH HOH B . 
E 3 HOH 39 139 139 HOH HOH B . 
E 3 HOH 40 140 140 HOH HOH B . 
E 3 HOH 41 141 141 HOH HOH B . 
E 3 HOH 42 142 142 HOH HOH B . 
E 3 HOH 43 143 143 HOH HOH B . 
E 3 HOH 44 144 144 HOH HOH B . 
E 3 HOH 45 145 145 HOH HOH B . 
E 3 HOH 46 146 146 HOH HOH B . 
E 3 HOH 47 147 147 HOH HOH B . 
E 3 HOH 48 148 148 HOH HOH B . 
E 3 HOH 49 149 149 HOH HOH B . 
E 3 HOH 50 150 150 HOH HOH B . 
E 3 HOH 51 151 151 HOH HOH B . 
E 3 HOH 52 152 152 HOH HOH B . 
E 3 HOH 53 153 153 HOH HOH B . 
E 3 HOH 54 154 154 HOH HOH B . 
E 3 HOH 55 155 155 HOH HOH B . 
E 3 HOH 56 156 156 HOH HOH B . 
E 3 HOH 57 157 157 HOH HOH B . 
E 3 HOH 58 158 158 HOH HOH B . 
E 3 HOH 59 159 159 HOH HOH B . 
E 3 HOH 60 160 160 HOH HOH B . 
E 3 HOH 61 161 161 HOH HOH B . 
E 3 HOH 62 162 162 HOH HOH B . 
E 3 HOH 63 163 163 HOH HOH B . 
E 3 HOH 64 164 164 HOH HOH B . 
E 3 HOH 65 165 165 HOH HOH B . 
E 3 HOH 66 166 166 HOH HOH B . 
E 3 HOH 67 167 167 HOH HOH B . 
E 3 HOH 68 168 168 HOH HOH B . 
E 3 HOH 69 169 169 HOH HOH B . 
E 3 HOH 70 170 170 HOH HOH B . 
E 3 HOH 71 171 171 HOH HOH B . 
E 3 HOH 72 172 172 HOH HOH B . 
E 3 HOH 73 173 173 HOH HOH B . 
E 3 HOH 74 174 174 HOH HOH B . 
E 3 HOH 75 175 175 HOH HOH B . 
E 3 HOH 76 176 176 HOH HOH B . 
E 3 HOH 77 177 177 HOH HOH B . 
E 3 HOH 78 178 178 HOH HOH B . 
E 3 HOH 79 179 179 HOH HOH B . 
E 3 HOH 80 180 180 HOH HOH B . 
E 3 HOH 81 181 181 HOH HOH B . 
E 3 HOH 82 182 182 HOH HOH B . 
E 3 HOH 83 183 183 HOH HOH B . 
E 3 HOH 84 184 184 HOH HOH B . 
# 
loop_
_pdbx_unobs_or_zero_occ_atoms.id 
_pdbx_unobs_or_zero_occ_atoms.PDB_model_num 
_pdbx_unobs_or_zero_occ_atoms.polymer_flag 
_pdbx_unobs_or_zero_occ_atoms.occupancy_flag 
_pdbx_unobs_or_zero_occ_atoms.auth_asym_id 
_pdbx_unobs_or_zero_occ_atoms.auth_comp_id 
_pdbx_unobs_or_zero_occ_atoms.auth_seq_id 
_pdbx_unobs_or_zero_occ_atoms.PDB_ins_code 
_pdbx_unobs_or_zero_occ_atoms.auth_atom_id 
_pdbx_unobs_or_zero_occ_atoms.label_alt_id 
_pdbx_unobs_or_zero_occ_atoms.label_asym_id 
_pdbx_unobs_or_zero_occ_atoms.label_comp_id 
_pdbx_unobs_or_zero_occ_atoms.label_seq_id 
_pdbx_unobs_or_zero_occ_atoms.label_atom_id 
1 1 N 1 A SPM 101 ? N1  ? C SPM 1 N1  
2 1 N 1 A SPM 101 ? C2  ? C SPM 1 C2  
3 1 N 1 A SPM 101 ? C3  ? C SPM 1 C3  
4 1 N 1 A SPM 101 ? C4  ? C SPM 1 C4  
5 1 N 1 A SPM 101 ? C13 ? C SPM 1 C13 
6 1 N 1 A SPM 101 ? N14 ? C SPM 1 N14 
# 
loop_
_software.citation_id 
_software.classification 
_software.compiler_name 
_software.compiler_version 
_software.contact_author 
_software.contact_author_email 
_software.date 
_software.description 
_software.dependencies 
_software.hardware 
_software.language 
_software.location 
_software.mods 
_software.name 
_software.os 
_software.os_version 
_software.type 
_software.version 
_software.pdbx_ordinal 
? 'data scaling'    ? ? ? ? ? ? ? ? ? ? ? XSCALE      ? ? ? .           1 
? refinement        ? ? ? ? ? ? ? ? ? ? ? PHENIX      ? ? ? 1.17.1_3660 2 
? 'data extraction' ? ? ? ? ? ? ? ? ? ? ? PDB_EXTRACT ? ? ? 3.27        3 
? phasing           ? ? ? ? ? ? ? ? ? ? ? PHASER      ? ? ? .           4 
# 
_cell.angle_alpha                  90.000 
_cell.angle_alpha_esd              ? 
_cell.angle_beta                   109.510 
_cell.angle_beta_esd               ? 
_cell.angle_gamma                  90.000 
_cell.angle_gamma_esd              ? 
_cell.entry_id                     8YNO 
_cell.details                      ? 
_cell.formula_units_Z              ? 
_cell.length_a                     27.633 
_cell.length_a_esd                 ? 
_cell.length_b                     43.063 
_cell.length_b_esd                 ? 
_cell.length_c                     28.043 
_cell.length_c_esd                 ? 
_cell.volume                       ? 
_cell.volume_esd                   ? 
_cell.Z_PDB                        4 
_cell.reciprocal_angle_alpha       ? 
_cell.reciprocal_angle_beta        ? 
_cell.reciprocal_angle_gamma       ? 
_cell.reciprocal_angle_alpha_esd   ? 
_cell.reciprocal_angle_beta_esd    ? 
_cell.reciprocal_angle_gamma_esd   ? 
_cell.reciprocal_length_a          ? 
_cell.reciprocal_length_b          ? 
_cell.reciprocal_length_c          ? 
_cell.reciprocal_length_a_esd      ? 
_cell.reciprocal_length_b_esd      ? 
_cell.reciprocal_length_c_esd      ? 
_cell.pdbx_unique_axis             ? 
_cell.pdbx_esd_method              ? 
# 
_symmetry.entry_id                         8YNO 
_symmetry.cell_setting                     ? 
_symmetry.Int_Tables_number                4 
_symmetry.space_group_name_Hall            ? 
_symmetry.space_group_name_H-M             'P 1 21 1' 
_symmetry.pdbx_full_space_group_name_H-M   ? 
# 
_exptl.absorpt_coefficient_mu     ? 
_exptl.absorpt_correction_T_max   ? 
_exptl.absorpt_correction_T_min   ? 
_exptl.absorpt_correction_type    ? 
_exptl.absorpt_process_details    ? 
_exptl.entry_id                   8YNO 
_exptl.crystals_number            1 
_exptl.details                    ? 
_exptl.method                     'X-RAY DIFFRACTION' 
_exptl.method_details             ? 
# 
_exptl_crystal.colour                       ? 
_exptl_crystal.density_diffrn               ? 
_exptl_crystal.density_Matthews             2.00 
_exptl_crystal.density_method               ? 
_exptl_crystal.density_percent_sol          38.48 
_exptl_crystal.description                  ? 
_exptl_crystal.F_000                        ? 
_exptl_crystal.id                           1 
_exptl_crystal.preparation                  ? 
_exptl_crystal.size_max                     ? 
_exptl_crystal.size_mid                     ? 
_exptl_crystal.size_min                     ? 
_exptl_crystal.size_rad                     ? 
_exptl_crystal.colour_lustre                ? 
_exptl_crystal.colour_modifier              ? 
_exptl_crystal.colour_primary               ? 
_exptl_crystal.density_meas                 ? 
_exptl_crystal.density_meas_esd             ? 
_exptl_crystal.density_meas_gt              ? 
_exptl_crystal.density_meas_lt              ? 
_exptl_crystal.density_meas_temp            ? 
_exptl_crystal.density_meas_temp_esd        ? 
_exptl_crystal.density_meas_temp_gt         ? 
_exptl_crystal.density_meas_temp_lt         ? 
_exptl_crystal.pdbx_crystal_image_url       ? 
_exptl_crystal.pdbx_crystal_image_format    ? 
_exptl_crystal.pdbx_mosaicity               ? 
_exptl_crystal.pdbx_mosaicity_esd           ? 
_exptl_crystal.pdbx_mosaic_method           ? 
_exptl_crystal.pdbx_mosaic_block_size       ? 
_exptl_crystal.pdbx_mosaic_block_size_esd   ? 
# 
_exptl_crystal_grow.apparatus       ? 
_exptl_crystal_grow.atmosphere      ? 
_exptl_crystal_grow.crystal_id      1 
_exptl_crystal_grow.details         ? 
_exptl_crystal_grow.method          'VAPOR DIFFUSION, HANGING DROP' 
_exptl_crystal_grow.method_ref      ? 
_exptl_crystal_grow.pH              ? 
_exptl_crystal_grow.pressure        ? 
_exptl_crystal_grow.pressure_esd    ? 
_exptl_crystal_grow.seeding         ? 
_exptl_crystal_grow.seeding_ref     ? 
_exptl_crystal_grow.temp_details    ? 
_exptl_crystal_grow.temp_esd        ? 
_exptl_crystal_grow.time            ? 
_exptl_crystal_grow.pdbx_details    'MPD, sodium cacodylate' 
_exptl_crystal_grow.pdbx_pH_range   ? 
_exptl_crystal_grow.temp            293 
# 
_diffrn.ambient_environment              ? 
_diffrn.ambient_temp                     100 
_diffrn.ambient_temp_details             ? 
_diffrn.ambient_temp_esd                 ? 
_diffrn.crystal_id                       1 
_diffrn.crystal_support                  ? 
_diffrn.crystal_treatment                ? 
_diffrn.details                          ? 
_diffrn.id                               1 
_diffrn.ambient_pressure                 ? 
_diffrn.ambient_pressure_esd             ? 
_diffrn.ambient_pressure_gt              ? 
_diffrn.ambient_pressure_lt              ? 
_diffrn.ambient_temp_gt                  ? 
_diffrn.ambient_temp_lt                  ? 
_diffrn.pdbx_serial_crystal_experiment   N 
# 
_diffrn_detector.details                      ? 
_diffrn_detector.detector                     PIXEL 
_diffrn_detector.diffrn_id                    1 
_diffrn_detector.type                         'DECTRIS EIGER X 16M' 
_diffrn_detector.area_resol_mean              ? 
_diffrn_detector.dtime                        ? 
_diffrn_detector.pdbx_frames_total            ? 
_diffrn_detector.pdbx_collection_time_total   ? 
_diffrn_detector.pdbx_collection_date         2020-11-29 
_diffrn_detector.pdbx_frequency               ? 
_diffrn_detector.id                           ? 
_diffrn_detector.number_of_axes               ? 
# 
_diffrn_radiation.collimation                      ? 
_diffrn_radiation.diffrn_id                        1 
_diffrn_radiation.filter_edge                      ? 
_diffrn_radiation.inhomogeneity                    ? 
_diffrn_radiation.monochromator                    ? 
_diffrn_radiation.polarisn_norm                    ? 
_diffrn_radiation.polarisn_ratio                   ? 
_diffrn_radiation.probe                            ? 
_diffrn_radiation.type                             ? 
_diffrn_radiation.xray_symbol                      ? 
_diffrn_radiation.wavelength_id                    1 
_diffrn_radiation.pdbx_monochromatic_or_laue_m_l   M 
_diffrn_radiation.pdbx_wavelength_list             ? 
_diffrn_radiation.pdbx_wavelength                  ? 
_diffrn_radiation.pdbx_diffrn_protocol             'SINGLE WAVELENGTH' 
_diffrn_radiation.pdbx_analyzer                    ? 
_diffrn_radiation.pdbx_scattering_type             x-ray 
# 
_diffrn_radiation_wavelength.id           1 
_diffrn_radiation_wavelength.wavelength   0.91962 
_diffrn_radiation_wavelength.wt           1.0 
# 
_diffrn_source.current                     ? 
_diffrn_source.details                     ? 
_diffrn_source.diffrn_id                   1 
_diffrn_source.power                       ? 
_diffrn_source.size                        ? 
_diffrn_source.source                      SYNCHROTRON 
_diffrn_source.target                      ? 
_diffrn_source.type                        'PHOTON FACTORY BEAMLINE BL-17A' 
_diffrn_source.voltage                     ? 
_diffrn_source.take-off_angle              ? 
_diffrn_source.pdbx_wavelength_list        0.91962 
_diffrn_source.pdbx_wavelength             ? 
_diffrn_source.pdbx_synchrotron_beamline   BL-17A 
_diffrn_source.pdbx_synchrotron_site       'Photon Factory' 
# 
_reflns.B_iso_Wilson_estimate                          16.777 
_reflns.entry_id                                       8YNO 
_reflns.data_reduction_details                         ? 
_reflns.data_reduction_method                          ? 
_reflns.d_resolution_high                              1.300 
_reflns.d_resolution_low                               26.430 
_reflns.details                                        ? 
_reflns.limit_h_max                                    ? 
_reflns.limit_h_min                                    ? 
_reflns.limit_k_max                                    ? 
_reflns.limit_k_min                                    ? 
_reflns.limit_l_max                                    ? 
_reflns.limit_l_min                                    ? 
_reflns.number_all                                     ? 
_reflns.number_obs                                     15146 
_reflns.observed_criterion                             ? 
_reflns.observed_criterion_F_max                       ? 
_reflns.observed_criterion_F_min                       ? 
_reflns.observed_criterion_I_max                       ? 
_reflns.observed_criterion_I_min                       ? 
_reflns.observed_criterion_sigma_F                     ? 
_reflns.observed_criterion_sigma_I                     ? 
_reflns.percent_possible_obs                           98.300 
_reflns.R_free_details                                 ? 
_reflns.Rmerge_F_all                                   ? 
_reflns.Rmerge_F_obs                                   ? 
_reflns.Friedel_coverage                               ? 
_reflns.number_gt                                      ? 
_reflns.threshold_expression                           ? 
_reflns.pdbx_redundancy                                6.449 
_reflns.pdbx_netI_over_av_sigmaI                       ? 
_reflns.pdbx_netI_over_sigmaI                          19.460 
_reflns.pdbx_res_netI_over_av_sigmaI_2                 ? 
_reflns.pdbx_res_netI_over_sigmaI_2                    ? 
_reflns.pdbx_chi_squared                               0.985 
_reflns.pdbx_scaling_rejects                           ? 
_reflns.pdbx_d_res_high_opt                            ? 
_reflns.pdbx_d_res_low_opt                             ? 
_reflns.pdbx_d_res_opt_method                          ? 
_reflns.phase_calculation_details                      ? 
_reflns.pdbx_Rrim_I_all                                0.064 
_reflns.pdbx_Rpim_I_all                                ? 
_reflns.pdbx_d_opt                                     ? 
_reflns.pdbx_number_measured_all                       97678 
_reflns.pdbx_diffrn_id                                 1 
_reflns.pdbx_ordinal                                   1 
_reflns.pdbx_CC_half                                   0.998 
_reflns.pdbx_CC_star                                   ? 
_reflns.pdbx_R_split                                   ? 
_reflns.pdbx_Rmerge_I_obs                              0.059 
_reflns.pdbx_Rmerge_I_all                              ? 
_reflns.pdbx_Rsym_value                                ? 
_reflns.pdbx_CC_split_method                           ? 
_reflns.pdbx_aniso_diffraction_limit_axis_1_ortho[1]   ? 
_reflns.pdbx_aniso_diffraction_limit_axis_1_ortho[2]   ? 
_reflns.pdbx_aniso_diffraction_limit_axis_1_ortho[3]   ? 
_reflns.pdbx_aniso_diffraction_limit_axis_2_ortho[1]   ? 
_reflns.pdbx_aniso_diffraction_limit_axis_2_ortho[2]   ? 
_reflns.pdbx_aniso_diffraction_limit_axis_2_ortho[3]   ? 
_reflns.pdbx_aniso_diffraction_limit_axis_3_ortho[1]   ? 
_reflns.pdbx_aniso_diffraction_limit_axis_3_ortho[2]   ? 
_reflns.pdbx_aniso_diffraction_limit_axis_3_ortho[3]   ? 
_reflns.pdbx_aniso_diffraction_limit_1                 ? 
_reflns.pdbx_aniso_diffraction_limit_2                 ? 
_reflns.pdbx_aniso_diffraction_limit_3                 ? 
_reflns.pdbx_aniso_B_tensor_eigenvector_1_ortho[1]     ? 
_reflns.pdbx_aniso_B_tensor_eigenvector_1_ortho[2]     ? 
_reflns.pdbx_aniso_B_tensor_eigenvector_1_ortho[3]     ? 
_reflns.pdbx_aniso_B_tensor_eigenvector_2_ortho[1]     ? 
_reflns.pdbx_aniso_B_tensor_eigenvector_2_ortho[2]     ? 
_reflns.pdbx_aniso_B_tensor_eigenvector_2_ortho[3]     ? 
_reflns.pdbx_aniso_B_tensor_eigenvector_3_ortho[1]     ? 
_reflns.pdbx_aniso_B_tensor_eigenvector_3_ortho[2]     ? 
_reflns.pdbx_aniso_B_tensor_eigenvector_3_ortho[3]     ? 
_reflns.pdbx_aniso_B_tensor_eigenvalue_1               ? 
_reflns.pdbx_aniso_B_tensor_eigenvalue_2               ? 
_reflns.pdbx_aniso_B_tensor_eigenvalue_3               ? 
_reflns.pdbx_orthogonalization_convention              ? 
_reflns.pdbx_percent_possible_ellipsoidal              ? 
_reflns.pdbx_percent_possible_spherical                ? 
_reflns.pdbx_percent_possible_ellipsoidal_anomalous    ? 
_reflns.pdbx_percent_possible_spherical_anomalous      ? 
_reflns.pdbx_redundancy_anomalous                      ? 
_reflns.pdbx_CC_half_anomalous                         ? 
_reflns.pdbx_absDiff_over_sigma_anomalous              ? 
_reflns.pdbx_percent_possible_anomalous                ? 
_reflns.pdbx_observed_signal_threshold                 ? 
_reflns.pdbx_signal_type                               ? 
_reflns.pdbx_signal_details                            ? 
_reflns.pdbx_signal_software_id                        ? 
# 
loop_
_reflns_shell.d_res_high 
_reflns_shell.d_res_low 
_reflns_shell.meanI_over_sigI_all 
_reflns_shell.meanI_over_sigI_obs 
_reflns_shell.number_measured_all 
_reflns_shell.number_measured_obs 
_reflns_shell.number_possible 
_reflns_shell.number_unique_all 
_reflns_shell.number_unique_obs 
_reflns_shell.percent_possible_obs 
_reflns_shell.Rmerge_F_all 
_reflns_shell.Rmerge_F_obs 
_reflns_shell.meanI_over_sigI_gt 
_reflns_shell.meanI_over_uI_all 
_reflns_shell.meanI_over_uI_gt 
_reflns_shell.number_measured_gt 
_reflns_shell.number_unique_gt 
_reflns_shell.percent_possible_gt 
_reflns_shell.Rmerge_F_gt 
_reflns_shell.Rmerge_I_gt 
_reflns_shell.pdbx_redundancy 
_reflns_shell.pdbx_chi_squared 
_reflns_shell.pdbx_netI_over_sigmaI_all 
_reflns_shell.pdbx_netI_over_sigmaI_obs 
_reflns_shell.pdbx_Rrim_I_all 
_reflns_shell.pdbx_Rpim_I_all 
_reflns_shell.pdbx_rejects 
_reflns_shell.pdbx_ordinal 
_reflns_shell.pdbx_diffrn_id 
_reflns_shell.pdbx_CC_half 
_reflns_shell.pdbx_CC_star 
_reflns_shell.pdbx_R_split 
_reflns_shell.percent_possible_all 
_reflns_shell.Rmerge_I_all 
_reflns_shell.Rmerge_I_obs 
_reflns_shell.pdbx_Rsym_value 
_reflns_shell.pdbx_percent_possible_ellipsoidal 
_reflns_shell.pdbx_percent_possible_spherical 
_reflns_shell.pdbx_percent_possible_ellipsoidal_anomalous 
_reflns_shell.pdbx_percent_possible_spherical_anomalous 
_reflns_shell.pdbx_redundancy_anomalous 
_reflns_shell.pdbx_CC_half_anomalous 
_reflns_shell.pdbx_absDiff_over_sigma_anomalous 
_reflns_shell.pdbx_percent_possible_anomalous 
1.300 1.330  ? 9.510  ? ? ? ? 968  ? ? ? ? ? ? ? ? ? ? ? 5.121 ? ? ? 0.163 ? ? 1  1 0.982 ? ? 84.200  ? 0.146 ? ? ? ? ? ? ? ? ? 
1.330 1.370  ? 11.180 ? ? ? ? 1070 ? ? ? ? ? ? ? ? ? ? ? 6.141 ? ? ? 0.150 ? ? 2  1 0.990 ? ? 98.400  ? 0.137 ? ? ? ? ? ? ? ? ? 
1.370 1.410  ? 13.000 ? ? ? ? 1079 ? ? ? ? ? ? ? ? ? ? ? 6.803 ? ? ? 0.138 ? ? 3  1 0.991 ? ? 99.700  ? 0.127 ? ? ? ? ? ? ? ? ? 
1.410 1.450  ? 14.330 ? ? ? ? 1051 ? ? ? ? ? ? ? ? ? ? ? 6.954 ? ? ? 0.123 ? ? 4  1 0.993 ? ? 99.900  ? 0.114 ? ? ? ? ? ? ? ? ? 
1.450 1.500  ? 15.830 ? ? ? ? 986  ? ? ? ? ? ? ? ? ? ? ? 6.866 ? ? ? 0.112 ? ? 5  1 0.994 ? ? 99.600  ? 0.103 ? ? ? ? ? ? ? ? ? 
1.500 1.550  ? 16.390 ? ? ? ? 988  ? ? ? ? ? ? ? ? ? ? ? 6.738 ? ? ? 0.107 ? ? 6  1 0.995 ? ? 99.200  ? 0.098 ? ? ? ? ? ? ? ? ? 
1.550 1.610  ? 18.530 ? ? ? ? 941  ? ? ? ? ? ? ? ? ? ? ? 6.566 ? ? ? 0.094 ? ? 7  1 0.997 ? ? 99.900  ? 0.086 ? ? ? ? ? ? ? ? ? 
1.610 1.680  ? 19.270 ? ? ? ? 893  ? ? ? ? ? ? ? ? ? ? ? 6.112 ? ? ? 0.084 ? ? 8  1 0.996 ? ? 98.900  ? 0.077 ? ? ? ? ? ? ? ? ? 
1.680 1.750  ? 21.770 ? ? ? ? 880  ? ? ? ? ? ? ? ? ? ? ? 6.857 ? ? ? 0.078 ? ? 9  1 0.997 ? ? 100.000 ? 0.072 ? ? ? ? ? ? ? ? ? 
1.750 1.840  ? 22.980 ? ? ? ? 834  ? ? ? ? ? ? ? ? ? ? ? 6.807 ? ? ? 0.077 ? ? 10 1 0.996 ? ? 99.400  ? 0.071 ? ? ? ? ? ? ? ? ? 
1.840 1.940  ? 23.600 ? ? ? ? 773  ? ? ? ? ? ? ? ? ? ? ? 6.669 ? ? ? 0.071 ? ? 11 1 0.997 ? ? 100.000 ? 0.065 ? ? ? ? ? ? ? ? ? 
1.940 2.050  ? 24.570 ? ? ? ? 769  ? ? ? ? ? ? ? ? ? ? ? 6.593 ? ? ? 0.070 ? ? 12 1 0.996 ? ? 99.200  ? 0.065 ? ? ? ? ? ? ? ? ? 
2.050 2.200  ? 25.110 ? ? ? ? 698  ? ? ? ? ? ? ? ? ? ? ? 6.347 ? ? ? 0.065 ? ? 13 1 0.996 ? ? 99.600  ? 0.060 ? ? ? ? ? ? ? ? ? 
2.200 2.370  ? 24.140 ? ? ? ? 646  ? ? ? ? ? ? ? ? ? ? ? 5.782 ? ? ? 0.068 ? ? 14 1 0.995 ? ? 98.900  ? 0.062 ? ? ? ? ? ? ? ? ? 
2.370 2.600  ? 26.340 ? ? ? ? 610  ? ? ? ? ? ? ? ? ? ? ? 6.618 ? ? ? 0.060 ? ? 15 1 0.998 ? ? 99.000  ? 0.055 ? ? ? ? ? ? ? ? ? 
2.600 2.900  ? 27.260 ? ? ? ? 548  ? ? ? ? ? ? ? ? ? ? ? 6.619 ? ? ? 0.063 ? ? 16 1 0.998 ? ? 100.000 ? 0.058 ? ? ? ? ? ? ? ? ? 
2.900 3.350  ? 27.640 ? ? ? ? 495  ? ? ? ? ? ? ? ? ? ? ? 6.434 ? ? ? 0.062 ? ? 17 1 0.998 ? ? 99.000  ? 0.057 ? ? ? ? ? ? ? ? ? 
3.350 4.110  ? 27.250 ? ? ? ? 416  ? ? ? ? ? ? ? ? ? ? ? 6.096 ? ? ? 0.053 ? ? 18 1 0.998 ? ? 98.100  ? 0.049 ? ? ? ? ? ? ? ? ? 
4.110 5.810  ? 26.950 ? ? ? ? 320  ? ? ? ? ? ? ? ? ? ? ? 5.925 ? ? ? 0.048 ? ? 19 1 0.998 ? ? 99.400  ? 0.044 ? ? ? ? ? ? ? ? ? 
5.810 26.430 ? 26.550 ? ? ? ? 181  ? ? ? ? ? ? ? ? ? ? ? 5.829 ? ? ? 0.060 ? ? 20 1 0.997 ? ? 98.400  ? 0.055 ? ? ? ? ? ? ? ? ? 
# 
_refine.aniso_B[1][1]                            ? 
_refine.aniso_B[1][2]                            ? 
_refine.aniso_B[1][3]                            ? 
_refine.aniso_B[2][2]                            ? 
_refine.aniso_B[2][3]                            ? 
_refine.aniso_B[3][3]                            ? 
_refine.B_iso_max                                37.370 
_refine.B_iso_mean                               12.5496 
_refine.B_iso_min                                6.720 
_refine.correlation_coeff_Fo_to_Fc               ? 
_refine.correlation_coeff_Fo_to_Fc_free          ? 
_refine.details                                  ? 
_refine.diff_density_max                         ? 
_refine.diff_density_max_esd                     ? 
_refine.diff_density_min                         ? 
_refine.diff_density_min_esd                     ? 
_refine.diff_density_rms                         ? 
_refine.diff_density_rms_esd                     ? 
_refine.entry_id                                 8YNO 
_refine.pdbx_refine_id                           'X-RAY DIFFRACTION' 
_refine.ls_abs_structure_details                 ? 
_refine.ls_abs_structure_Flack                   ? 
_refine.ls_abs_structure_Flack_esd               ? 
_refine.ls_abs_structure_Rogers                  ? 
_refine.ls_abs_structure_Rogers_esd              ? 
_refine.ls_d_res_high                            1.3000 
_refine.ls_d_res_low                             26.4300 
_refine.ls_extinction_coef                       ? 
_refine.ls_extinction_coef_esd                   ? 
_refine.ls_extinction_expression                 ? 
_refine.ls_extinction_method                     ? 
_refine.ls_goodness_of_fit_all                   ? 
_refine.ls_goodness_of_fit_all_esd               ? 
_refine.ls_goodness_of_fit_obs                   ? 
_refine.ls_goodness_of_fit_obs_esd               ? 
_refine.ls_hydrogen_treatment                    ? 
_refine.ls_matrix_type                           ? 
_refine.ls_number_constraints                    ? 
_refine.ls_number_parameters                     ? 
_refine.ls_number_reflns_all                     ? 
_refine.ls_number_reflns_obs                     15137 
_refine.ls_number_reflns_R_free                  1502 
_refine.ls_number_reflns_R_work                  13635 
_refine.ls_number_restraints                     ? 
_refine.ls_percent_reflns_obs                    98.2900 
_refine.ls_percent_reflns_R_free                 9.9200 
_refine.ls_R_factor_all                          ? 
_refine.ls_R_factor_obs                          0.1529 
_refine.ls_R_factor_R_free                       0.1727 
_refine.ls_R_factor_R_free_error                 ? 
_refine.ls_R_factor_R_free_error_details         ? 
_refine.ls_R_factor_R_work                       0.1507 
_refine.ls_R_Fsqd_factor_obs                     ? 
_refine.ls_R_I_factor_obs                        ? 
_refine.ls_redundancy_reflns_all                 ? 
_refine.ls_redundancy_reflns_obs                 ? 
_refine.ls_restrained_S_all                      ? 
_refine.ls_restrained_S_obs                      ? 
_refine.ls_shift_over_esd_max                    ? 
_refine.ls_shift_over_esd_mean                   ? 
_refine.ls_structure_factor_coef                 ? 
_refine.ls_weighting_details                     ? 
_refine.ls_weighting_scheme                      ? 
_refine.ls_wR_factor_all                         ? 
_refine.ls_wR_factor_obs                         ? 
_refine.ls_wR_factor_R_free                      ? 
_refine.ls_wR_factor_R_work                      ? 
_refine.occupancy_max                            ? 
_refine.occupancy_min                            ? 
_refine.solvent_model_details                    'FLAT BULK SOLVENT MODEL' 
_refine.solvent_model_param_bsol                 ? 
_refine.solvent_model_param_ksol                 ? 
_refine.pdbx_R_complete                          ? 
_refine.ls_R_factor_gt                           ? 
_refine.ls_goodness_of_fit_gt                    ? 
_refine.ls_goodness_of_fit_ref                   ? 
_refine.ls_shift_over_su_max                     ? 
_refine.ls_shift_over_su_max_lt                  ? 
_refine.ls_shift_over_su_mean                    ? 
_refine.ls_shift_over_su_mean_lt                 ? 
_refine.pdbx_ls_sigma_I                          ? 
_refine.pdbx_ls_sigma_F                          1.520 
_refine.pdbx_ls_sigma_Fsqd                       ? 
_refine.pdbx_data_cutoff_high_absF               ? 
_refine.pdbx_data_cutoff_high_rms_absF           ? 
_refine.pdbx_data_cutoff_low_absF                ? 
_refine.pdbx_isotropic_thermal_model             ? 
_refine.pdbx_ls_cross_valid_method               THROUGHOUT 
_refine.pdbx_method_to_determine_struct          'MOLECULAR REPLACEMENT' 
_refine.pdbx_starting_model                      ? 
_refine.pdbx_stereochemistry_target_values       ML 
_refine.pdbx_R_Free_selection_details            ? 
_refine.pdbx_stereochem_target_val_spec_case     ? 
_refine.pdbx_overall_ESU_R                       ? 
_refine.pdbx_overall_ESU_R_Free                  ? 
_refine.pdbx_solvent_vdw_probe_radii             1.1100 
_refine.pdbx_solvent_ion_probe_radii             ? 
_refine.pdbx_solvent_shrinkage_radii             0.9000 
_refine.pdbx_real_space_R                        ? 
_refine.pdbx_density_correlation                 ? 
_refine.pdbx_pd_number_of_powder_patterns        ? 
_refine.pdbx_pd_number_of_points                 ? 
_refine.pdbx_pd_meas_number_of_points            ? 
_refine.pdbx_pd_proc_ls_prof_R_factor            ? 
_refine.pdbx_pd_proc_ls_prof_wR_factor           ? 
_refine.pdbx_pd_Marquardt_correlation_coeff      ? 
_refine.pdbx_pd_Fsqrd_R_factor                   ? 
_refine.pdbx_pd_ls_matrix_band_width             ? 
_refine.pdbx_overall_phase_error                 17.2000 
_refine.pdbx_overall_SU_R_free_Cruickshank_DPI   ? 
_refine.pdbx_overall_SU_R_free_Blow_DPI          ? 
_refine.pdbx_overall_SU_R_Blow_DPI               ? 
_refine.pdbx_TLS_residual_ADP_flag               ? 
_refine.pdbx_diffrn_id                           1 
_refine.overall_SU_B                             ? 
_refine.overall_SU_ML                            0.1000 
_refine.overall_SU_R_Cruickshank_DPI             ? 
_refine.overall_SU_R_free                        ? 
_refine.overall_FOM_free_R_set                   ? 
_refine.overall_FOM_work_R_set                   ? 
_refine.pdbx_average_fsc_overall                 ? 
_refine.pdbx_average_fsc_work                    ? 
_refine.pdbx_average_fsc_free                    ? 
# 
_refine_hist.pdbx_refine_id                   'X-RAY DIFFRACTION' 
_refine_hist.cycle_id                         final 
_refine_hist.details                          ? 
_refine_hist.d_res_high                       1.3000 
_refine_hist.d_res_low                        26.4300 
_refine_hist.number_atoms_solvent             170 
_refine_hist.number_atoms_total               690 
_refine_hist.number_reflns_all                ? 
_refine_hist.number_reflns_obs                ? 
_refine_hist.number_reflns_R_free             ? 
_refine_hist.number_reflns_R_work             ? 
_refine_hist.R_factor_all                     ? 
_refine_hist.R_factor_obs                     ? 
_refine_hist.R_factor_R_free                  ? 
_refine_hist.R_factor_R_work                  ? 
_refine_hist.pdbx_number_residues_total       24 
_refine_hist.pdbx_B_iso_mean_ligand           17.01 
_refine_hist.pdbx_B_iso_mean_solvent          20.17 
_refine_hist.pdbx_number_atoms_protein        0 
_refine_hist.pdbx_number_atoms_nucleic_acid   512 
_refine_hist.pdbx_number_atoms_ligand         8 
_refine_hist.pdbx_number_atoms_lipid          ? 
_refine_hist.pdbx_number_atoms_carb           ? 
_refine_hist.pdbx_pseudo_atom_details         ? 
# 
loop_
_refine_ls_shell.pdbx_refine_id 
_refine_ls_shell.d_res_high 
_refine_ls_shell.d_res_low 
_refine_ls_shell.number_reflns_all 
_refine_ls_shell.number_reflns_obs 
_refine_ls_shell.number_reflns_R_free 
_refine_ls_shell.number_reflns_R_work 
_refine_ls_shell.percent_reflns_obs 
_refine_ls_shell.percent_reflns_R_free 
_refine_ls_shell.R_factor_all 
_refine_ls_shell.R_factor_obs 
_refine_ls_shell.R_factor_R_free_error 
_refine_ls_shell.R_factor_R_work 
_refine_ls_shell.redundancy_reflns_all 
_refine_ls_shell.redundancy_reflns_obs 
_refine_ls_shell.wR_factor_all 
_refine_ls_shell.wR_factor_obs 
_refine_ls_shell.wR_factor_R_free 
_refine_ls_shell.wR_factor_R_work 
_refine_ls_shell.pdbx_R_complete 
_refine_ls_shell.pdbx_total_number_of_bins_used 
_refine_ls_shell.pdbx_phase_error 
_refine_ls_shell.pdbx_fsc_work 
_refine_ls_shell.pdbx_fsc_free 
_refine_ls_shell.R_factor_R_free 
'X-RAY DIFFRACTION' 1.3000 1.3400  1207 . 119 1088 85.0000  . . . 0.0000 0.1714 . . . . . . . 11 . . . 0.1826 
'X-RAY DIFFRACTION' 1.3400 1.3900  1383 . 138 1245 100.0000 . . . 0.0000 0.1669 . . . . . . . 11 . . . 0.1837 
'X-RAY DIFFRACTION' 1.3900 1.4400  1374 . 133 1241 100.0000 . . . 0.0000 0.1588 . . . . . . . 11 . . . 0.2019 
'X-RAY DIFFRACTION' 1.4400 1.5100  1385 . 136 1249 100.0000 . . . 0.0000 0.1541 . . . . . . . 11 . . . 0.1952 
'X-RAY DIFFRACTION' 1.5100 1.5900  1394 . 134 1260 100.0000 . . . 0.0000 0.1518 . . . . . . . 11 . . . 0.1776 
'X-RAY DIFFRACTION' 1.5900 1.6900  1374 . 135 1239 99.0000  . . . 0.0000 0.1367 . . . . . . . 11 . . . 0.1727 
'X-RAY DIFFRACTION' 1.6900 1.8200  1394 . 139 1255 100.0000 . . . 0.0000 0.1364 . . . . . . . 11 . . . 0.1808 
'X-RAY DIFFRACTION' 1.8200 2.0000  1419 . 140 1279 100.0000 . . . 0.0000 0.1559 . . . . . . . 11 . . . 0.1748 
'X-RAY DIFFRACTION' 2.0000 2.2900  1383 . 141 1242 100.0000 . . . 0.0000 0.1605 . . . . . . . 11 . . . 0.1721 
'X-RAY DIFFRACTION' 2.2900 2.8900  1398 . 143 1255 100.0000 . . . 0.0000 0.1812 . . . . . . . 11 . . . 0.1837 
'X-RAY DIFFRACTION' 2.8900 26.4300 1426 . 144 1282 99.0000  . . . 0.0000 0.1304 . . . . . . . 11 . . . 0.1547 
# 
_struct.entry_id                     8YNO 
_struct.title                        'RNA duplex containing Formamide' 
_struct.pdbx_model_details           ? 
_struct.pdbx_formula_weight          ? 
_struct.pdbx_formula_weight_method   ? 
_struct.pdbx_model_type_details      ? 
_struct.pdbx_CASP_flag               N 
# 
_struct_keywords.entry_id        8YNO 
_struct_keywords.text            'Formamide, RNA' 
_struct_keywords.pdbx_keywords   RNA 
# 
loop_
_struct_asym.id 
_struct_asym.pdbx_blank_PDB_chainid_flag 
_struct_asym.pdbx_modified 
_struct_asym.entity_id 
_struct_asym.details 
A N N 1 ? 
B N N 1 ? 
C N N 2 ? 
D N N 3 ? 
E N N 3 ? 
# 
_struct_ref.id                         1 
_struct_ref.db_name                    PDB 
_struct_ref.db_code                    8YNO 
_struct_ref.pdbx_db_accession          8YNO 
_struct_ref.pdbx_db_isoform            ? 
_struct_ref.entity_id                  1 
_struct_ref.pdbx_seq_one_letter_code   ? 
_struct_ref.pdbx_align_begin           1 
# 
loop_
_struct_ref_seq.align_id 
_struct_ref_seq.ref_id 
_struct_ref_seq.pdbx_PDB_id_code 
_struct_ref_seq.pdbx_strand_id 
_struct_ref_seq.seq_align_beg 
_struct_ref_seq.pdbx_seq_align_beg_ins_code 
_struct_ref_seq.seq_align_end 
_struct_ref_seq.pdbx_seq_align_end_ins_code 
_struct_ref_seq.pdbx_db_accession 
_struct_ref_seq.db_align_beg 
_struct_ref_seq.pdbx_db_align_beg_ins_code 
_struct_ref_seq.db_align_end 
_struct_ref_seq.pdbx_db_align_end_ins_code 
_struct_ref_seq.pdbx_auth_seq_align_beg 
_struct_ref_seq.pdbx_auth_seq_align_end 
1 1 8YNO A 1 ? 12 ? 8YNO 1 ? 12 ? 1 12 
2 1 8YNO B 1 ? 12 ? 8YNO 1 ? 12 ? 1 12 
# 
_pdbx_struct_assembly.id                   1 
_pdbx_struct_assembly.details              author_and_software_defined_assembly 
_pdbx_struct_assembly.method_details       PISA 
_pdbx_struct_assembly.oligomeric_details   dimeric 
_pdbx_struct_assembly.oligomeric_count     2 
# 
loop_
_pdbx_struct_assembly_prop.biol_id 
_pdbx_struct_assembly_prop.type 
_pdbx_struct_assembly_prop.value 
_pdbx_struct_assembly_prop.details 
1 'ABSA (A^2)' 2550 ? 
1 MORE         0    ? 
1 'SSA (A^2)'  4350 ? 
# 
_pdbx_struct_assembly_gen.assembly_id       1 
_pdbx_struct_assembly_gen.oper_expression   1 
_pdbx_struct_assembly_gen.asym_id_list      A,B,C,D,E 
# 
_pdbx_struct_assembly_auth_evidence.id                     1 
_pdbx_struct_assembly_auth_evidence.assembly_id            1 
_pdbx_struct_assembly_auth_evidence.experimental_support   none 
_pdbx_struct_assembly_auth_evidence.details                ? 
# 
_pdbx_struct_oper_list.id                   1 
_pdbx_struct_oper_list.type                 'identity operation' 
_pdbx_struct_oper_list.name                 1_555 
_pdbx_struct_oper_list.symmetry_operation   x,y,z 
_pdbx_struct_oper_list.matrix[1][1]         1.0000000000 
_pdbx_struct_oper_list.matrix[1][2]         0.0000000000 
_pdbx_struct_oper_list.matrix[1][3]         0.0000000000 
_pdbx_struct_oper_list.vector[1]            0.0000000000 
_pdbx_struct_oper_list.matrix[2][1]         0.0000000000 
_pdbx_struct_oper_list.matrix[2][2]         1.0000000000 
_pdbx_struct_oper_list.matrix[2][3]         0.0000000000 
_pdbx_struct_oper_list.vector[2]            0.0000000000 
_pdbx_struct_oper_list.matrix[3][1]         0.0000000000 
_pdbx_struct_oper_list.matrix[3][2]         0.0000000000 
_pdbx_struct_oper_list.matrix[3][3]         1.0000000000 
_pdbx_struct_oper_list.vector[3]            0.0000000000 
# 
loop_
_struct_conn.id 
_struct_conn.conn_type_id 
_struct_conn.pdbx_leaving_atom_flag 
_struct_conn.pdbx_PDB_id 
_struct_conn.ptnr1_label_asym_id 
_struct_conn.ptnr1_label_comp_id 
_struct_conn.ptnr1_label_seq_id 
_struct_conn.ptnr1_label_atom_id 
_struct_conn.pdbx_ptnr1_label_alt_id 
_struct_conn.pdbx_ptnr1_PDB_ins_code 
_struct_conn.pdbx_ptnr1_standard_comp_id 
_struct_conn.ptnr1_symmetry 
_struct_conn.ptnr2_label_asym_id 
_struct_conn.ptnr2_label_comp_id 
_struct_conn.ptnr2_label_seq_id 
_struct_conn.ptnr2_label_atom_id 
_struct_conn.pdbx_ptnr2_label_alt_id 
_struct_conn.pdbx_ptnr2_PDB_ins_code 
_struct_conn.ptnr1_auth_asym_id 
_struct_conn.ptnr1_auth_comp_id 
_struct_conn.ptnr1_auth_seq_id 
_struct_conn.ptnr2_auth_asym_id 
_struct_conn.ptnr2_auth_comp_id 
_struct_conn.ptnr2_auth_seq_id 
_struct_conn.ptnr2_symmetry 
_struct_conn.pdbx_ptnr3_label_atom_id 
_struct_conn.pdbx_ptnr3_label_seq_id 
_struct_conn.pdbx_ptnr3_label_comp_id 
_struct_conn.pdbx_ptnr3_label_asym_id 
_struct_conn.pdbx_ptnr3_label_alt_id 
_struct_conn.pdbx_ptnr3_PDB_ins_code 
_struct_conn.details 
_struct_conn.pdbx_dist_value 
_struct_conn.pdbx_value_order 
_struct_conn.pdbx_role 
covale1  covale both ? A C   4  "O3'" ? ? ? 1_555 A 5BU 5  P  ? ? A C   4  A 5BU 5  1_555 ? ? ? ? ? ? ?            1.608 ? ? 
covale2  covale both ? A 5BU 5  "O3'" ? ? ? 1_555 A C   6  P  ? ? A 5BU 5  A C   6  1_555 ? ? ? ? ? ? ?            1.603 ? ? 
covale3  covale both ? A G   9  "O3'" ? ? ? 1_555 A HHU 10 P  ? ? A G   9  A HHU 10 1_555 ? ? ? ? ? ? ?            1.605 ? ? 
covale4  covale both ? A HHU 10 "O3'" ? ? ? 1_555 A C   11 P  ? ? A HHU 10 A C   11 1_555 ? ? ? ? ? ? ?            1.601 ? ? 
covale5  covale both ? B C   4  "O3'" ? ? ? 1_555 B 5BU 5  P  ? ? B C   4  B 5BU 5  1_555 ? ? ? ? ? ? ?            1.608 ? ? 
covale6  covale both ? B 5BU 5  "O3'" ? ? ? 1_555 B C   6  P  ? ? B 5BU 5  B C   6  1_555 ? ? ? ? ? ? ?            1.597 ? ? 
covale7  covale both ? B G   9  "O3'" ? ? ? 1_555 B HHU 10 P  ? ? B G   9  B HHU 10 1_555 ? ? ? ? ? ? ?            1.603 ? ? 
covale8  covale both ? B HHU 10 "O3'" ? ? ? 1_555 B C   11 P  ? ? B HHU 10 B C   11 1_555 ? ? ? ? ? ? ?            1.592 ? ? 
hydrog1  hydrog ?    ? A G   1  N1    ? ? ? 1_555 B C   12 N3 ? ? A G   1  B C   12 1_555 ? ? ? ? ? ? WATSON-CRICK ?     ? ? 
hydrog2  hydrog ?    ? A G   1  N2    ? ? ? 1_555 B C   12 O2 ? ? A G   1  B C   12 1_555 ? ? ? ? ? ? WATSON-CRICK ?     ? ? 
hydrog3  hydrog ?    ? A G   1  O6    ? ? ? 1_555 B C   12 N4 ? ? A G   1  B C   12 1_555 ? ? ? ? ? ? WATSON-CRICK ?     ? ? 
hydrog4  hydrog ?    ? A G   2  N1    ? ? ? 1_555 B C   11 N3 ? ? A G   2  B C   11 1_555 ? ? ? ? ? ? WATSON-CRICK ?     ? ? 
hydrog5  hydrog ?    ? A G   2  N2    ? ? ? 1_555 B C   11 O2 ? ? A G   2  B C   11 1_555 ? ? ? ? ? ? WATSON-CRICK ?     ? ? 
hydrog6  hydrog ?    ? A G   2  O6    ? ? ? 1_555 B C   11 N4 ? ? A G   2  B C   11 1_555 ? ? ? ? ? ? WATSON-CRICK ?     ? ? 
hydrog7  hydrog ?    ? A C   4  N3    ? ? ? 1_555 B G   9  N1 ? ? A C   4  B G   9  1_555 ? ? ? ? ? ? WATSON-CRICK ?     ? ? 
hydrog8  hydrog ?    ? A C   4  N4    ? ? ? 1_555 B G   9  O6 ? ? A C   4  B G   9  1_555 ? ? ? ? ? ? WATSON-CRICK ?     ? ? 
hydrog9  hydrog ?    ? A C   4  O2    ? ? ? 1_555 B G   9  N2 ? ? A C   4  B G   9  1_555 ? ? ? ? ? ? WATSON-CRICK ?     ? ? 
hydrog10 hydrog ?    ? A 5BU 5  N3    ? ? ? 1_555 B A   8  N1 ? ? A 5BU 5  B A   8  1_555 ? ? ? ? ? ? WATSON-CRICK ?     ? ? 
hydrog11 hydrog ?    ? A 5BU 5  O4    ? ? ? 1_555 B A   8  N6 ? ? A 5BU 5  B A   8  1_555 ? ? ? ? ? ? WATSON-CRICK ?     ? ? 
hydrog12 hydrog ?    ? A C   6  N3    ? ? ? 1_555 B G   7  N1 ? ? A C   6  B G   7  1_555 ? ? ? ? ? ? WATSON-CRICK ?     ? ? 
hydrog13 hydrog ?    ? A C   6  N4    ? ? ? 1_555 B G   7  O6 ? ? A C   6  B G   7  1_555 ? ? ? ? ? ? WATSON-CRICK ?     ? ? 
hydrog14 hydrog ?    ? A C   6  O2    ? ? ? 1_555 B G   7  N2 ? ? A C   6  B G   7  1_555 ? ? ? ? ? ? WATSON-CRICK ?     ? ? 
hydrog15 hydrog ?    ? A G   7  N1    ? ? ? 1_555 B C   6  N3 ? ? A G   7  B C   6  1_555 ? ? ? ? ? ? WATSON-CRICK ?     ? ? 
hydrog16 hydrog ?    ? A G   7  N2    ? ? ? 1_555 B C   6  O2 ? ? A G   7  B C   6  1_555 ? ? ? ? ? ? WATSON-CRICK ?     ? ? 
hydrog17 hydrog ?    ? A G   7  O6    ? ? ? 1_555 B C   6  N4 ? ? A G   7  B C   6  1_555 ? ? ? ? ? ? WATSON-CRICK ?     ? ? 
hydrog18 hydrog ?    ? A A   8  N1    ? ? ? 1_555 B 5BU 5  N3 ? ? A A   8  B 5BU 5  1_555 ? ? ? ? ? ? WATSON-CRICK ?     ? ? 
hydrog19 hydrog ?    ? A A   8  N6    ? ? ? 1_555 B 5BU 5  O4 ? ? A A   8  B 5BU 5  1_555 ? ? ? ? ? ? WATSON-CRICK ?     ? ? 
hydrog20 hydrog ?    ? A G   9  N1    ? ? ? 1_555 B C   4  N3 ? ? A G   9  B C   4  1_555 ? ? ? ? ? ? WATSON-CRICK ?     ? ? 
hydrog21 hydrog ?    ? A G   9  N2    ? ? ? 1_555 B C   4  O2 ? ? A G   9  B C   4  1_555 ? ? ? ? ? ? WATSON-CRICK ?     ? ? 
hydrog22 hydrog ?    ? A G   9  O6    ? ? ? 1_555 B C   4  N4 ? ? A G   9  B C   4  1_555 ? ? ? ? ? ? WATSON-CRICK ?     ? ? 
hydrog23 hydrog ?    ? A C   11 N3    ? ? ? 1_555 B G   2  N1 ? ? A C   11 B G   2  1_555 ? ? ? ? ? ? WATSON-CRICK ?     ? ? 
hydrog24 hydrog ?    ? A C   11 N4    ? ? ? 1_555 B G   2  O6 ? ? A C   11 B G   2  1_555 ? ? ? ? ? ? WATSON-CRICK ?     ? ? 
hydrog25 hydrog ?    ? A C   11 O2    ? ? ? 1_555 B G   2  N2 ? ? A C   11 B G   2  1_555 ? ? ? ? ? ? WATSON-CRICK ?     ? ? 
hydrog26 hydrog ?    ? A C   12 N3    ? ? ? 1_555 B G   1  N1 ? ? A C   12 B G   1  1_555 ? ? ? ? ? ? WATSON-CRICK ?     ? ? 
hydrog27 hydrog ?    ? A C   12 N4    ? ? ? 1_555 B G   1  O6 ? ? A C   12 B G   1  1_555 ? ? ? ? ? ? WATSON-CRICK ?     ? ? 
hydrog28 hydrog ?    ? A C   12 O2    ? ? ? 1_555 B G   1  N2 ? ? A C   12 B G   1  1_555 ? ? ? ? ? ? WATSON-CRICK ?     ? ? 
# 
loop_
_struct_conn_type.id 
_struct_conn_type.criteria 
_struct_conn_type.reference 
covale ? ? 
hydrog ? ? 
# 
_pdbx_entry_details.entry_id                   8YNO 
_pdbx_entry_details.nonpolymer_details         ? 
_pdbx_entry_details.sequence_details           ? 
_pdbx_entry_details.compound_details           ? 
_pdbx_entry_details.source_details             ? 
_pdbx_entry_details.has_ligand_of_interest     Y 
_pdbx_entry_details.has_protein_modification   N 
# 
_pdbx_distant_solvent_atoms.id                                1 
_pdbx_distant_solvent_atoms.PDB_model_num                     1 
_pdbx_distant_solvent_atoms.auth_atom_id                      O 
_pdbx_distant_solvent_atoms.label_alt_id                      ? 
_pdbx_distant_solvent_atoms.auth_asym_id                      B 
_pdbx_distant_solvent_atoms.auth_comp_id                      HOH 
_pdbx_distant_solvent_atoms.auth_seq_id                       184 
_pdbx_distant_solvent_atoms.PDB_ins_code                      ? 
_pdbx_distant_solvent_atoms.neighbor_macromolecule_distance   6.53 
_pdbx_distant_solvent_atoms.neighbor_ligand_distance          . 
# 
loop_
_chem_comp_atom.comp_id 
_chem_comp_atom.atom_id 
_chem_comp_atom.type_symbol 
_chem_comp_atom.pdbx_aromatic_flag 
_chem_comp_atom.pdbx_stereo_config 
_chem_comp_atom.pdbx_ordinal 
5BU P      P  N N 1   
5BU OP1    O  N N 2   
5BU OP2    O  N N 3   
5BU OP3    O  N N 4   
5BU "O5'"  O  N N 5   
5BU "C5'"  C  N N 6   
5BU "C4'"  C  N R 7   
5BU "O4'"  O  N N 8   
5BU "C3'"  C  N S 9   
5BU "O3'"  O  N N 10  
5BU "C2'"  C  N R 11  
5BU "O2'"  O  N N 12  
5BU "C1'"  C  N R 13  
5BU N1     N  N N 14  
5BU C2     C  N N 15  
5BU O2     O  N N 16  
5BU N3     N  N N 17  
5BU C4     C  N N 18  
5BU O4     O  N N 19  
5BU C5     C  N N 20  
5BU C6     C  N N 21  
5BU BR     BR N N 22  
5BU HOP2   H  N N 23  
5BU HOP3   H  N N 24  
5BU "H5'"  H  N N 25  
5BU "H5''" H  N N 26  
5BU "H4'"  H  N N 27  
5BU "H3'"  H  N N 28  
5BU "HO3'" H  N N 29  
5BU "H2'"  H  N N 30  
5BU "HO2'" H  N N 31  
5BU "H1'"  H  N N 32  
5BU H3     H  N N 33  
5BU H6     H  N N 34  
A   OP3    O  N N 35  
A   P      P  N N 36  
A   OP1    O  N N 37  
A   OP2    O  N N 38  
A   "O5'"  O  N N 39  
A   "C5'"  C  N N 40  
A   "C4'"  C  N R 41  
A   "O4'"  O  N N 42  
A   "C3'"  C  N S 43  
A   "O3'"  O  N N 44  
A   "C2'"  C  N R 45  
A   "O2'"  O  N N 46  
A   "C1'"  C  N R 47  
A   N9     N  Y N 48  
A   C8     C  Y N 49  
A   N7     N  Y N 50  
A   C5     C  Y N 51  
A   C6     C  Y N 52  
A   N6     N  N N 53  
A   N1     N  Y N 54  
A   C2     C  Y N 55  
A   N3     N  Y N 56  
A   C4     C  Y N 57  
A   HOP3   H  N N 58  
A   HOP2   H  N N 59  
A   "H5'"  H  N N 60  
A   "H5''" H  N N 61  
A   "H4'"  H  N N 62  
A   "H3'"  H  N N 63  
A   "HO3'" H  N N 64  
A   "H2'"  H  N N 65  
A   "HO2'" H  N N 66  
A   "H1'"  H  N N 67  
A   H8     H  N N 68  
A   H61    H  N N 69  
A   H62    H  N N 70  
A   H2     H  N N 71  
C   OP3    O  N N 72  
C   P      P  N N 73  
C   OP1    O  N N 74  
C   OP2    O  N N 75  
C   "O5'"  O  N N 76  
C   "C5'"  C  N N 77  
C   "C4'"  C  N R 78  
C   "O4'"  O  N N 79  
C   "C3'"  C  N S 80  
C   "O3'"  O  N N 81  
C   "C2'"  C  N R 82  
C   "O2'"  O  N N 83  
C   "C1'"  C  N R 84  
C   N1     N  N N 85  
C   C2     C  N N 86  
C   O2     O  N N 87  
C   N3     N  N N 88  
C   C4     C  N N 89  
C   N4     N  N N 90  
C   C5     C  N N 91  
C   C6     C  N N 92  
C   HOP3   H  N N 93  
C   HOP2   H  N N 94  
C   "H5'"  H  N N 95  
C   "H5''" H  N N 96  
C   "H4'"  H  N N 97  
C   "H3'"  H  N N 98  
C   "HO3'" H  N N 99  
C   "H2'"  H  N N 100 
C   "HO2'" H  N N 101 
C   "H1'"  H  N N 102 
C   H41    H  N N 103 
C   H42    H  N N 104 
C   H5     H  N N 105 
C   H6     H  N N 106 
G   OP3    O  N N 107 
G   P      P  N N 108 
G   OP1    O  N N 109 
G   OP2    O  N N 110 
G   "O5'"  O  N N 111 
G   "C5'"  C  N N 112 
G   "C4'"  C  N R 113 
G   "O4'"  O  N N 114 
G   "C3'"  C  N S 115 
G   "O3'"  O  N N 116 
G   "C2'"  C  N R 117 
G   "O2'"  O  N N 118 
G   "C1'"  C  N R 119 
G   N9     N  Y N 120 
G   C8     C  Y N 121 
G   N7     N  Y N 122 
G   C5     C  Y N 123 
G   C6     C  N N 124 
G   O6     O  N N 125 
G   N1     N  N N 126 
G   C2     C  N N 127 
G   N2     N  N N 128 
G   N3     N  N N 129 
G   C4     C  Y N 130 
G   HOP3   H  N N 131 
G   HOP2   H  N N 132 
G   "H5'"  H  N N 133 
G   "H5''" H  N N 134 
G   "H4'"  H  N N 135 
G   "H3'"  H  N N 136 
G   "HO3'" H  N N 137 
G   "H2'"  H  N N 138 
G   "HO2'" H  N N 139 
G   "H1'"  H  N N 140 
G   H8     H  N N 141 
G   H1     H  N N 142 
G   H21    H  N N 143 
G   H22    H  N N 144 
HHU "C1'"  C  N R 145 
HHU C2     C  N N 146 
HHU "C2'"  C  N R 147 
HHU "C3'"  C  N S 148 
HHU C4     C  N N 149 
HHU "C4'"  C  N R 150 
HHU C5     C  N N 151 
HHU "C5'"  C  N N 152 
HHU C6     C  N N 153 
HHU "C7'"  C  N N 154 
HHU N1     N  N N 155 
HHU "N2'"  N  N N 156 
HHU N3     N  N N 157 
HHU O2     O  N N 158 
HHU "O3'"  O  N N 159 
HHU O4     O  N N 160 
HHU "O4'"  O  N N 161 
HHU "O5'"  O  N N 162 
HHU "O6'"  O  N N 163 
HHU OP1    O  N N 164 
HHU OP2    O  N N 165 
HHU P      P  N N 166 
HHU H1     H  N N 167 
HHU H2     H  N N 168 
HHU H3     H  N N 169 
HHU H4     H  N N 170 
HHU H5     H  N N 171 
HHU H6     H  N N 172 
HHU H7     H  N N 173 
HHU H8     H  N N 174 
HHU H9     H  N N 175 
HHU H10    H  N N 176 
HHU H11    H  N N 177 
HHU "HO3'" H  N N 178 
HHU HOP2   H  N N 179 
HHU OP3    O  N N 180 
HHU HOP3   H  N N 181 
HOH O      O  N N 182 
HOH H1     H  N N 183 
HOH H2     H  N N 184 
SPM N1     N  N N 185 
SPM C2     C  N N 186 
SPM C3     C  N N 187 
SPM C4     C  N N 188 
SPM N5     N  N N 189 
SPM C6     C  N N 190 
SPM C7     C  N N 191 
SPM C8     C  N N 192 
SPM C9     C  N N 193 
SPM N10    N  N N 194 
SPM C11    C  N N 195 
SPM C12    C  N N 196 
SPM C13    C  N N 197 
SPM N14    N  N N 198 
SPM HN11   H  N N 199 
SPM HN12   H  N N 200 
SPM H21    H  N N 201 
SPM H22    H  N N 202 
SPM H31    H  N N 203 
SPM H32    H  N N 204 
SPM H41    H  N N 205 
SPM H42    H  N N 206 
SPM HN5    H  N N 207 
SPM H61    H  N N 208 
SPM H62    H  N N 209 
SPM H71    H  N N 210 
SPM H72    H  N N 211 
SPM H81    H  N N 212 
SPM H82    H  N N 213 
SPM H91    H  N N 214 
SPM H92    H  N N 215 
SPM HN0    H  N N 216 
SPM H111   H  N N 217 
SPM H112   H  N N 218 
SPM H121   H  N N 219 
SPM H122   H  N N 220 
SPM H131   H  N N 221 
SPM H132   H  N N 222 
SPM HN41   H  N N 223 
SPM HN42   H  N N 224 
# 
loop_
_chem_comp_bond.comp_id 
_chem_comp_bond.atom_id_1 
_chem_comp_bond.atom_id_2 
_chem_comp_bond.value_order 
_chem_comp_bond.pdbx_aromatic_flag 
_chem_comp_bond.pdbx_stereo_config 
_chem_comp_bond.pdbx_ordinal 
5BU P     OP1    doub N N 1   
5BU P     OP2    sing N N 2   
5BU P     OP3    sing N N 3   
5BU P     "O5'"  sing N N 4   
5BU OP2   HOP2   sing N N 5   
5BU OP3   HOP3   sing N N 6   
5BU "O5'" "C5'"  sing N N 7   
5BU "C5'" "C4'"  sing N N 8   
5BU "C5'" "H5'"  sing N N 9   
5BU "C5'" "H5''" sing N N 10  
5BU "C4'" "O4'"  sing N N 11  
5BU "C4'" "C3'"  sing N N 12  
5BU "C4'" "H4'"  sing N N 13  
5BU "O4'" "C1'"  sing N N 14  
5BU "C3'" "O3'"  sing N N 15  
5BU "C3'" "C2'"  sing N N 16  
5BU "C3'" "H3'"  sing N N 17  
5BU "O3'" "HO3'" sing N N 18  
5BU "C2'" "O2'"  sing N N 19  
5BU "C2'" "C1'"  sing N N 20  
5BU "C2'" "H2'"  sing N N 21  
5BU "O2'" "HO2'" sing N N 22  
5BU "C1'" N1     sing N N 23  
5BU "C1'" "H1'"  sing N N 24  
5BU N1    C2     sing N N 25  
5BU N1    C6     sing N N 26  
5BU C2    O2     doub N N 27  
5BU C2    N3     sing N N 28  
5BU N3    C4     sing N N 29  
5BU N3    H3     sing N N 30  
5BU C4    O4     doub N N 31  
5BU C4    C5     sing N N 32  
5BU C5    C6     doub N N 33  
5BU C5    BR     sing N N 34  
5BU C6    H6     sing N N 35  
A   OP3   P      sing N N 36  
A   OP3   HOP3   sing N N 37  
A   P     OP1    doub N N 38  
A   P     OP2    sing N N 39  
A   P     "O5'"  sing N N 40  
A   OP2   HOP2   sing N N 41  
A   "O5'" "C5'"  sing N N 42  
A   "C5'" "C4'"  sing N N 43  
A   "C5'" "H5'"  sing N N 44  
A   "C5'" "H5''" sing N N 45  
A   "C4'" "O4'"  sing N N 46  
A   "C4'" "C3'"  sing N N 47  
A   "C4'" "H4'"  sing N N 48  
A   "O4'" "C1'"  sing N N 49  
A   "C3'" "O3'"  sing N N 50  
A   "C3'" "C2'"  sing N N 51  
A   "C3'" "H3'"  sing N N 52  
A   "O3'" "HO3'" sing N N 53  
A   "C2'" "O2'"  sing N N 54  
A   "C2'" "C1'"  sing N N 55  
A   "C2'" "H2'"  sing N N 56  
A   "O2'" "HO2'" sing N N 57  
A   "C1'" N9     sing N N 58  
A   "C1'" "H1'"  sing N N 59  
A   N9    C8     sing Y N 60  
A   N9    C4     sing Y N 61  
A   C8    N7     doub Y N 62  
A   C8    H8     sing N N 63  
A   N7    C5     sing Y N 64  
A   C5    C6     sing Y N 65  
A   C5    C4     doub Y N 66  
A   C6    N6     sing N N 67  
A   C6    N1     doub Y N 68  
A   N6    H61    sing N N 69  
A   N6    H62    sing N N 70  
A   N1    C2     sing Y N 71  
A   C2    N3     doub Y N 72  
A   C2    H2     sing N N 73  
A   N3    C4     sing Y N 74  
C   OP3   P      sing N N 75  
C   OP3   HOP3   sing N N 76  
C   P     OP1    doub N N 77  
C   P     OP2    sing N N 78  
C   P     "O5'"  sing N N 79  
C   OP2   HOP2   sing N N 80  
C   "O5'" "C5'"  sing N N 81  
C   "C5'" "C4'"  sing N N 82  
C   "C5'" "H5'"  sing N N 83  
C   "C5'" "H5''" sing N N 84  
C   "C4'" "O4'"  sing N N 85  
C   "C4'" "C3'"  sing N N 86  
C   "C4'" "H4'"  sing N N 87  
C   "O4'" "C1'"  sing N N 88  
C   "C3'" "O3'"  sing N N 89  
C   "C3'" "C2'"  sing N N 90  
C   "C3'" "H3'"  sing N N 91  
C   "O3'" "HO3'" sing N N 92  
C   "C2'" "O2'"  sing N N 93  
C   "C2'" "C1'"  sing N N 94  
C   "C2'" "H2'"  sing N N 95  
C   "O2'" "HO2'" sing N N 96  
C   "C1'" N1     sing N N 97  
C   "C1'" "H1'"  sing N N 98  
C   N1    C2     sing N N 99  
C   N1    C6     sing N N 100 
C   C2    O2     doub N N 101 
C   C2    N3     sing N N 102 
C   N3    C4     doub N N 103 
C   C4    N4     sing N N 104 
C   C4    C5     sing N N 105 
C   N4    H41    sing N N 106 
C   N4    H42    sing N N 107 
C   C5    C6     doub N N 108 
C   C5    H5     sing N N 109 
C   C6    H6     sing N N 110 
G   OP3   P      sing N N 111 
G   OP3   HOP3   sing N N 112 
G   P     OP1    doub N N 113 
G   P     OP2    sing N N 114 
G   P     "O5'"  sing N N 115 
G   OP2   HOP2   sing N N 116 
G   "O5'" "C5'"  sing N N 117 
G   "C5'" "C4'"  sing N N 118 
G   "C5'" "H5'"  sing N N 119 
G   "C5'" "H5''" sing N N 120 
G   "C4'" "O4'"  sing N N 121 
G   "C4'" "C3'"  sing N N 122 
G   "C4'" "H4'"  sing N N 123 
G   "O4'" "C1'"  sing N N 124 
G   "C3'" "O3'"  sing N N 125 
G   "C3'" "C2'"  sing N N 126 
G   "C3'" "H3'"  sing N N 127 
G   "O3'" "HO3'" sing N N 128 
G   "C2'" "O2'"  sing N N 129 
G   "C2'" "C1'"  sing N N 130 
G   "C2'" "H2'"  sing N N 131 
G   "O2'" "HO2'" sing N N 132 
G   "C1'" N9     sing N N 133 
G   "C1'" "H1'"  sing N N 134 
G   N9    C8     sing Y N 135 
G   N9    C4     sing Y N 136 
G   C8    N7     doub Y N 137 
G   C8    H8     sing N N 138 
G   N7    C5     sing Y N 139 
G   C5    C6     sing N N 140 
G   C5    C4     doub Y N 141 
G   C6    O6     doub N N 142 
G   C6    N1     sing N N 143 
G   N1    C2     sing N N 144 
G   N1    H1     sing N N 145 
G   C2    N2     sing N N 146 
G   C2    N3     doub N N 147 
G   N2    H21    sing N N 148 
G   N2    H22    sing N N 149 
G   N3    C4     sing N N 150 
HHU "O3'" "C3'"  sing N N 151 
HHU "C3'" "C2'"  sing N N 152 
HHU "C3'" "C4'"  sing N N 153 
HHU "N2'" "C2'"  sing N N 154 
HHU "N2'" "C7'"  sing N N 155 
HHU "O6'" "C7'"  doub N N 156 
HHU "C2'" "C1'"  sing N N 157 
HHU "C4'" "C5'"  sing N N 158 
HHU "C4'" "O4'"  sing N N 159 
HHU OP1   P      doub N N 160 
HHU O2    C2     doub N N 161 
HHU "C5'" "O5'"  sing N N 162 
HHU "O5'" P      sing N N 163 
HHU "C1'" N1     sing N N 164 
HHU "C1'" "O4'"  sing N N 165 
HHU C2    N1     sing N N 166 
HHU C2    N3     sing N N 167 
HHU OP2   P      sing N N 168 
HHU N1    C6     sing N N 169 
HHU N3    C4     sing N N 170 
HHU C6    C5     doub N N 171 
HHU C4    C5     sing N N 172 
HHU C4    O4     doub N N 173 
HHU "C1'" H1     sing N N 174 
HHU "C2'" H2     sing N N 175 
HHU "C3'" H3     sing N N 176 
HHU "C4'" H4     sing N N 177 
HHU C5    H5     sing N N 178 
HHU "C5'" H6     sing N N 179 
HHU "C5'" H7     sing N N 180 
HHU C6    H8     sing N N 181 
HHU "C7'" H9     sing N N 182 
HHU "N2'" H10    sing N N 183 
HHU N3    H11    sing N N 184 
HHU "O3'" "HO3'" sing N N 185 
HHU OP2   HOP2   sing N N 186 
HHU P     OP3    sing N N 187 
HHU OP3   HOP3   sing N N 188 
HOH O     H1     sing N N 189 
HOH O     H2     sing N N 190 
SPM N1    C2     sing N N 191 
SPM N1    HN11   sing N N 192 
SPM N1    HN12   sing N N 193 
SPM C2    C3     sing N N 194 
SPM C2    H21    sing N N 195 
SPM C2    H22    sing N N 196 
SPM C3    C4     sing N N 197 
SPM C3    H31    sing N N 198 
SPM C3    H32    sing N N 199 
SPM C4    N5     sing N N 200 
SPM C4    H41    sing N N 201 
SPM C4    H42    sing N N 202 
SPM N5    C6     sing N N 203 
SPM N5    HN5    sing N N 204 
SPM C6    C7     sing N N 205 
SPM C6    H61    sing N N 206 
SPM C6    H62    sing N N 207 
SPM C7    C8     sing N N 208 
SPM C7    H71    sing N N 209 
SPM C7    H72    sing N N 210 
SPM C8    C9     sing N N 211 
SPM C8    H81    sing N N 212 
SPM C8    H82    sing N N 213 
SPM C9    N10    sing N N 214 
SPM C9    H91    sing N N 215 
SPM C9    H92    sing N N 216 
SPM N10   C11    sing N N 217 
SPM N10   HN0    sing N N 218 
SPM C11   C12    sing N N 219 
SPM C11   H111   sing N N 220 
SPM C11   H112   sing N N 221 
SPM C12   C13    sing N N 222 
SPM C12   H121   sing N N 223 
SPM C12   H122   sing N N 224 
SPM C13   N14    sing N N 225 
SPM C13   H131   sing N N 226 
SPM C13   H132   sing N N 227 
SPM N14   HN41   sing N N 228 
SPM N14   HN42   sing N N 229 
# 
loop_
_ndb_struct_conf_na.entry_id 
_ndb_struct_conf_na.feature 
8YNO 'double helix'        
8YNO 'a-form double helix' 
# 
loop_
_ndb_struct_na_base_pair.model_number 
_ndb_struct_na_base_pair.i_label_asym_id 
_ndb_struct_na_base_pair.i_label_comp_id 
_ndb_struct_na_base_pair.i_label_seq_id 
_ndb_struct_na_base_pair.i_symmetry 
_ndb_struct_na_base_pair.j_label_asym_id 
_ndb_struct_na_base_pair.j_label_comp_id 
_ndb_struct_na_base_pair.j_label_seq_id 
_ndb_struct_na_base_pair.j_symmetry 
_ndb_struct_na_base_pair.shear 
_ndb_struct_na_base_pair.stretch 
_ndb_struct_na_base_pair.stagger 
_ndb_struct_na_base_pair.buckle 
_ndb_struct_na_base_pair.propeller 
_ndb_struct_na_base_pair.opening 
_ndb_struct_na_base_pair.pair_number 
_ndb_struct_na_base_pair.pair_name 
_ndb_struct_na_base_pair.i_auth_asym_id 
_ndb_struct_na_base_pair.i_auth_seq_id 
_ndb_struct_na_base_pair.i_PDB_ins_code 
_ndb_struct_na_base_pair.j_auth_asym_id 
_ndb_struct_na_base_pair.j_auth_seq_id 
_ndb_struct_na_base_pair.j_PDB_ins_code 
_ndb_struct_na_base_pair.hbond_type_28 
_ndb_struct_na_base_pair.hbond_type_12 
1 A G   1  1_555 B C   12 1_555 -0.181 -0.147 0.017  -3.466 -7.648  -1.783 1  A_G1:C12_B  A 1  ? B 12 ? 19 1 
1 A G   2  1_555 B C   11 1_555 -0.169 -0.090 -0.055 -6.473 -16.479 3.513  2  A_G2:C11_B  A 2  ? B 11 ? 19 1 
1 A C   4  1_555 B G   9  1_555 0.235  -0.159 0.048  5.156  -9.201  -0.971 3  A_C4:G9_B   A 4  ? B 9  ? 19 1 
1 A 5BU 5  1_555 B A   8  1_555 -0.151 -0.172 -0.223 13.649 -7.902  1.745  4  A_5BU5:A8_B A 5  ? B 8  ? 20 1 
1 A C   6  1_555 B G   7  1_555 0.203  -0.132 -0.244 10.999 -14.992 0.295  5  A_C6:G7_B   A 6  ? B 7  ? 19 1 
1 A G   7  1_555 B C   6  1_555 -0.235 -0.164 -0.090 -7.114 -11.649 -0.907 6  A_G7:C6_B   A 7  ? B 6  ? 19 1 
1 A A   8  1_555 B 5BU 5  1_555 0.123  -0.177 0.060  -3.158 -12.385 3.104  7  A_A8:5BU5_B A 8  ? B 5  ? 20 1 
1 A G   9  1_555 B C   4  1_555 -0.322 -0.162 0.115  -2.387 -12.023 0.671  8  A_G9:C4_B   A 9  ? B 4  ? 19 1 
1 A C   11 1_555 B G   2  1_555 0.418  -0.251 -0.159 9.691  -15.348 -0.995 9  A_C11:G2_B  A 11 ? B 2  ? 19 1 
1 A C   12 1_555 B G   1  1_555 0.200  -0.157 0.143  2.619  -11.346 -0.982 10 A_C12:G1_B  A 12 ? B 1  ? 19 1 
# 
loop_
_ndb_struct_na_base_pair_step.model_number 
_ndb_struct_na_base_pair_step.i_label_asym_id_1 
_ndb_struct_na_base_pair_step.i_label_comp_id_1 
_ndb_struct_na_base_pair_step.i_label_seq_id_1 
_ndb_struct_na_base_pair_step.i_symmetry_1 
_ndb_struct_na_base_pair_step.j_label_asym_id_1 
_ndb_struct_na_base_pair_step.j_label_comp_id_1 
_ndb_struct_na_base_pair_step.j_label_seq_id_1 
_ndb_struct_na_base_pair_step.j_symmetry_1 
_ndb_struct_na_base_pair_step.i_label_asym_id_2 
_ndb_struct_na_base_pair_step.i_label_comp_id_2 
_ndb_struct_na_base_pair_step.i_label_seq_id_2 
_ndb_struct_na_base_pair_step.i_symmetry_2 
_ndb_struct_na_base_pair_step.j_label_asym_id_2 
_ndb_struct_na_base_pair_step.j_label_comp_id_2 
_ndb_struct_na_base_pair_step.j_label_seq_id_2 
_ndb_struct_na_base_pair_step.j_symmetry_2 
_ndb_struct_na_base_pair_step.shift 
_ndb_struct_na_base_pair_step.slide 
_ndb_struct_na_base_pair_step.rise 
_ndb_struct_na_base_pair_step.tilt 
_ndb_struct_na_base_pair_step.roll 
_ndb_struct_na_base_pair_step.twist 
_ndb_struct_na_base_pair_step.x_displacement 
_ndb_struct_na_base_pair_step.y_displacement 
_ndb_struct_na_base_pair_step.helical_rise 
_ndb_struct_na_base_pair_step.inclination 
_ndb_struct_na_base_pair_step.tip 
_ndb_struct_na_base_pair_step.helical_twist 
_ndb_struct_na_base_pair_step.step_number 
_ndb_struct_na_base_pair_step.step_name 
_ndb_struct_na_base_pair_step.i_auth_asym_id_1 
_ndb_struct_na_base_pair_step.i_auth_seq_id_1 
_ndb_struct_na_base_pair_step.i_PDB_ins_code_1 
_ndb_struct_na_base_pair_step.j_auth_asym_id_1 
_ndb_struct_na_base_pair_step.j_auth_seq_id_1 
_ndb_struct_na_base_pair_step.j_PDB_ins_code_1 
_ndb_struct_na_base_pair_step.i_auth_asym_id_2 
_ndb_struct_na_base_pair_step.i_auth_seq_id_2 
_ndb_struct_na_base_pair_step.i_PDB_ins_code_2 
_ndb_struct_na_base_pair_step.j_auth_asym_id_2 
_ndb_struct_na_base_pair_step.j_auth_seq_id_2 
_ndb_struct_na_base_pair_step.j_PDB_ins_code_2 
1 A G   1  1_555 B C   12 1_555 A G   2  1_555 B C   11 1_555 0.773  -1.848 3.263 1.578  8.246  34.315 -4.194 -1.056 2.789 13.723 
-2.626 35.297 1 AA_G1G2:C11C12_BB A 1  ? B 12 ? A 2  ? B 11 ? 
1 A G   2  1_555 B C   11 1_555 A C   4  1_555 B G   9  1_555 -0.286 -2.460 6.049 -1.268 12.332 62.995 -3.269 0.172  5.538 11.682 
1.202  64.080 2 AA_G2C4:G9C11_BB  A 2  ? B 11 ? A 4  ? B 9  ? 
1 A C   4  1_555 B G   9  1_555 A 5BU 5  1_555 B A   8  1_555 -0.994 -2.220 3.047 -1.759 7.758  24.129 -6.928 1.835  2.298 17.944 
4.069  25.388 3 AA_C45BU5:A8G9_BB A 4  ? B 9  ? A 5  ? B 8  ? 
1 A 5BU 5  1_555 B A   8  1_555 A C   6  1_555 B G   7  1_555 -0.046 -1.712 3.359 -0.981 10.315 32.227 -4.527 -0.071 2.699 18.010 
1.712  33.809 4 AA_5BU5C6:G7A8_BB A 5  ? B 8  ? A 6  ? B 7  ? 
1 A C   6  1_555 B G   7  1_555 A G   7  1_555 B C   6  1_555 -0.592 -1.730 3.569 -2.139 13.654 32.796 -4.828 0.659  2.692 22.955 
3.596  35.515 5 AA_C6G7:C6G7_BB   A 6  ? B 7  ? A 7  ? B 6  ? 
1 A G   7  1_555 B C   6  1_555 A A   8  1_555 B 5BU 5  1_555 0.140  -1.166 3.167 -0.246 5.004  33.176 -2.794 -0.280 2.963 8.702  
0.428  33.541 6 AA_G7A8:5BU5C6_BB A 7  ? B 6  ? A 8  ? B 5  ? 
1 A A   8  1_555 B 5BU 5  1_555 A G   9  1_555 B C   4  1_555 0.303  -1.996 3.218 0.484  7.316  29.206 -5.208 -0.493 2.655 14.227 
-0.941 30.093 7 AA_A8G9:C45BU5_BB A 8  ? B 5  ? A 9  ? B 4  ? 
1 A G   9  1_555 B C   4  1_555 A C   11 1_555 B G   2  1_555 -0.605 -2.301 6.209 1.338  11.258 65.968 -2.907 0.647  5.784 10.261 
-1.220 66.826 8 AA_G9C11:G2C4_BB  A 9  ? B 4  ? A 11 ? B 2  ? 
1 A C   11 1_555 B G   2  1_555 A C   12 1_555 B G   1  1_555 0.436  -1.774 3.348 0.602  9.233  35.329 -4.058 -0.617 2.818 14.900 
-0.971 36.483 9 AA_C11C12:G1G2_BB A 11 ? B 2  ? A 12 ? B 1  ? 
# 
_pdbx_audit_support.funding_organization   'Japan Science and Technology' 
_pdbx_audit_support.country                Japan 
_pdbx_audit_support.grant_number           JPMJCR18S1 
_pdbx_audit_support.ordinal                1 
# 
_atom_sites.entry_id                    8YNO 
_atom_sites.Cartn_transf_matrix[1][1]   ? 
_atom_sites.Cartn_transf_matrix[1][2]   ? 
_atom_sites.Cartn_transf_matrix[1][3]   ? 
_atom_sites.Cartn_transf_matrix[2][1]   ? 
_atom_sites.Cartn_transf_matrix[2][2]   ? 
_atom_sites.Cartn_transf_matrix[2][3]   ? 
_atom_sites.Cartn_transf_matrix[3][1]   ? 
_atom_sites.Cartn_transf_matrix[3][2]   ? 
_atom_sites.Cartn_transf_matrix[3][3]   ? 
_atom_sites.Cartn_transf_vector[1]      ? 
_atom_sites.Cartn_transf_vector[2]      ? 
_atom_sites.Cartn_transf_vector[3]      ? 
_atom_sites.Cartn_transform_axes        ? 
_atom_sites.fract_transf_matrix[1][1]   -0.01656209 
_atom_sites.fract_transf_matrix[1][2]   0.03463705 
_atom_sites.fract_transf_matrix[1][3]   -0.00026632 
_atom_sites.fract_transf_matrix[2][1]   -0.00360299 
_atom_sites.fract_transf_matrix[2][2]   -0.00189859 
_atom_sites.fract_transf_matrix[2][3]   -0.02286209 
_atom_sites.fract_transf_matrix[3][1]   -0.03714250 
_atom_sites.fract_transf_matrix[3][2]   -0.00370583 
_atom_sites.fract_transf_matrix[3][3]   0.00616129 
_atom_sites.fract_transf_vector[1]      0.256541 
_atom_sites.fract_transf_vector[2]      0.203536 
_atom_sites.fract_transf_vector[3]      0.389455 
_atom_sites.solution_primary            ? 
_atom_sites.solution_secondary          ? 
_atom_sites.solution_hydrogens          ? 
_atom_sites.special_details             ? 
# 
loop_
_atom_type.symbol 
BR 
C  
N  
O  
P  
# 
loop_
_atom_site.group_PDB 
_atom_site.id 
_atom_site.type_symbol 
_atom_site.label_atom_id 
_atom_site.label_alt_id 
_atom_site.label_comp_id 
_atom_site.label_asym_id 
_atom_site.label_entity_id 
_atom_site.label_seq_id 
_atom_site.pdbx_PDB_ins_code 
_atom_site.Cartn_x 
_atom_site.Cartn_y 
_atom_site.Cartn_z 
_atom_site.occupancy 
_atom_site.B_iso_or_equiv 
_atom_site.pdbx_formal_charge 
_atom_site.auth_seq_id 
_atom_site.auth_comp_id 
_atom_site.auth_asym_id 
_atom_site.auth_atom_id 
_atom_site.pdbx_PDB_model_num 
ATOM   1   O  "O5'" . G   A 1 1  ? -8.190  12.163  -2.421  1.00 13.90 ? 1   G   A "O5'" 1 
ATOM   2   C  "C5'" . G   A 1 1  ? -7.611  13.455  -2.488  1.00 11.58 ? 1   G   A "C5'" 1 
ATOM   3   C  "C4'" . G   A 1 1  ? -7.432  14.051  -1.112  1.00 9.97  ? 1   G   A "C4'" 1 
ATOM   4   O  "O4'" . G   A 1 1  ? -8.718  14.224  -0.464  1.00 10.48 ? 1   G   A "O4'" 1 
ATOM   5   C  "C3'" . G   A 1 1  ? -6.638  13.224  -0.114  1.00 8.21  ? 1   G   A "C3'" 1 
ATOM   6   O  "O3'" . G   A 1 1  ? -5.244  13.329  -0.319  1.00 8.74  ? 1   G   A "O3'" 1 
ATOM   7   C  "C2'" . G   A 1 1  ? -7.106  13.796  1.211   1.00 8.67  ? 1   G   A "C2'" 1 
ATOM   8   O  "O2'" . G   A 1 1  ? -6.520  15.070  1.425   1.00 10.14 ? 1   G   A "O2'" 1 
ATOM   9   C  "C1'" . G   A 1 1  ? -8.594  13.979  0.925   1.00 9.70  ? 1   G   A "C1'" 1 
ATOM   10  N  N9    . G   A 1 1  ? -9.315  12.730  1.226   1.00 8.20  ? 1   G   A N9    1 
ATOM   11  C  C8    . G   A 1 1  ? -9.842  11.840  0.318   1.00 10.28 ? 1   G   A C8    1 
ATOM   12  N  N7    . G   A 1 1  ? -10.395 10.801  0.886   1.00 9.47  ? 1   G   A N7    1 
ATOM   13  C  C5    . G   A 1 1  ? -10.209 11.018  2.246   1.00 7.88  ? 1   G   A C5    1 
ATOM   14  C  C6    . G   A 1 1  ? -10.588 10.228  3.364   1.00 7.56  ? 1   G   A C6    1 
ATOM   15  O  O6    . G   A 1 1  ? -11.187 9.148   3.376   1.00 8.93  ? 1   G   A O6    1 
ATOM   16  N  N1    . G   A 1 1  ? -10.206 10.805  4.566   1.00 8.33  ? 1   G   A N1    1 
ATOM   17  C  C2    . G   A 1 1  ? -9.534  11.994  4.685   1.00 8.44  ? 1   G   A C2    1 
ATOM   18  N  N2    . G   A 1 1  ? -9.256  12.374  5.934   1.00 9.37  ? 1   G   A N2    1 
ATOM   19  N  N3    . G   A 1 1  ? -9.174  12.745  3.654   1.00 8.73  ? 1   G   A N3    1 
ATOM   20  C  C4    . G   A 1 1  ? -9.538  12.198  2.476   1.00 7.99  ? 1   G   A C4    1 
ATOM   21  P  P     . G   A 1 2  ? -4.267  12.115  0.066   1.00 8.70  ? 2   G   A P     1 
ATOM   22  O  OP1   . G   A 1 2  ? -2.928  12.562  -0.373  1.00 9.98  ? 2   G   A OP1   1 
ATOM   23  O  OP2   . G   A 1 2  ? -4.805  10.831  -0.443  1.00 11.24 ? 2   G   A OP2   1 
ATOM   24  O  "O5'" . G   A 1 2  ? -4.346  12.006  1.649   1.00 8.47  ? 2   G   A "O5'" 1 
ATOM   25  C  "C5'" . G   A 1 2  ? -3.910  13.058  2.488   1.00 9.58  ? 2   G   A "C5'" 1 
ATOM   26  C  "C4'" . G   A 1 2  ? -4.191  12.697  3.918   1.00 10.95 ? 2   G   A "C4'" 1 
ATOM   27  O  "O4'" . G   A 1 2  ? -5.621  12.535  4.105   1.00 8.94  ? 2   G   A "O4'" 1 
ATOM   28  C  "C3'" . G   A 1 2  ? -3.630  11.359  4.355   1.00 8.24  ? 2   G   A "C3'" 1 
ATOM   29  O  "O3'" . G   A 1 2  ? -2.250  11.398  4.638   1.00 9.26  ? 2   G   A "O3'" 1 
ATOM   30  C  "C2'" . G   A 1 2  ? -4.508  11.016  5.544   1.00 8.65  ? 2   G   A "C2'" 1 
ATOM   31  O  "O2'" . G   A 1 2  ? -4.154  11.809  6.668   1.00 9.29  ? 2   G   A "O2'" 1 
ATOM   32  C  "C1'" . G   A 1 2  ? -5.864  11.495  5.035   1.00 8.46  ? 2   G   A "C1'" 1 
ATOM   33  N  N9    . G   A 1 2  ? -6.600  10.411  4.355   1.00 8.45  ? 2   G   A N9    1 
ATOM   34  C  C8    . G   A 1 2  ? -6.775  10.190  3.004   1.00 8.91  ? 2   G   A C8    1 
ATOM   35  N  N7    . G   A 1 2  ? -7.486  9.121   2.748   1.00 7.54  ? 2   G   A N7    1 
ATOM   36  C  C5    . G   A 1 2  ? -7.792  8.606   4.002   1.00 8.81  ? 2   G   A C5    1 
ATOM   37  C  C6    . G   A 1 2  ? -8.544  7.460   4.381   1.00 8.91  ? 2   G   A C6    1 
ATOM   38  O  O6    . G   A 1 2  ? -9.118  6.634   3.660   1.00 8.77  ? 2   G   A O6    1 
ATOM   39  N  N1    . G   A 1 2  ? -8.591  7.308   5.762   1.00 8.06  ? 2   G   A N1    1 
ATOM   40  C  C2    . G   A 1 2  ? -8.003  8.152   6.666   1.00 7.58  ? 2   G   A C2    1 
ATOM   41  N  N2    . G   A 1 2  ? -8.153  7.864   7.963   1.00 8.97  ? 2   G   A N2    1 
ATOM   42  N  N3    . G   A 1 2  ? -7.307  9.222   6.329   1.00 7.82  ? 2   G   A N3    1 
ATOM   43  C  C4    . G   A 1 2  ? -7.249  9.386   4.995   1.00 8.23  ? 2   G   A C4    1 
ATOM   44  P  P     . A   A 1 3  ? -1.363  10.077  4.440   1.00 9.22  ? 3   A   A P     1 
ATOM   45  O  OP1   . A   A 1 3  ? 0.051   10.521  4.428   1.00 11.58 ? 3   A   A OP1   1 
ATOM   46  O  OP2   . A   A 1 3  ? -1.888  9.263   3.322   1.00 11.33 ? 3   A   A OP2   1 
ATOM   47  O  "O5'" . A   A 1 3  ? -1.631  9.232   5.757   1.00 8.33  ? 3   A   A "O5'" 1 
ATOM   48  C  "C5'" . A   A 1 3  ? -1.211  9.714   7.020   1.00 9.19  ? 3   A   A "C5'" 1 
ATOM   49  C  "C4'" . A   A 1 3  ? -1.631  8.772   8.113   1.00 7.43  ? 3   A   A "C4'" 1 
ATOM   50  O  "O4'" . A   A 1 3  ? -3.077  8.750   8.227   1.00 8.87  ? 3   A   A "O4'" 1 
ATOM   51  C  "C3'" . A   A 1 3  ? -1.281  7.313   7.907   1.00 8.27  ? 3   A   A "C3'" 1 
ATOM   52  O  "O3'" . A   A 1 3  ? 0.068   7.030   8.177   1.00 9.00  ? 3   A   A "O3'" 1 
ATOM   53  C  "C2'" . A   A 1 3  ? -2.246  6.632   8.850   1.00 7.90  ? 3   A   A "C2'" 1 
ATOM   54  O  "O2'" . A   A 1 3  ? -1.846  6.894   10.188  1.00 9.64  ? 3   A   A "O2'" 1 
ATOM   55  C  "C1'" . A   A 1 3  ? -3.503  7.443   8.564   1.00 8.49  ? 3   A   A "C1'" 1 
ATOM   56  N  N9    . A   A 1 3  ? -4.255  6.894   7.415   1.00 7.99  ? 3   A   A N9    1 
ATOM   57  C  C8    . A   A 1 3  ? -4.236  7.323   6.107   1.00 7.92  ? 3   A   A C8    1 
ATOM   58  N  N7    . A   A 1 3  ? -5.012  6.635   5.310   1.00 9.08  ? 3   A   A N7    1 
ATOM   59  C  C5    . A   A 1 3  ? -5.584  5.690   6.139   1.00 8.90  ? 3   A   A C5    1 
ATOM   60  C  C6    . A   A 1 3  ? -6.505  4.659   5.889   1.00 7.65  ? 3   A   A C6    1 
ATOM   61  N  N6    . A   A 1 3  ? -7.019  4.425   4.683   1.00 8.97  ? 3   A   A N6    1 
ATOM   62  N  N1    . A   A 1 3  ? -6.887  3.878   6.922   1.00 8.58  ? 3   A   A N1    1 
ATOM   63  C  C2    . A   A 1 3  ? -6.355  4.122   8.128   1.00 8.87  ? 3   A   A C2    1 
ATOM   64  N  N3    . A   A 1 3  ? -5.488  5.069   8.486   1.00 7.89  ? 3   A   A N3    1 
ATOM   65  C  C4    . A   A 1 3  ? -5.130  5.829   7.435   1.00 8.20  ? 3   A   A C4    1 
ATOM   66  P  P     . C   A 1 4  ? 0.835   5.921   7.304   1.00 10.65 ? 4   C   A P     1 
ATOM   67  O  OP1   . C   A 1 4  ? 2.259   6.020   7.700   1.00 13.25 ? 4   C   A OP1   1 
ATOM   68  O  OP2   . C   A 1 4  ? 0.453   6.033   5.875   1.00 11.80 ? 4   C   A OP2   1 
ATOM   69  O  "O5'" . C   A 1 4  ? 0.259   4.534   7.827   1.00 11.12 ? 4   C   A "O5'" 1 
ATOM   70  C  "C5'" . C   A 1 4  ? 0.362   4.175   9.194   1.00 10.48 ? 4   C   A "C5'" 1 
ATOM   71  C  "C4'" . C   A 1 4  ? -0.598  3.068   9.537   1.00 9.85  ? 4   C   A "C4'" 1 
ATOM   72  O  "O4'" . C   A 1 4  ? -1.959  3.470   9.220   1.00 9.10  ? 4   C   A "O4'" 1 
ATOM   73  C  "C3'" . C   A 1 4  ? -0.419  1.764   8.778   1.00 9.54  ? 4   C   A "C3'" 1 
ATOM   74  O  "O3'" . C   A 1 4  ? 0.641   0.980   9.307   1.00 10.83 ? 4   C   A "O3'" 1 
ATOM   75  C  "C2'" . C   A 1 4  ? -1.794  1.126   8.917   1.00 10.54 ? 4   C   A "C2'" 1 
ATOM   76  O  "O2'" . C   A 1 4  ? -1.958  0.582   10.220  1.00 12.04 ? 4   C   A "O2'" 1 
ATOM   77  C  "C1'" . C   A 1 4  ? -2.703  2.351   8.787   1.00 9.12  ? 4   C   A "C1'" 1 
ATOM   78  N  N1    . C   A 1 4  ? -3.120  2.567   7.378   1.00 8.93  ? 4   C   A N1    1 
ATOM   79  C  C2    . C   A 1 4  ? -4.122  1.741   6.864   1.00 9.20  ? 4   C   A C2    1 
ATOM   80  O  O2    . C   A 1 4  ? -4.633  0.899   7.613   1.00 9.62  ? 4   C   A O2    1 
ATOM   81  N  N3    . C   A 1 4  ? -4.517  1.877   5.579   1.00 8.28  ? 4   C   A N3    1 
ATOM   82  C  C4    . C   A 1 4  ? -3.959  2.800   4.795   1.00 8.72  ? 4   C   A C4    1 
ATOM   83  N  N4    . C   A 1 4  ? -4.388  2.894   3.533   1.00 9.29  ? 4   C   A N4    1 
ATOM   84  C  C5    . C   A 1 4  ? -2.928  3.657   5.285   1.00 8.73  ? 4   C   A C5    1 
ATOM   85  C  C6    . C   A 1 4  ? -2.541  3.499   6.562   1.00 8.31  ? 4   C   A C6    1 
HETATM 86  P  P     . 5BU A 1 5  ? 1.372   -0.155  8.432   1.00 11.60 ? 5   5BU A P     1 
HETATM 87  O  OP1   . 5BU A 1 5  ? 2.544   -0.651  9.262   1.00 12.96 ? 5   5BU A OP1   1 
HETATM 88  O  OP2   . 5BU A 1 5  ? 1.624   0.336   7.034   1.00 12.77 ? 5   5BU A OP2   1 
HETATM 89  O  "O5'" . 5BU A 1 5  ? 0.287   -1.307  8.328   1.00 10.39 ? 5   5BU A "O5'" 1 
HETATM 90  C  "C5'" . 5BU A 1 5  ? -0.041  -2.098  9.452   1.00 13.43 ? 5   5BU A "C5'" 1 
HETATM 91  C  "C4'" . 5BU A 1 5  ? -0.985  -3.202  9.065   1.00 11.22 ? 5   5BU A "C4'" 1 
HETATM 92  O  "O4'" . 5BU A 1 5  ? -2.253  -2.644  8.646   1.00 11.10 ? 5   5BU A "O4'" 1 
HETATM 93  C  "C3'" . 5BU A 1 5  ? -0.573  -4.050  7.877   1.00 12.66 ? 5   5BU A "C3'" 1 
HETATM 94  O  "O3'" . 5BU A 1 5  ? 0.419   -5.004  8.196   1.00 13.29 ? 5   5BU A "O3'" 1 
HETATM 95  C  "C2'" . 5BU A 1 5  ? -1.895  -4.669  7.468   1.00 12.46 ? 5   5BU A "C2'" 1 
HETATM 96  O  "O2'" . 5BU A 1 5  ? -2.265  -5.680  8.393   1.00 13.69 ? 5   5BU A "O2'" 1 
HETATM 97  C  "C1'" . 5BU A 1 5  ? -2.836  -3.487  7.672   1.00 10.56 ? 5   5BU A "C1'" 1 
HETATM 98  N  N1    . 5BU A 1 5  ? -3.006  -2.703  6.438   1.00 9.96  ? 5   5BU A N1    1 
HETATM 99  C  C2    . 5BU A 1 5  ? -3.996  -3.119  5.428   1.00 9.93  ? 5   5BU A C2    1 
HETATM 100 O  O2    . 5BU A 1 5  ? -4.667  -4.077  5.603   1.00 10.68 ? 5   5BU A O2    1 
HETATM 101 N  N3    . 5BU A 1 5  ? -4.158  -2.311  4.197   1.00 9.50  ? 5   5BU A N3    1 
HETATM 102 C  C4    . 5BU A 1 5  ? -3.342  -1.155  3.972   1.00 8.61  ? 5   5BU A C4    1 
HETATM 103 O  O4    . 5BU A 1 5  ? -3.475  -0.499  2.999   1.00 8.70  ? 5   5BU A O4    1 
HETATM 104 C  C5    . 5BU A 1 5  ? -2.346  -0.790  5.003   1.00 10.63 ? 5   5BU A C5    1 
HETATM 105 C  C6    . 5BU A 1 5  ? -2.175  -1.558  6.229   1.00 8.67  ? 5   5BU A C6    1 
HETATM 106 BR BR    . 5BU A 1 5  ? -1.210  0.722   4.786   0.56 10.44 ? 5   5BU A BR    1 
ATOM   107 P  P     . C   A 1 6  ? 1.519   -5.425  7.109   1.00 13.84 ? 6   C   A P     1 
ATOM   108 O  OP1   . C   A 1 6  ? 2.565   -6.198  7.828   1.00 17.64 ? 6   C   A OP1   1 
ATOM   109 O  OP2   . C   A 1 6  ? 1.903   -4.246  6.306   1.00 14.76 ? 6   C   A OP2   1 
ATOM   110 O  "O5'" . C   A 1 6  ? 0.746   -6.424  6.141   1.00 11.91 ? 6   C   A "O5'" 1 
ATOM   111 C  "C5'" . C   A 1 6  ? 0.148   -7.600  6.659   1.00 12.88 ? 6   C   A "C5'" 1 
ATOM   112 C  "C4'" . C   A 1 6  ? -0.837  -8.186  5.684   1.00 10.21 ? 6   C   A "C4'" 1 
ATOM   113 O  "O4'" . C   A 1 6  ? -1.908  -7.242  5.422   1.00 10.54 ? 6   C   A "O4'" 1 
ATOM   114 C  "C3'" . C   A 1 6  ? -0.299  -8.503  4.302   1.00 9.77  ? 6   C   A "C3'" 1 
ATOM   115 O  "O3'" . C   A 1 6  ? 0.456   -9.704  4.262   1.00 9.92  ? 6   C   A "O3'" 1 
ATOM   116 C  "C2'" . C   A 1 6  ? -1.570  -8.551  3.471   1.00 10.23 ? 6   C   A "C2'" 1 
ATOM   117 O  "O2'" . C   A 1 6  ? -2.262  -9.766  3.721   1.00 11.40 ? 6   C   A "O2'" 1 
ATOM   118 C  "C1'" . C   A 1 6  ? -2.369  -7.407  4.094   1.00 11.00 ? 6   C   A "C1'" 1 
ATOM   119 N  N1    . C   A 1 6  ? -2.171  -6.135  3.364   1.00 9.39  ? 6   C   A N1    1 
ATOM   120 C  C2    . C   A 1 6  ? -2.862  -5.924  2.167   1.00 9.83  ? 6   C   A C2    1 
ATOM   121 O  O2    . C   A 1 6  ? -3.627  -6.806  1.750   1.00 10.11 ? 6   C   A O2    1 
ATOM   122 N  N3    . C   A 1 6  ? -2.686  -4.761  1.494   1.00 8.43  ? 6   C   A N3    1 
ATOM   123 C  C4    . C   A 1 6  ? -1.852  -3.835  1.968   1.00 9.93  ? 6   C   A C4    1 
ATOM   124 N  N4    . C   A 1 6  ? -1.704  -2.709  1.269   1.00 10.31 ? 6   C   A N4    1 
ATOM   125 C  C5    . C   A 1 6  ? -1.130  -4.027  3.179   1.00 9.99  ? 6   C   A C5    1 
ATOM   126 C  C6    . C   A 1 6  ? -1.319  -5.178  3.837   1.00 8.98  ? 6   C   A C6    1 
ATOM   127 P  P     . G   A 1 7  ? 1.515   -9.951  3.087   1.00 10.62 ? 7   G   A P     1 
ATOM   128 O  OP1   . G   A 1 7  ? 2.251   -11.195 3.423   1.00 12.34 ? 7   G   A OP1   1 
ATOM   129 O  OP2   . G   A 1 7  ? 2.270   -8.711  2.802   1.00 12.23 ? 7   G   A OP2   1 
ATOM   130 O  "O5'" . G   A 1 7  ? 0.626   -10.207 1.796   1.00 9.51  ? 7   G   A "O5'" 1 
ATOM   131 C  "C5'" . G   A 1 7  ? -0.089  -11.419 1.615   1.00 10.25 ? 7   G   A "C5'" 1 
ATOM   132 C  "C4'" . G   A 1 7  ? -0.698  -11.462 0.239   1.00 8.51  ? 7   G   A "C4'" 1 
ATOM   133 O  "O4'" . G   A 1 7  ? -1.655  -10.383 0.099   1.00 9.19  ? 7   G   A "O4'" 1 
ATOM   134 C  "C3'" . G   A 1 7  ? 0.267   -11.241 -0.916  1.00 8.53  ? 7   G   A "C3'" 1 
ATOM   135 O  "O3'" . G   A 1 7  ? 0.951   -12.418 -1.274  1.00 9.12  ? 7   G   A "O3'" 1 
ATOM   136 C  "C2'" . G   A 1 7  ? -0.642  -10.728 -2.013  1.00 8.41  ? 7   G   A "C2'" 1 
ATOM   137 O  "O2'" . G   A 1 7  ? -1.411  -11.798 -2.549  1.00 10.10 ? 7   G   A "O2'" 1 
ATOM   138 C  "C1'" . G   A 1 7  ? -1.577  -9.842  -1.207  1.00 9.49  ? 7   G   A "C1'" 1 
ATOM   139 N  N9    . G   A 1 7  ? -1.105  -8.450  -1.095  1.00 7.85  ? 7   G   A N9    1 
ATOM   140 C  C8    . G   A 1 7  ? -0.558  -7.832  0.001   1.00 8.71  ? 7   G   A C8    1 
ATOM   141 N  N7    . G   A 1 7  ? -0.277  -6.573  -0.209  1.00 8.78  ? 7   G   A N7    1 
ATOM   142 C  C5    . G   A 1 7  ? -0.678  -6.344  -1.516  1.00 6.72  ? 7   G   A C5    1 
ATOM   143 C  C6    . G   A 1 7  ? -0.625  -5.167  -2.302  1.00 8.09  ? 7   G   A C6    1 
ATOM   144 O  O6    . G   A 1 7  ? -0.223  -4.047  -1.965  1.00 8.15  ? 7   G   A O6    1 
ATOM   145 N  N1    . G   A 1 7  ? -1.131  -5.381  -3.581  1.00 7.35  ? 7   G   A N1    1 
ATOM   146 C  C2    . G   A 1 7  ? -1.616  -6.582  -4.033  1.00 8.28  ? 7   G   A C2    1 
ATOM   147 N  N2    . G   A 1 7  ? -2.054  -6.605  -5.296  1.00 8.08  ? 7   G   A N2    1 
ATOM   148 N  N3    . G   A 1 7  ? -1.665  -7.687  -3.314  1.00 8.40  ? 7   G   A N3    1 
ATOM   149 C  C4    . G   A 1 7  ? -1.188  -7.492  -2.075  1.00 7.83  ? 7   G   A C4    1 
ATOM   150 P  P     . A   A 1 8  ? 2.467   -12.355 -1.793  1.00 11.12 ? 8   A   A P     1 
ATOM   151 O  OP1   . A   A 1 8  ? 2.922   -13.766 -1.931  1.00 11.77 ? 8   A   A OP1   1 
ATOM   152 O  OP2   . A   A 1 8  ? 3.237   -11.422 -0.963  1.00 11.82 ? 8   A   A OP2   1 
ATOM   153 O  "O5'" . A   A 1 8  ? 2.369   -11.691 -3.235  1.00 10.40 ? 8   A   A "O5'" 1 
ATOM   154 C  "C5'" . A   A 1 8  ? 1.788   -12.400 -4.313  1.00 12.22 ? 8   A   A "C5'" 1 
ATOM   155 C  "C4'" . A   A 1 8  ? 1.602   -11.512 -5.517  1.00 10.59 ? 8   A   A "C4'" 1 
ATOM   156 O  "O4'" . A   A 1 8  ? 0.664   -10.444 -5.208  1.00 11.36 ? 8   A   A "O4'" 1 
ATOM   157 C  "C3'" . A   A 1 8  ? 2.823   -10.761 -6.025  1.00 9.95  ? 8   A   A "C3'" 1 
ATOM   158 O  "O3'" . A   A 1 8  ? 3.757   -11.559 -6.737  1.00 14.35 ? 8   A   A "O3'" 1 
ATOM   159 C  "C2'" . A   A 1 8  ? 2.169   -9.671  -6.858  1.00 11.96 ? 8   A   A "C2'" 1 
ATOM   160 O  "O2'" . A   A 1 8  ? 1.610   -10.224 -8.040  1.00 12.80 ? 8   A   A "O2'" 1 
ATOM   161 C  "C1'" . A   A 1 8  ? 1.020   -9.280  -5.934  1.00 11.81 ? 8   A   A "C1'" 1 
ATOM   162 N  N9    . A   A 1 8  ? 1.467   -8.245  -4.984  1.00 10.05 ? 8   A   A N9    1 
ATOM   163 C  C8    . A   A 1 8  ? 1.901   -8.397  -3.694  1.00 8.90  ? 8   A   A C8    1 
ATOM   164 N  N7    . A   A 1 8  ? 2.270   -7.284  -3.111  1.00 9.79  ? 8   A   A N7    1 
ATOM   165 C  C5    . A   A 1 8  ? 2.083   -6.325  -4.096  1.00 8.57  ? 8   A   A C5    1 
ATOM   166 C  C6    . A   A 1 8  ? 2.297   -4.936  -4.115  1.00 7.56  ? 8   A   A C6    1 
ATOM   167 N  N6    . A   A 1 8  ? 2.758   -4.243  -3.075  1.00 9.28  ? 8   A   A N6    1 
ATOM   168 N  N1    . A   A 1 8  ? 2.012   -4.284  -5.260  1.00 8.08  ? 8   A   A N1    1 
ATOM   169 C  C2    . A   A 1 8  ? 1.550   -4.972  -6.305  1.00 9.54  ? 8   A   A C2    1 
ATOM   170 N  N3    . A   A 1 8  ? 1.310   -6.276  -6.408  1.00 8.96  ? 8   A   A N3    1 
ATOM   171 C  C4    . A   A 1 8  ? 1.601   -6.904  -5.256  1.00 8.76  ? 8   A   A C4    1 
ATOM   172 P  P     . G   A 1 9  ? 5.316   -11.151 -6.763  1.00 14.61 ? 9   G   A P     1 
ATOM   173 O  OP1   . G   A 1 9  ? 6.047   -12.251 -7.453  1.00 16.46 ? 9   G   A OP1   1 
ATOM   174 O  OP2   . G   A 1 9  ? 5.749   -10.749 -5.408  1.00 17.14 ? 9   G   A OP2   1 
ATOM   175 O  "O5'" . G   A 1 9  ? 5.371   -9.848  -7.679  1.00 14.98 ? 9   G   A "O5'" 1 
ATOM   176 C  "C5'" . G   A 1 9  ? 5.066   -9.917  -9.062  1.00 15.19 ? 9   G   A "C5'" 1 
ATOM   177 C  "C4'" . G   A 1 9  ? 4.962   -8.540  -9.665  1.00 10.21 ? 9   G   A "C4'" 1 
ATOM   178 O  "O4'" . G   A 1 9  ? 4.074   -7.715  -8.866  1.00 10.85 ? 9   G   A "O4'" 1 
ATOM   179 C  "C3'" . G   A 1 9  ? 6.244   -7.726  -9.727  1.00 10.56 ? 9   G   A "C3'" 1 
ATOM   180 O  "O3'" . G   A 1 9  ? 7.077   -8.120  -10.802 1.00 10.81 ? 9   G   A "O3'" 1 
ATOM   181 C  "C2'" . G   A 1 9  ? 5.700   -6.314  -9.869  1.00 10.74 ? 9   G   A "C2'" 1 
ATOM   182 O  "O2'" . G   A 1 9  ? 5.196   -6.121  -11.184 1.00 11.99 ? 9   G   A "O2'" 1 
ATOM   183 C  "C1'" . G   A 1 9  ? 4.505   -6.371  -8.920  1.00 10.60 ? 9   G   A "C1'" 1 
ATOM   184 N  N9    . G   A 1 9  ? 4.849   -5.924  -7.554  1.00 9.56  ? 9   G   A N9    1 
ATOM   185 C  C8    . G   A 1 9  ? 5.013   -6.701  -6.430  1.00 10.44 ? 9   G   A C8    1 
ATOM   186 N  N7    . G   A 1 9  ? 5.301   -5.998  -5.363  1.00 9.40  ? 9   G   A N7    1 
ATOM   187 C  C5    . G   A 1 9  ? 5.320   -4.682  -5.812  1.00 8.58  ? 9   G   A C5    1 
ATOM   188 C  C6    . G   A 1 9  ? 5.571   -3.470  -5.115  1.00 8.62  ? 9   G   A C6    1 
ATOM   189 O  O6    . G   A 1 9  ? 5.827   -3.306  -3.921  1.00 8.37  ? 9   G   A O6    1 
ATOM   190 N  N1    . G   A 1 9  ? 5.491   -2.359  -5.948  1.00 8.10  ? 9   G   A N1    1 
ATOM   191 C  C2    . G   A 1 9  ? 5.218   -2.412  -7.294  1.00 8.01  ? 9   G   A C2    1 
ATOM   192 N  N2    . G   A 1 9  ? 5.186   -1.230  -7.930  1.00 9.17  ? 9   G   A N2    1 
ATOM   193 N  N3    . G   A 1 9  ? 4.969   -3.533  -7.956  1.00 8.59  ? 9   G   A N3    1 
ATOM   194 C  C4    . G   A 1 9  ? 5.043   -4.617  -7.158  1.00 8.69  ? 9   G   A C4    1 
HETATM 195 C  "C1'" . HHU A 1 10 ? 8.504   -2.816  -10.319 1.00 10.46 ? 10  HHU A "C1'" 1 
HETATM 196 C  C2    . HHU A 1 10 ? 8.794   -2.195  -8.019  1.00 8.80  ? 10  HHU A C2    1 
HETATM 197 C  "C2'" . HHU A 1 10 ? 9.985   -2.647  -11.019 1.00 11.26 ? 10  HHU A "C2'" 1 
HETATM 198 C  "C3'" . HHU A 1 10 ? 10.225  -3.802  -11.445 1.00 8.90  ? 10  HHU A "C3'" 1 
HETATM 199 C  C4    . HHU A 1 10 ? 8.711   -3.731  -6.310  1.00 9.11  ? 10  HHU A C4    1 
HETATM 200 C  "C4'" . HHU A 1 10 ? 8.831   -4.320  -12.022 1.00 10.69 ? 10  HHU A "C4'" 1 
HETATM 201 C  C5    . HHU A 1 10 ? 8.505   -4.749  -7.231  1.00 10.68 ? 10  HHU A C5    1 
HETATM 202 C  "C5'" . HHU A 1 10 ? 8.739   -5.718  -12.158 1.00 12.90 ? 10  HHU A "C5'" 1 
HETATM 203 C  C6    . HHU A 1 10 ? 8.455   -4.413  -8.577  1.00 10.65 ? 10  HHU A C6    1 
HETATM 204 C  "C7'" . HHU A 1 10 ? 9.565   -0.197  -11.753 1.00 16.22 ? 10  HHU A "C7'" 1 
HETATM 205 N  N1    . HHU A 1 10 ? 8.604   -3.148  -8.932  1.00 9.59  ? 10  HHU A N1    1 
HETATM 206 N  "N2'" . HHU A 1 10 ? 9.871   -1.568  -12.116 1.00 12.09 ? 10  HHU A "N2'" 1 
HETATM 207 N  N3    . HHU A 1 10 ? 8.848   -2.491  -6.730  1.00 8.18  ? 10  HHU A N3    1 
HETATM 208 O  O2    . HHU A 1 10 ? 8.939   -1.062  -8.350  1.00 10.18 ? 10  HHU A O2    1 
HETATM 209 O  "O3'" . HHU A 1 10 ? 11.240  -3.801  -12.543 1.00 10.66 ? 10  HHU A "O3'" 1 
HETATM 210 O  O4    . HHU A 1 10 ? 8.767   -4.009  -4.945  1.00 10.52 ? 10  HHU A O4    1 
HETATM 211 O  "O4'" . HHU A 1 10 ? 7.885   -3.769  -10.994 1.00 10.71 ? 10  HHU A "O4'" 1 
HETATM 212 O  "O5'" . HHU A 1 10 ? 8.960   -6.352  -10.935 1.00 11.64 ? 10  HHU A "O5'" 1 
HETATM 213 O  "O6'" . HHU A 1 10 ? 9.488   0.632   -12.602 1.00 19.66 ? 10  HHU A "O6'" 1 
HETATM 214 O  OP1   . HHU A 1 10 ? 9.285   -8.778  -11.832 1.00 14.46 ? 10  HHU A OP1   1 
HETATM 215 O  OP2   . HHU A 1 10 ? 9.174   -8.351  -9.366  1.00 14.50 ? 10  HHU A OP2   1 
HETATM 216 P  P     . HHU A 1 10 ? 8.671   -7.953  -10.723 1.00 12.90 ? 10  HHU A P     1 
ATOM   217 P  P     . C   A 1 11 ? 12.777  -4.107  -12.216 1.00 11.20 ? 11  C   A P     1 
ATOM   218 O  OP1   . C   A 1 11 ? 13.434  -4.408  -13.518 1.00 12.47 ? 11  C   A OP1   1 
ATOM   219 O  OP2   . C   A 1 11 ? 12.863  -5.109  -11.134 1.00 12.48 ? 11  C   A OP2   1 
ATOM   220 O  "O5'" . C   A 1 11 ? 13.352  -2.741  -11.627 1.00 10.41 ? 11  C   A "O5'" 1 
ATOM   221 C  "C5'" . C   A 1 11 ? 13.426  -1.564  -12.412 1.00 12.15 ? 11  C   A "C5'" 1 
ATOM   222 C  "C4'" . C   A 1 11 ? 13.447  -0.338  -11.535 1.00 10.39 ? 11  C   A "C4'" 1 
ATOM   223 O  "O4'" . C   A 1 11 ? 12.333  -0.379  -10.610 1.00 9.45  ? 11  C   A "O4'" 1 
ATOM   224 C  "C3'" . C   A 1 11 ? 14.663  -0.176  -10.637 1.00 10.15 ? 11  C   A "C3'" 1 
ATOM   225 O  "O3'" . C   A 1 11 ? 15.755  0.390   -11.329 1.00 10.85 ? 11  C   A "O3'" 1 
ATOM   226 C  "C2'" . C   A 1 11 ? 14.133  0.720   -9.530  1.00 10.10 ? 11  C   A "C2'" 1 
ATOM   227 O  "O2'" . C   A 1 11 ? 14.055  2.063   -9.987  1.00 10.96 ? 11  C   A "O2'" 1 
ATOM   228 C  "C1'" . C   A 1 11 ? 12.712  0.191   -9.377  1.00 9.34  ? 11  C   A "C1'" 1 
ATOM   229 N  N1    . C   A 1 11 ? 12.568  -0.840  -8.326  1.00 8.76  ? 11  C   A N1    1 
ATOM   230 C  C2    . C   A 1 11 ? 12.441  -0.401  -7.009  1.00 8.33  ? 11  C   A C2    1 
ATOM   231 O  O2    . C   A 1 11 ? 12.517  0.820   -6.792  1.00 9.71  ? 11  C   A O2    1 
ATOM   232 N  N3    . C   A 1 11 ? 12.265  -1.321  -6.035  1.00 7.93  ? 11  C   A N3    1 
ATOM   233 C  C4    . C   A 1 11 ? 12.191  -2.619  -6.333  1.00 8.78  ? 11  C   A C4    1 
ATOM   234 N  N4    . C   A 1 11 ? 12.001  -3.486  -5.334  1.00 9.51  ? 11  C   A N4    1 
ATOM   235 C  C5    . C   A 1 11 ? 12.305  -3.097  -7.674  1.00 9.54  ? 11  C   A C5    1 
ATOM   236 C  C6    . C   A 1 11 ? 12.481  -2.171  -8.623  1.00 9.54  ? 11  C   A C6    1 
ATOM   237 P  P     . C   A 1 12 ? 17.256  0.013   -10.933 1.00 11.84 ? 12  C   A P     1 
ATOM   238 O  OP1   . C   A 1 12 ? 18.119  0.799   -11.852 1.00 13.08 ? 12  C   A OP1   1 
ATOM   239 O  OP2   . C   A 1 12 ? 17.404  -1.453  -10.875 1.00 12.43 ? 12  C   A OP2   1 
ATOM   240 O  "O5'" . C   A 1 12 ? 17.422  0.532   -9.439  1.00 9.60  ? 12  C   A "O5'" 1 
ATOM   241 C  "C5'" . C   A 1 12 ? 17.555  1.916   -9.174  1.00 10.56 ? 12  C   A "C5'" 1 
ATOM   242 C  "C4'" . C   A 1 12 ? 17.672  2.185   -7.695  1.00 8.81  ? 12  C   A "C4'" 1 
ATOM   243 O  "O4'" . C   A 1 12 ? 16.475  1.742   -7.014  1.00 8.29  ? 12  C   A "O4'" 1 
ATOM   244 C  "C3'" . C   A 1 12 ? 18.786  1.462   -6.959  1.00 8.48  ? 12  C   A "C3'" 1 
ATOM   245 O  "O3'" . C   A 1 12 ? 20.054  2.068   -7.140  1.00 11.56 ? 12  C   A "O3'" 1 
ATOM   246 C  "C2'" . C   A 1 12 ? 18.311  1.516   -5.516  1.00 7.64  ? 12  C   A "C2'" 1 
ATOM   247 O  "O2'" . C   A 1 12 ? 18.561  2.806   -4.974  1.00 9.56  ? 12  C   A "O2'" 1 
ATOM   248 C  "C1'" . C   A 1 12 ? 16.797  1.362   -5.691  1.00 8.74  ? 12  C   A "C1'" 1 
ATOM   249 N  N1    . C   A 1 12 ? 16.338  -0.024  -5.460  1.00 7.77  ? 12  C   A N1    1 
ATOM   250 C  C2    . C   A 1 12 ? 16.087  -0.414  -4.145  1.00 8.42  ? 12  C   A C2    1 
ATOM   251 O  O2    . C   A 1 12 ? 16.266  0.423   -3.252  1.00 8.34  ? 12  C   A O2    1 
ATOM   252 N  N3    . C   A 1 12 ? 15.646  -1.672  -3.888  1.00 8.21  ? 12  C   A N3    1 
ATOM   253 C  C4    . C   A 1 12 ? 15.483  -2.534  -4.892  1.00 9.86  ? 12  C   A C4    1 
ATOM   254 N  N4    . C   A 1 12 ? 15.063  -3.774  -4.609  1.00 10.47 ? 12  C   A N4    1 
ATOM   255 C  C5    . C   A 1 12 ? 15.742  -2.161  -6.244  1.00 10.39 ? 12  C   A C5    1 
ATOM   256 C  C6    . C   A 1 12 ? 16.169  -0.913  -6.490  1.00 9.04  ? 12  C   A C6    1 
ATOM   257 O  "O5'" . G   B 1 1  ? 12.249  -5.298  4.899   1.00 17.86 ? 1   G   B "O5'" 1 
ATOM   258 C  "C5'" . G   B 1 1  ? 12.729  -4.641  6.063   1.00 14.78 ? 1   G   B "C5'" 1 
ATOM   259 C  "C4'" . G   B 1 1  ? 13.621  -3.474  5.719   1.00 13.10 ? 1   G   B "C4'" 1 
ATOM   260 O  "O4'" . G   B 1 1  ? 14.738  -3.939  4.913   1.00 12.22 ? 1   G   B "O4'" 1 
ATOM   261 C  "C3'" . G   B 1 1  ? 12.990  -2.381  4.871   1.00 11.51 ? 1   G   B "C3'" 1 
ATOM   262 O  "O3'" . G   B 1 1  ? 12.208  -1.471  5.617   1.00 10.50 ? 1   G   B "O3'" 1 
ATOM   263 C  "C2'" . G   B 1 1  ? 14.199  -1.747  4.205   1.00 12.26 ? 1   G   B "C2'" 1 
ATOM   264 O  "O2'" . G   B 1 1  ? 14.895  -0.923  5.128   1.00 11.85 ? 1   G   B "O2'" 1 
ATOM   265 C  "C1'" . G   B 1 1  ? 15.045  -2.983  3.919   1.00 11.77 ? 1   G   B "C1'" 1 
ATOM   266 N  N9    . G   B 1 1  ? 14.710  -3.568  2.611   1.00 11.41 ? 1   G   B N9    1 
ATOM   267 C  C8    . G   B 1 1  ? 14.095  -4.771  2.361   1.00 11.96 ? 1   G   B C8    1 
ATOM   268 N  N7    . G   B 1 1  ? 13.926  -5.019  1.091   1.00 10.99 ? 1   G   B N7    1 
ATOM   269 C  C5    . G   B 1 1  ? 14.459  -3.900  0.457   1.00 9.78  ? 1   G   B C5    1 
ATOM   270 C  C6    . G   B 1 1  ? 14.567  -3.603  -0.924  1.00 8.38  ? 1   G   B C6    1 
ATOM   271 O  O6    . G   B 1 1  ? 14.198  -4.287  -1.884  1.00 10.46 ? 1   G   B O6    1 
ATOM   272 N  N1    . G   B 1 1  ? 15.186  -2.372  -1.131  1.00 8.96  ? 1   G   B N1    1 
ATOM   273 C  C2    . G   B 1 1  ? 15.629  -1.536  -0.140  1.00 8.46  ? 1   G   B C2    1 
ATOM   274 N  N2    . G   B 1 1  ? 16.188  -0.383  -0.528  1.00 9.39  ? 1   G   B N2    1 
ATOM   275 N  N3    . G   B 1 1  ? 15.540  -1.806  1.157   1.00 9.14  ? 1   G   B N3    1 
ATOM   276 C  C4    . G   B 1 1  ? 14.951  -3.002  1.378   1.00 9.63  ? 1   G   B C4    1 
ATOM   277 P  P     . G   B 1 2  ? 11.032  -0.649  4.899   1.00 9.61  ? 2   G   B P     1 
ATOM   278 O  OP1   . G   B 1 2  ? 10.299  0.060   5.981   1.00 11.09 ? 2   G   B OP1   1 
ATOM   279 O  OP2   . G   B 1 2  ? 10.288  -1.558  4.001   1.00 11.98 ? 2   G   B OP2   1 
ATOM   280 O  "O5'" . G   B 1 2  ? 11.770  0.373   3.931   1.00 9.04  ? 2   G   B "O5'" 1 
ATOM   281 C  "C5'" . G   B 1 2  ? 12.512  1.470   4.429   1.00 10.75 ? 2   G   B "C5'" 1 
ATOM   282 C  "C4'" . G   B 1 2  ? 12.902  2.369   3.289   1.00 10.23 ? 2   G   B "C4'" 1 
ATOM   283 O  "O4'" . G   B 1 2  ? 13.783  1.646   2.393   1.00 9.29  ? 2   G   B "O4'" 1 
ATOM   284 C  "C3'" . G   B 1 2  ? 11.755  2.806   2.396   1.00 8.68  ? 2   G   B "C3'" 1 
ATOM   285 O  "O3'" . G   B 1 2  ? 11.042  3.898   2.941   1.00 9.33  ? 2   G   B "O3'" 1 
ATOM   286 C  "C2'" . G   B 1 2  ? 12.457  3.120   1.089   1.00 8.61  ? 2   G   B "C2'" 1 
ATOM   287 O  "O2'" . G   B 1 2  ? 13.133  4.366   1.194   1.00 11.02 ? 2   G   B "O2'" 1 
ATOM   288 C  "C1'" . G   B 1 2  ? 13.497  2.003   1.050   1.00 9.16  ? 2   G   B "C1'" 1 
ATOM   289 N  N9    . G   B 1 2  ? 13.006  0.800   0.351   1.00 7.68  ? 2   G   B N9    1 
ATOM   290 C  C8    . G   B 1 2  ? 12.558  -0.355  0.946   1.00 8.32  ? 2   G   B C8    1 
ATOM   291 N  N7    . G   B 1 2  ? 12.184  -1.259  0.086   1.00 8.32  ? 2   G   B N7    1 
ATOM   292 C  C5    . G   B 1 2  ? 12.413  -0.664  -1.150  1.00 7.85  ? 2   G   B C5    1 
ATOM   293 C  C6    . G   B 1 2  ? 12.200  -1.163  -2.458  1.00 8.53  ? 2   G   B C6    1 
ATOM   294 O  O6    . G   B 1 2  ? 11.770  -2.273  -2.785  1.00 9.42  ? 2   G   B O6    1 
ATOM   295 N  N1    . G   B 1 2  ? 12.541  -0.229  -3.434  1.00 7.90  ? 2   G   B N1    1 
ATOM   296 C  C2    . G   B 1 2  ? 13.030  1.028   -3.172  1.00 7.87  ? 2   G   B C2    1 
ATOM   297 N  N2    . G   B 1 2  ? 13.312  1.792   -4.240  1.00 9.92  ? 2   G   B N2    1 
ATOM   298 N  N3    . G   B 1 2  ? 13.245  1.510   -1.958  1.00 8.33  ? 2   G   B N3    1 
ATOM   299 C  C4    . G   B 1 2  ? 12.902  0.611   -1.009  1.00 6.91  ? 2   G   B C4    1 
ATOM   300 P  P     . A   B 1 3  ? 9.478   4.079   2.643   1.00 10.30 ? 3   A   B P     1 
ATOM   301 O  OP1   . A   B 1 3  ? 9.060   5.269   3.436   1.00 11.44 ? 3   A   B OP1   1 
ATOM   302 O  OP2   . A   B 1 3  ? 8.754   2.806   2.802   1.00 9.75  ? 3   A   B OP2   1 
ATOM   303 O  "O5'" . A   B 1 3  ? 9.396   4.408   1.094   1.00 8.54  ? 3   A   B "O5'" 1 
ATOM   304 C  "C5'" . A   B 1 3  ? 9.891   5.633   0.602   1.00 9.47  ? 3   A   B "C5'" 1 
ATOM   305 C  "C4'" . A   B 1 3  ? 9.845   5.638   -0.898  1.00 8.15  ? 3   A   B "C4'" 1 
ATOM   306 O  "O4'" . A   B 1 3  ? 10.724  4.613   -1.431  1.00 8.22  ? 3   A   B "O4'" 1 
ATOM   307 C  "C3'" . A   B 1 3  ? 8.505   5.317   -1.533  1.00 7.33  ? 3   A   B "C3'" 1 
ATOM   308 O  "O3'" . A   B 1 3  ? 7.617   6.415   -1.502  1.00 7.97  ? 3   A   B "O3'" 1 
ATOM   309 C  "C2'" . A   B 1 3  ? 8.925   4.927   -2.933  1.00 8.22  ? 3   A   B "C2'" 1 
ATOM   310 O  "O2'" . A   B 1 3  ? 9.330   6.095   -3.625  1.00 8.20  ? 3   A   B "O2'" 1 
ATOM   311 C  "C1'" . A   B 1 3  ? 10.167  4.093   -2.626  1.00 8.56  ? 3   A   B "C1'" 1 
ATOM   312 N  N9    . A   B 1 3  ? 9.809   2.677   -2.405  1.00 8.58  ? 3   A   B N9    1 
ATOM   313 C  C8    . A   B 1 3  ? 9.549   2.032   -1.224  1.00 8.45  ? 3   A   B C8    1 
ATOM   314 N  N7    . A   B 1 3  ? 9.223   0.765   -1.353  1.00 7.25  ? 3   A   B N7    1 
ATOM   315 C  C5    . A   B 1 3  ? 9.284   0.550   -2.719  1.00 7.84  ? 3   A   B C5    1 
ATOM   316 C  C6    . A   B 1 3  ? 9.059   -0.597  -3.507  1.00 7.51  ? 3   A   B C6    1 
ATOM   317 N  N6    . A   B 1 3  ? 8.713   -1.794  -3.018  1.00 8.37  ? 3   A   B N6    1 
ATOM   318 N  N1    . A   B 1 3  ? 9.205   -0.451  -4.842  1.00 8.12  ? 3   A   B N1    1 
ATOM   319 C  C2    . A   B 1 3  ? 9.536   0.741   -5.344  1.00 8.05  ? 3   A   B C2    1 
ATOM   320 N  N3    . A   B 1 3  ? 9.777   1.878   -4.703  1.00 8.54  ? 3   A   B N3    1 
ATOM   321 C  C4    . A   B 1 3  ? 9.632   1.719   -3.376  1.00 7.94  ? 3   A   B C4    1 
ATOM   322 P  P     . C   B 1 4  ? 6.036   6.183   -1.359  1.00 8.97  ? 4   C   B P     1 
ATOM   323 O  OP1   . C   B 1 4  ? 5.481   7.514   -1.021  1.00 9.62  ? 4   C   B OP1   1 
ATOM   324 O  OP2   . C   B 1 4  ? 5.759   5.034   -0.464  1.00 9.76  ? 4   C   B OP2   1 
ATOM   325 O  "O5'" . C   B 1 4  ? 5.565   5.731   -2.815  1.00 8.13  ? 4   C   B "O5'" 1 
ATOM   326 C  "C5'" . C   B 1 4  ? 5.696   6.592   -3.934  1.00 7.94  ? 4   C   B "C5'" 1 
ATOM   327 C  "C4'" . C   B 1 4  ? 5.671   5.809   -5.221  1.00 9.60  ? 4   C   B "C4'" 1 
ATOM   328 O  "O4'" . C   B 1 4  ? 6.673   4.765   -5.171  1.00 7.78  ? 4   C   B "O4'" 1 
ATOM   329 C  "C3'" . C   B 1 4  ? 4.389   5.064   -5.554  1.00 7.25  ? 4   C   B "C3'" 1 
ATOM   330 O  "O3'" . C   B 1 4  ? 3.425   5.922   -6.131  1.00 8.36  ? 4   C   B "O3'" 1 
ATOM   331 C  "C2'" . C   B 1 4  ? 4.885   3.990   -6.509  1.00 7.96  ? 4   C   B "C2'" 1 
ATOM   332 O  "O2'" . C   B 1 4  ? 5.167   4.556   -7.782  1.00 9.79  ? 4   C   B "O2'" 1 
ATOM   333 C  "C1'" . C   B 1 4  ? 6.214   3.622   -5.860  1.00 8.12  ? 4   C   B "C1'" 1 
ATOM   334 N  N1    . C   B 1 4  ? 6.080   2.504   -4.895  1.00 7.57  ? 4   C   B N1    1 
ATOM   335 C  C2    . C   B 1 4  ? 5.952   1.222   -5.431  1.00 8.30  ? 4   C   B C2    1 
ATOM   336 O  O2    . C   B 1 4  ? 5.949   1.098   -6.666  1.00 8.82  ? 4   C   B O2    1 
ATOM   337 N  N3    . C   B 1 4  ? 5.836   0.160   -4.606  1.00 7.39  ? 4   C   B N3    1 
ATOM   338 C  C4    . C   B 1 4  ? 5.839   0.344   -3.287  1.00 7.41  ? 4   C   B C4    1 
ATOM   339 N  N4    . C   B 1 4  ? 5.721   -0.737  -2.522  1.00 8.43  ? 4   C   B N4    1 
ATOM   340 C  C5    . C   B 1 4  ? 5.976   1.641   -2.707  1.00 7.83  ? 4   C   B C5    1 
ATOM   341 C  C6    . C   B 1 4  ? 6.086   2.686   -3.539  1.00 7.54  ? 4   C   B C6    1 
HETATM 342 P  P     . 5BU B 1 5  ? 1.858   5.566   -6.104  1.00 9.12  ? 5   5BU B P     1 
HETATM 343 O  OP1   . 5BU B 1 5  ? 1.143   6.742   -6.728  1.00 10.84 ? 5   5BU B OP1   1 
HETATM 344 O  OP2   . 5BU B 1 5  ? 1.454   5.118   -4.729  1.00 10.63 ? 5   5BU B OP2   1 
HETATM 345 O  "O5'" . 5BU B 1 5  ? 1.715   4.278   -7.029  1.00 8.08  ? 5   5BU B "O5'" 1 
HETATM 346 C  "C5'" . 5BU B 1 5  ? 1.883   4.359   -8.429  1.00 8.90  ? 5   5BU B "C5'" 1 
HETATM 347 C  "C4'" . 5BU B 1 5  ? 1.591   3.030   -9.064  1.00 7.51  ? 5   5BU B "C4'" 1 
HETATM 348 O  "O4'" . 5BU B 1 5  ? 2.572   2.057   -8.641  1.00 7.92  ? 5   5BU B "O4'" 1 
HETATM 349 C  "C3'" . 5BU B 1 5  ? 0.279   2.376   -8.682  1.00 8.37  ? 5   5BU B "C3'" 1 
HETATM 350 O  "O3'" . 5BU B 1 5  ? -0.824  2.951   -9.345  1.00 8.32  ? 5   5BU B "O3'" 1 
HETATM 351 C  "C2'" . 5BU B 1 5  ? 0.529   0.934   -9.069  1.00 9.24  ? 5   5BU B "C2'" 1 
HETATM 352 O  "O2'" . 5BU B 1 5  ? 0.495   0.801   -10.484 1.00 9.41  ? 5   5BU B "O2'" 1 
HETATM 353 C  "C1'" . 5BU B 1 5  ? 1.974   0.775   -8.615  1.00 7.85  ? 5   5BU B "C1'" 1 
HETATM 354 N  N1    . 5BU B 1 5  ? 2.077   0.259   -7.249  1.00 8.27  ? 5   5BU B N1    1 
HETATM 355 C  C2    . 5BU B 1 5  ? 2.037   -1.191  -7.034  1.00 9.00  ? 5   5BU B C2    1 
HETATM 356 O  O2    . 5BU B 1 5  ? 1.859   -1.905  -7.951  1.00 9.65  ? 5   5BU B O2    1 
HETATM 357 N  N3    . 5BU B 1 5  ? 2.185   -1.721  -5.660  1.00 8.54  ? 5   5BU B N3    1 
HETATM 358 C  C4    . 5BU B 1 5  ? 2.374   -0.833  -4.562  1.00 9.26  ? 5   5BU B C4    1 
HETATM 359 O  O4    . 5BU B 1 5  ? 2.515   -1.260  -3.470  1.00 9.66  ? 5   5BU B O4    1 
HETATM 360 C  C5    . 5BU B 1 5  ? 2.402   0.614   -4.835  1.00 8.71  ? 5   5BU B C5    1 
HETATM 361 C  C6    . 5BU B 1 5  ? 2.268   1.169   -6.171  1.00 8.25  ? 5   5BU B C6    1 
HETATM 362 BR BR    . 5BU B 1 5  ? 2.619   1.848   -3.410  0.61 9.93  ? 5   5BU B BR    1 
ATOM   363 P  P     . C   B 1 6  ? -2.276  2.951   -8.679  1.00 8.59  ? 6   C   B P     1 
ATOM   364 O  OP1   . C   B 1 6  ? -3.089  3.864   -9.541  1.00 9.77  ? 6   C   B OP1   1 
ATOM   365 O  OP2   . C   B 1 6  ? -2.159  3.227   -7.227  1.00 9.19  ? 6   C   B OP2   1 
ATOM   366 O  "O5'" . C   B 1 6  ? -2.790  1.451   -8.821  1.00 8.39  ? 6   C   B "O5'" 1 
ATOM   367 C  "C5'" . C   B 1 6  ? -3.049  0.899   -10.097 1.00 8.50  ? 6   C   B "C5'" 1 
ATOM   368 C  "C4'" . C   B 1 6  ? -3.133  -0.603  -10.034 1.00 9.05  ? 6   C   B "C4'" 1 
ATOM   369 O  "O4'" . C   B 1 6  ? -1.902  -1.156  -9.508  1.00 8.39  ? 6   C   B "O4'" 1 
ATOM   370 C  "C3'" . C   B 1 6  ? -4.193  -1.181  -9.122  1.00 8.14  ? 6   C   B "C3'" 1 
ATOM   371 O  "O3'" . C   B 1 6  ? -5.485  -1.128  -9.683  1.00 9.56  ? 6   C   B "O3'" 1 
ATOM   372 C  "C2'" . C   B 1 6  ? -3.683  -2.594  -8.909  1.00 8.31  ? 6   C   B "C2'" 1 
ATOM   373 O  "O2'" . C   B 1 6  ? -3.881  -3.360  -10.088 1.00 9.31  ? 6   C   B "O2'" 1 
ATOM   374 C  "C1'" . C   B 1 6  ? -2.189  -2.329  -8.767  1.00 8.82  ? 6   C   B "C1'" 1 
ATOM   375 N  N1    . C   B 1 6  ? -1.802  -2.104  -7.355  1.00 7.45  ? 6   C   B N1    1 
ATOM   376 C  C2    . C   B 1 6  ? -1.588  -3.216  -6.533  1.00 7.49  ? 6   C   B C2    1 
ATOM   377 O  O2    . C   B 1 6  ? -1.762  -4.343  -7.018  1.00 8.21  ? 6   C   B O2    1 
ATOM   378 N  N3    . C   B 1 6  ? -1.217  -3.036  -5.240  1.00 7.66  ? 6   C   B N3    1 
ATOM   379 C  C4    . C   B 1 6  ? -1.050  -1.800  -4.766  1.00 7.82  ? 6   C   B C4    1 
ATOM   380 N  N4    . C   B 1 6  ? -0.680  -1.657  -3.489  1.00 7.92  ? 6   C   B N4    1 
ATOM   381 C  C5    . C   B 1 6  ? -1.261  -0.649  -5.578  1.00 8.75  ? 6   C   B C5    1 
ATOM   382 C  C6    . C   B 1 6  ? -1.623  -0.846  -6.852  1.00 9.12  ? 6   C   B C6    1 
ATOM   383 P  P     . G   B 1 7  ? -6.763  -1.008  -8.726  1.00 11.66 ? 7   G   B P     1 
ATOM   384 O  OP1   . G   B 1 7  ? -7.967  -0.985  -9.601  1.00 13.90 ? 7   G   B OP1   1 
ATOM   385 O  OP2   . G   B 1 7  ? -6.545  0.101   -7.765  1.00 14.85 ? 7   G   B OP2   1 
ATOM   386 O  "O5'" . G   B 1 7  ? -6.767  -2.369  -7.900  1.00 10.86 ? 7   G   B "O5'" 1 
ATOM   387 C  "C5'" . G   B 1 7  ? -7.076  -3.593  -8.546  1.00 9.96  ? 7   G   B "C5'" 1 
ATOM   388 C  "C4'" . G   B 1 7  ? -6.904  -4.771  -7.623  1.00 10.72 ? 7   G   B "C4'" 1 
ATOM   389 O  "O4'" . G   B 1 7  ? -5.527  -4.865  -7.170  1.00 9.20  ? 7   G   B "O4'" 1 
ATOM   390 C  "C3'" . G   B 1 7  ? -7.686  -4.727  -6.329  1.00 10.04 ? 7   G   B "C3'" 1 
ATOM   391 O  "O3'" . G   B 1 7  ? -9.058  -5.016  -6.496  1.00 12.36 ? 7   G   B "O3'" 1 
ATOM   392 C  "C2'" . G   B 1 7  ? -6.934  -5.732  -5.475  1.00 9.40  ? 7   G   B "C2'" 1 
ATOM   393 O  "O2'" . G   B 1 7  ? -7.213  -7.052  -5.906  1.00 11.48 ? 7   G   B "O2'" 1 
ATOM   394 C  "C1'" . G   B 1 7  ? -5.498  -5.399  -5.858  1.00 9.67  ? 7   G   B "C1'" 1 
ATOM   395 N  N9    . G   B 1 7  ? -4.939  -4.391  -4.946  1.00 8.10  ? 7   G   B N9    1 
ATOM   396 C  C8    . G   B 1 7  ? -4.708  -3.061  -5.178  1.00 8.48  ? 7   G   B C8    1 
ATOM   397 N  N7    . G   B 1 7  ? -4.206  -2.449  -4.137  1.00 8.48  ? 7   G   B N7    1 
ATOM   398 C  C5    . G   B 1 7  ? -4.101  -3.439  -3.166  1.00 8.28  ? 7   G   B C5    1 
ATOM   399 C  C6    . G   B 1 7  ? -3.621  -3.391  -1.832  1.00 7.83  ? 7   G   B C6    1 
ATOM   400 O  O6    . G   B 1 7  ? -3.177  -2.413  -1.223  1.00 9.37  ? 7   G   B O6    1 
ATOM   401 N  N1    . G   B 1 7  ? -3.711  -4.634  -1.202  1.00 7.75  ? 7   G   B N1    1 
ATOM   402 C  C2    . G   B 1 7  ? -4.186  -5.784  -1.779  1.00 7.58  ? 7   G   B C2    1 
ATOM   403 N  N2    . G   B 1 7  ? -4.197  -6.891  -1.027  1.00 8.16  ? 7   G   B N2    1 
ATOM   404 N  N3    . G   B 1 7  ? -4.625  -5.838  -3.028  1.00 8.32  ? 7   G   B N3    1 
ATOM   405 C  C4    . G   B 1 7  ? -4.551  -4.643  -3.652  1.00 8.19  ? 7   G   B C4    1 
ATOM   406 P  P     . A   B 1 8  ? -10.122 -4.380  -5.479  1.00 12.62 ? 8   A   B P     1 
ATOM   407 O  OP1   . A   B 1 8  ? -11.475 -4.789  -5.940  1.00 14.01 ? 8   A   B OP1   1 
ATOM   408 O  OP2   . A   B 1 8  ? -9.825  -2.947  -5.298  1.00 14.56 ? 8   A   B OP2   1 
ATOM   409 O  "O5'" . A   B 1 8  ? -9.803  -5.103  -4.099  1.00 10.72 ? 8   A   B "O5'" 1 
ATOM   410 C  "C5'" . A   B 1 8  ? -10.018 -6.493  -3.939  1.00 9.67  ? 8   A   B "C5'" 1 
ATOM   411 C  "C4'" . A   B 1 8  ? -9.768  -6.901  -2.514  1.00 9.77  ? 8   A   B "C4'" 1 
ATOM   412 O  "O4'" . A   B 1 8  ? -8.373  -6.715  -2.177  1.00 8.45  ? 8   A   B "O4'" 1 
ATOM   413 C  "C3'" . A   B 1 8  ? -10.488 -6.071  -1.480  1.00 8.53  ? 8   A   B "C3'" 1 
ATOM   414 O  "O3'" . A   B 1 8  ? -11.861 -6.396  -1.398  1.00 9.32  ? 8   A   B "O3'" 1 
ATOM   415 C  "C2'" . A   B 1 8  ? -9.670  -6.339  -0.222  1.00 8.92  ? 8   A   B "C2'" 1 
ATOM   416 O  "O2'" . A   B 1 8  ? -9.962  -7.620  0.311   1.00 10.02 ? 8   A   B "O2'" 1 
ATOM   417 C  "C1'" . A   B 1 8  ? -8.256  -6.373  -0.807  1.00 9.19  ? 8   A   B "C1'" 1 
ATOM   418 N  N9    . A   B 1 8  ? -7.596  -5.059  -0.702  1.00 8.58  ? 8   A   B N9    1 
ATOM   419 C  C8    . A   B 1 8  ? -7.515  -4.064  -1.646  1.00 9.53  ? 8   A   B C8    1 
ATOM   420 N  N7    . A   B 1 8  ? -6.866  -2.998  -1.238  1.00 9.00  ? 8   A   B N7    1 
ATOM   421 C  C5    . A   B 1 8  ? -6.506  -3.313  0.064   1.00 7.91  ? 8   A   B C5    1 
ATOM   422 C  C6    . A   B 1 8  ? -5.791  -2.609  1.049   1.00 7.68  ? 8   A   B C6    1 
ATOM   423 N  N6    . A   B 1 8  ? -5.293  -1.380  0.882   1.00 8.01  ? 8   A   B N6    1 
ATOM   424 N  N1    . A   B 1 8  ? -5.599  -3.211  2.244   1.00 9.01  ? 8   A   B N1    1 
ATOM   425 C  C2    . A   B 1 8  ? -6.091  -4.436  2.434   1.00 9.45  ? 8   A   B C2    1 
ATOM   426 N  N3    . A   B 1 8  ? -6.776  -5.198  1.583   1.00 8.58  ? 8   A   B N3    1 
ATOM   427 C  C4    . A   B 1 8  ? -6.942  -4.578  0.403   1.00 7.92  ? 8   A   B C4    1 
ATOM   428 P  P     . G   B 1 9  ? -12.884 -5.341  -0.776  1.00 9.79  ? 9   G   B P     1 
ATOM   429 O  OP1   . G   B 1 9  ? -14.242 -5.941  -0.900  1.00 10.85 ? 9   G   B OP1   1 
ATOM   430 O  OP2   . G   B 1 9  ? -12.656 -3.996  -1.348  1.00 11.24 ? 9   G   B OP2   1 
ATOM   431 O  "O5'" . G   B 1 9  ? -12.490 -5.365  0.759   1.00 9.21  ? 9   G   B "O5'" 1 
ATOM   432 C  "C5'" . G   B 1 9  ? -12.533 -4.211  1.566   1.00 9.64  ? 9   G   B "C5'" 1 
ATOM   433 C  "C4'" . G   B 1 9  ? -11.755 -4.461  2.820   1.00 9.19  ? 9   G   B "C4'" 1 
ATOM   434 O  "O4'" . G   B 1 9  ? -10.335 -4.447  2.529   1.00 9.28  ? 9   G   B "O4'" 1 
ATOM   435 C  "C3'" . G   B 1 9  ? -11.925 -3.420  3.903   1.00 9.56  ? 9   G   B "C3'" 1 
ATOM   436 O  "O3'" . G   B 1 9  ? -13.112 -3.636  4.644   1.00 9.05  ? 9   G   B "O3'" 1 
ATOM   437 C  "C2'" . G   B 1 9  ? -10.646 -3.580  4.707   1.00 10.56 ? 9   G   B "C2'" 1 
ATOM   438 O  "O2'" . G   B 1 9  ? -10.713 -4.746  5.514   1.00 10.33 ? 9   G   B "O2'" 1 
ATOM   439 C  "C1'" . G   B 1 9  ? -9.637  -3.840  3.591   1.00 9.46  ? 9   G   B "C1'" 1 
ATOM   440 N  N9    . G   B 1 9  ? -9.044  -2.591  3.082   1.00 8.82  ? 9   G   B N9    1 
ATOM   441 C  C8    . G   B 1 9  ? -9.230  -2.004  1.856   1.00 9.38  ? 9   G   B C8    1 
ATOM   442 N  N7    . G   B 1 9  ? -8.547  -0.903  1.708   1.00 9.53  ? 9   G   B N7    1 
ATOM   443 C  C5    . G   B 1 9  ? -7.878  -0.746  2.912   1.00 8.32  ? 9   G   B C5    1 
ATOM   444 C  C6    . G   B 1 9  ? -6.973  0.254   3.353   1.00 8.46  ? 9   G   B C6    1 
ATOM   445 O  O6    . G   B 1 9  ? -6.572  1.253   2.746   1.00 8.94  ? 9   G   B O6    1 
ATOM   446 N  N1    . G   B 1 9  ? -6.516  0.012   4.646   1.00 8.00  ? 9   G   B N1    1 
ATOM   447 C  C2    . G   B 1 9  ? -6.875  -1.063  5.414   1.00 8.59  ? 9   G   B C2    1 
ATOM   448 N  N2    . G   B 1 9  ? -6.323  -1.117  6.635   1.00 9.30  ? 9   G   B N2    1 
ATOM   449 N  N3    . G   B 1 9  ? -7.714  -2.005  5.011   1.00 8.52  ? 9   G   B N3    1 
ATOM   450 C  C4    . G   B 1 9  ? -8.167  -1.789  3.765   1.00 8.75  ? 9   G   B C4    1 
HETATM 451 C  "C1'" . HHU B 1 10 ? -10.109 -1.051  8.469   1.00 11.41 ? 10  HHU B "C1'" 1 
HETATM 452 C  C2    . HHU B 1 10 ? -9.003  0.904   7.619   1.00 9.94  ? 10  HHU B C2    1 
HETATM 453 C  "C2'" . HHU B 1 10 ? -11.242 -0.572  9.573   1.00 14.80 ? 10  HHU B "C2'" 1 
HETATM 454 C  "C3'" . HHU B 1 10 ? -12.288 -1.147  9.207   1.00 15.36 ? 10  HHU B "C3'" 1 
HETATM 455 C  C4    . HHU B 1 10 ? -9.320  1.611   5.443   1.00 9.60  ? 10  HHU B C4    1 
HETATM 456 C  "C4'" . HHU B 1 10 ? -11.859 -2.531  8.549   1.00 14.71 ? 10  HHU B "C4'" 1 
HETATM 457 C  C5    . HHU B 1 10 ? -10.209 0.575   5.221   1.00 11.10 ? 10  HHU B C5    1 
HETATM 458 C  "C5'" . HHU B 1 10 ? -12.810 -2.986  7.621   1.00 12.22 ? 10  HHU B "C5'" 1 
HETATM 459 C  C6    . HHU B 1 10 ? -10.460 -0.295  6.263   1.00 11.11 ? 10  HHU B C6    1 
HETATM 460 C  "C7'" . HHU B 1 10 ? -9.912  -0.214  11.760  1.00 18.83 ? 10  HHU B "C7'" 1 
HETATM 461 N  N1    . HHU B 1 10 ? -9.851  -0.104  7.430   1.00 10.44 ? 10  HHU B N1    1 
HETATM 462 N  "N2'" . HHU B 1 10 ? -10.770 -1.060  10.955  1.00 16.75 ? 10  HHU B "N2'" 1 
HETATM 463 N  N3    . HHU B 1 10 ? -8.745  1.753   6.632   1.00 7.83  ? 10  HHU B N3    1 
HETATM 464 O  O2    . HHU B 1 10 ? -8.466  1.067   8.674   1.00 10.74 ? 10  HHU B O2    1 
HETATM 465 O  "O3'" . HHU B 1 10 ? -13.141 -1.551  10.357  1.00 17.10 ? 10  HHU B "O3'" 1 
HETATM 466 O  O4    . HHU B 1 10 ? -9.045  2.497   4.408   1.00 9.38  ? 10  HHU B O4    1 
HETATM 467 O  "O4'" . HHU B 1 10 ? -10.543 -2.178  7.932   1.00 12.30 ? 10  HHU B "O4'" 1 
HETATM 468 O  "O5'" . HHU B 1 10 ? -13.046 -2.028  6.630   1.00 11.66 ? 10  HHU B "O5'" 1 
HETATM 469 O  "O6'" . HHU B 1 10 ? -9.546  -0.593  12.824  1.00 25.06 ? 10  HHU B "O6'" 1 
HETATM 470 O  OP1   . HHU B 1 10 ? -15.292 -2.885  5.628   1.00 11.64 ? 10  HHU B OP1   1 
HETATM 471 O  OP2   . HHU B 1 10 ? -13.879 -1.222  4.347   1.00 11.96 ? 10  HHU B OP2   1 
HETATM 472 P  P     . HHU B 1 10 ? -13.910 -2.400  5.282   1.00 11.30 ? 10  HHU B P     1 
ATOM   473 P  P     . C   B 1 11 ? -14.190 -0.505  10.941  1.00 19.88 ? 11  C   B P     1 
ATOM   474 O  OP1   . C   B 1 11 ? -14.961 -1.161  12.028  1.00 20.26 ? 11  C   B OP1   1 
ATOM   475 O  OP2   . C   B 1 11 ? -14.861 0.185   9.822   1.00 17.12 ? 11  C   B OP2   1 
ATOM   476 O  "O5'" . C   B 1 11 ? -13.254 0.602   11.589  1.00 16.20 ? 11  C   B "O5'" 1 
ATOM   477 C  "C5'" . C   B 1 11 ? -13.497 1.973   11.344  1.00 15.30 ? 11  C   B "C5'" 1 
ATOM   478 C  "C4'" . C   B 1 11 ? -12.276 2.801   11.624  1.00 12.10 ? 11  C   B "C4'" 1 
ATOM   479 O  "O4'" . C   B 1 11 ? -11.253 2.506   10.642  1.00 11.35 ? 11  C   B "O4'" 1 
ATOM   480 C  "C3'" . C   B 1 11 ? -12.481 4.298   11.511  1.00 11.64 ? 11  C   B "C3'" 1 
ATOM   481 O  "O3'" . C   B 1 11 ? -13.013 4.844   12.700  1.00 10.45 ? 11  C   B "O3'" 1 
ATOM   482 C  "C2'" . C   B 1 11 ? -11.090 4.810   11.181  1.00 10.31 ? 11  C   B "C2'" 1 
ATOM   483 O  "O2'" . C   B 1 11 ? -10.291 4.856   12.355  1.00 10.88 ? 11  C   B "O2'" 1 
ATOM   484 C  "C1'" . C   B 1 11 ? -10.568 3.687   10.286  1.00 9.88  ? 11  C   B "C1'" 1 
ATOM   485 N  N1    . C   B 1 11 ? -10.793 3.940   8.840   1.00 8.51  ? 11  C   B N1    1 
ATOM   486 C  C2    . C   B 1 11 ? -9.964  4.870   8.203   1.00 8.81  ? 11  C   B C2    1 
ATOM   487 O  O2    . C   B 1 11 ? -9.113  5.446   8.884   1.00 8.79  ? 11  C   B O2    1 
ATOM   488 N  N3    . C   B 1 11 ? -10.110 5.125   6.880   1.00 8.64  ? 11  C   B N3    1 
ATOM   489 C  C4    . C   B 1 11 ? -11.040 4.478   6.187   1.00 9.53  ? 11  C   B C4    1 
ATOM   490 N  N4    . C   B 1 11 ? -11.154 4.761   4.889   1.00 9.47  ? 11  C   B N4    1 
ATOM   491 C  C5    . C   B 1 11 ? -11.899 3.521   6.806   1.00 9.80  ? 11  C   B C5    1 
ATOM   492 C  C6    . C   B 1 11 ? -11.742 3.279   8.113   1.00 9.08  ? 11  C   B C6    1 
ATOM   493 P  P     . C   B 1 12 ? -13.972 6.121   12.633  1.00 10.38 ? 12  C   B P     1 
ATOM   494 O  OP1   . C   B 1 12 ? -14.507 6.286   14.002  1.00 11.39 ? 12  C   B OP1   1 
ATOM   495 O  OP2   . C   B 1 12 ? -14.923 5.999   11.500  1.00 12.36 ? 12  C   B OP2   1 
ATOM   496 O  "O5'" . C   B 1 12 ? -12.995 7.328   12.292  1.00 9.30  ? 12  C   B "O5'" 1 
ATOM   497 C  "C5'" . C   B 1 12 ? -12.100 7.850   13.259  1.00 9.22  ? 12  C   B "C5'" 1 
ATOM   498 C  "C4'" . C   B 1 12 ? -11.374 9.042   12.698  1.00 8.80  ? 12  C   B "C4'" 1 
ATOM   499 O  "O4'" . C   B 1 12 ? -10.580 8.634   11.559  1.00 9.14  ? 12  C   B "O4'" 1 
ATOM   500 C  "C3'" . C   B 1 12 ? -12.249 10.155  12.145  1.00 8.56  ? 12  C   B "C3'" 1 
ATOM   501 O  "O3'" . C   B 1 12 ? -12.741 11.012  13.159  1.00 12.17 ? 12  C   B "O3'" 1 
ATOM   502 C  "C2'" . C   B 1 12 ? -11.311 10.864  11.179  1.00 9.93  ? 12  C   B "C2'" 1 
ATOM   503 O  "O2'" . C   B 1 12 ? -10.408 11.697  11.894  1.00 13.14 ? 12  C   B "O2'" 1 
ATOM   504 C  "C1'" . C   B 1 12 ? -10.513 9.690   10.618  1.00 10.22 ? 12  C   B "C1'" 1 
ATOM   505 N  N1    . C   B 1 12 ? -11.011 9.201   9.312   1.00 8.43  ? 12  C   B N1    1 
ATOM   506 C  C2    . C   B 1 12 ? -10.592 9.830   8.139   1.00 9.31  ? 12  C   B C2    1 
ATOM   507 O  O2    . C   B 1 12 ? -9.846  10.811  8.239   1.00 9.00  ? 12  C   B O2    1 
ATOM   508 N  N3    . C   B 1 12 ? -11.016 9.371   6.940   1.00 8.20  ? 12  C   B N3    1 
ATOM   509 C  C4    . C   B 1 12 ? -11.826 8.309   6.899   1.00 9.35  ? 12  C   B C4    1 
ATOM   510 N  N4    . C   B 1 12 ? -12.222 7.882   5.700   1.00 9.63  ? 12  C   B N4    1 
ATOM   511 C  C5    . C   B 1 12 ? -12.277 7.639   8.077   1.00 9.14  ? 12  C   B C5    1 
ATOM   512 C  C6    . C   B 1 12 ? -11.842 8.114   9.252   1.00 9.90  ? 12  C   B C6    1 
HETATM 513 N  N5    . SPM C 2 .  ? 3.411   5.700   3.052   1.00 22.70 ? 101 SPM A N5    1 
HETATM 514 C  C6    . SPM C 2 .  ? 2.838   5.384   1.758   1.00 21.39 ? 101 SPM A C6    1 
HETATM 515 C  C7    . SPM C 2 .  ? 1.512   6.120   1.590   1.00 18.30 ? 101 SPM A C7    1 
HETATM 516 C  C8    . SPM C 2 .  ? 1.752   7.626   1.550   1.00 16.18 ? 101 SPM A C8    1 
HETATM 517 C  C9    . SPM C 2 .  ? 0.487   8.326   1.059   1.00 13.99 ? 101 SPM A C9    1 
HETATM 518 N  N10   . SPM C 2 .  ? 0.753   9.739   0.846   1.00 17.95 ? 101 SPM A N10   1 
HETATM 519 C  C11   . SPM C 2 .  ? -0.481  10.403  0.467   1.00 13.72 ? 101 SPM A C11   1 
HETATM 520 C  C12   . SPM C 2 .  ? -0.245  11.907  0.445   1.00 11.82 ? 101 SPM A C12   1 
HETATM 521 O  O     . HOH D 3 .  ? 20.663  3.194   -9.107  1.00 23.42 ? 201 HOH A O     1 
HETATM 522 O  O     . HOH D 3 .  ? 2.807   -12.174 5.720   1.00 19.14 ? 202 HOH A O     1 
HETATM 523 O  O     . HOH D 3 .  ? 13.345  -7.522  -11.890 1.00 29.08 ? 203 HOH A O     1 
HETATM 524 O  O     . HOH D 3 .  ? 2.425   2.085   5.290   1.00 17.37 ? 204 HOH A O     1 
HETATM 525 O  O     . HOH D 3 .  ? 8.644   2.190   -14.560 1.00 26.82 ? 205 HOH A O     1 
HETATM 526 O  O     . HOH D 3 .  ? 9.160   -6.055  -3.323  1.00 24.21 ? 206 HOH A O     1 
HETATM 527 O  O     . HOH D 3 .  ? 19.687  -0.303  -13.685 1.00 23.90 ? 207 HOH A O     1 
HETATM 528 O  O     . HOH D 3 .  ? 11.966  -3.940  -15.683 1.00 17.13 ? 208 HOH A O     1 
HETATM 529 O  O     . HOH D 3 .  ? 6.042   -4.501  -1.551  1.00 20.79 ? 209 HOH A O     1 
HETATM 530 O  O     . HOH D 3 .  ? -6.819  9.905   -1.970  1.00 24.16 ? 210 HOH A O     1 
HETATM 531 O  O     . HOH D 3 .  ? -4.314  -9.399  1.700   1.00 11.38 ? 211 HOH A O     1 
HETATM 532 O  O     . HOH D 3 .  ? 0.573   -8.751  -10.037 1.00 17.39 ? 212 HOH A O     1 
HETATM 533 O  O     . HOH D 3 .  ? 4.400   -15.260 -0.239  1.00 16.85 ? 213 HOH A O     1 
HETATM 534 O  O     . HOH D 3 .  ? 0.535   12.830  3.118   1.00 18.39 ? 214 HOH A O     1 
HETATM 535 O  O     . HOH D 3 .  ? -11.765 8.715   -0.152  1.00 22.24 ? 215 HOH A O     1 
HETATM 536 O  O     . HOH D 3 .  ? 3.820   4.030   6.743   1.00 21.98 ? 216 HOH A O     1 
HETATM 537 O  O     . HOH D 3 .  ? -3.375  -10.952 -4.214  1.00 14.66 ? 217 HOH A O     1 
HETATM 538 O  O     . HOH D 3 .  ? -2.347  1.258   1.271   1.00 17.68 ? 218 HOH A O     1 
HETATM 539 O  O     . HOH D 3 .  ? -6.114  10.939  8.328   1.00 11.26 ? 219 HOH A O     1 
HETATM 540 O  O     . HOH D 3 .  ? 3.747   -12.604 1.652   1.00 15.21 ? 220 HOH A O     1 
HETATM 541 O  O     . HOH D 3 .  ? -1.131  -14.494 -2.670  1.00 16.55 ? 221 HOH A O     1 
HETATM 542 O  O     . HOH D 3 .  ? -9.405  11.138  -4.621  1.00 23.13 ? 222 HOH A O     1 
HETATM 543 O  O     . HOH D 3 .  ? 16.658  -3.301  -9.018  1.00 22.18 ? 223 HOH A O     1 
HETATM 544 O  O     . HOH D 3 .  ? -6.500  8.012   10.131  1.00 14.37 ? 224 HOH A O     1 
HETATM 545 O  O     . HOH D 3 .  ? 1.163   -1.859  5.186   1.00 17.06 ? 225 HOH A O     1 
HETATM 546 O  O     . HOH D 3 .  ? -2.174  13.477  7.571   1.00 11.22 ? 226 HOH A O     1 
HETATM 547 O  O     . HOH D 3 .  ? -4.289  -0.856  10.389  1.00 23.64 ? 227 HOH A O     1 
HETATM 548 O  O     . HOH D 3 .  ? -0.230  0.469   12.358  1.00 24.08 ? 228 HOH A O     1 
HETATM 549 O  O     . HOH D 3 .  ? 4.095   -2.682  10.303  1.00 21.70 ? 229 HOH A O     1 
HETATM 550 O  O     . HOH D 3 .  ? 5.110   -9.869  -2.872  1.00 21.44 ? 230 HOH A O     1 
HETATM 551 O  O     . HOH D 3 .  ? 1.396   -3.120  0.070   1.00 17.77 ? 231 HOH A O     1 
HETATM 552 O  O     . HOH D 3 .  ? -2.086  11.816  -2.899  1.00 13.73 ? 232 HOH A O     1 
HETATM 553 O  O     . HOH D 3 .  ? -4.007  -7.734  7.741   1.00 18.31 ? 233 HOH A O     1 
HETATM 554 O  O     . HOH D 3 .  ? -3.762  8.817   1.325   1.00 15.43 ? 234 HOH A O     1 
HETATM 555 O  O     . HOH D 3 .  ? 1.679   8.277   4.571   1.00 20.05 ? 235 HOH A O     1 
HETATM 556 O  O     . HOH D 3 .  ? 15.023  -5.278  -9.395  1.00 19.13 ? 236 HOH A O     1 
HETATM 557 O  O     . HOH D 3 .  ? 8.178   -8.256  -6.766  1.00 23.22 ? 237 HOH A O     1 
HETATM 558 O  O     . HOH D 3 .  ? 3.321   -8.851  0.225   1.00 23.34 ? 238 HOH A O     1 
HETATM 559 O  O     . HOH D 3 .  ? 1.725   -6.156  1.823   1.00 18.51 ? 239 HOH A O     1 
HETATM 560 O  O     . HOH D 3 .  ? -5.302  -6.799  5.549   1.00 21.45 ? 240 HOH A O     1 
HETATM 561 O  O     . HOH D 3 .  ? 2.357   0.301   11.895  1.00 23.71 ? 241 HOH A O     1 
HETATM 562 O  O     . HOH D 3 .  ? 18.139  2.093   -1.983  1.00 12.81 ? 242 HOH A O     1 
HETATM 563 O  O     . HOH D 3 .  ? -8.179  8.122   0.212   1.00 23.19 ? 243 HOH A O     1 
HETATM 564 O  O     . HOH D 3 .  ? 2.624   -4.563  3.606   1.00 23.98 ? 244 HOH A O     1 
HETATM 565 O  O     . HOH D 3 .  ? -1.336  6.500   3.753   1.00 12.71 ? 245 HOH A O     1 
HETATM 566 O  O     . HOH D 3 .  ? 7.224   -9.779  -13.469 1.00 19.28 ? 246 HOH A O     1 
HETATM 567 O  O     . HOH D 3 .  ? -7.885  15.237  3.934   1.00 14.15 ? 247 HOH A O     1 
HETATM 568 O  O     . HOH D 3 .  ? 11.783  3.503   -9.139  1.00 16.56 ? 248 HOH A O     1 
HETATM 569 O  O     . HOH D 3 .  ? 5.121   -8.052  -13.241 1.00 18.18 ? 249 HOH A O     1 
HETATM 570 O  O     . HOH D 3 .  ? 0.463   8.006   11.373  1.00 18.42 ? 250 HOH A O     1 
HETATM 571 O  O     . HOH D 3 .  ? -5.119  6.723   2.479   1.00 17.29 ? 251 HOH A O     1 
HETATM 572 O  O     . HOH D 3 .  ? 11.847  -6.230  -6.034  1.00 18.28 ? 252 HOH A O     1 
HETATM 573 O  O     . HOH D 3 .  ? 4.897   -4.826  8.746   1.00 26.10 ? 253 HOH A O     1 
HETATM 574 O  O     . HOH D 3 .  ? -11.488 6.857   1.688   1.00 21.24 ? 254 HOH A O     1 
HETATM 575 O  O     . HOH D 3 .  ? 2.147   -12.643 -9.476  1.00 25.50 ? 255 HOH A O     1 
HETATM 576 O  O     . HOH D 3 .  ? 5.789   -7.021  -2.727  1.00 21.42 ? 256 HOH A O     1 
HETATM 577 O  O     . HOH D 3 .  ? -0.614  -6.559  10.575  1.00 19.43 ? 257 HOH A O     1 
HETATM 578 O  O     . HOH D 3 .  ? 14.776  -5.804  -6.639  1.00 16.70 ? 258 HOH A O     1 
HETATM 579 O  O     . HOH D 3 .  ? 15.303  3.716   -12.028 1.00 19.12 ? 259 HOH A O     1 
HETATM 580 O  O     . HOH D 3 .  ? 10.665  -1.683  -14.922 1.00 18.29 ? 260 HOH A O     1 
HETATM 581 O  O     . HOH D 3 .  ? 0.542   -1.248  2.434   1.00 18.69 ? 261 HOH A O     1 
HETATM 582 O  O     . HOH D 3 .  ? 0.134   -6.147  -9.086  1.00 15.65 ? 262 HOH A O     1 
HETATM 583 O  O     . HOH D 3 .  ? -2.881  -9.192  -6.413  1.00 15.88 ? 263 HOH A O     1 
HETATM 584 O  O     . HOH D 3 .  ? 11.603  -6.702  -9.001  1.00 17.80 ? 264 HOH A O     1 
HETATM 585 O  O     . HOH D 3 .  ? -8.761  15.135  6.837   1.00 15.57 ? 265 HOH A O     1 
HETATM 586 O  O     . HOH D 3 .  ? 0.403   3.539   4.299   1.00 15.20 ? 266 HOH A O     1 
HETATM 587 O  O     . HOH D 3 .  ? -3.015  4.987   1.936   1.00 15.30 ? 267 HOH A O     1 
HETATM 588 O  O     . HOH D 3 .  ? -1.545  -11.495 6.047   1.00 16.17 ? 268 HOH A O     1 
HETATM 589 O  O     . HOH D 3 .  ? 3.464   -5.921  -0.677  1.00 17.47 ? 269 HOH A O     1 
HETATM 590 O  O     . HOH D 3 .  ? -7.069  5.301   1.760   1.00 20.74 ? 270 HOH A O     1 
HETATM 591 O  O     . HOH D 3 .  ? 20.299  -1.309  -9.711  1.00 24.27 ? 271 HOH A O     1 
HETATM 592 O  O     . HOH D 3 .  ? -4.355  -9.168  5.983   1.00 26.81 ? 272 HOH A O     1 
HETATM 593 O  O     . HOH D 3 .  ? 16.189  2.446   -13.856 1.00 26.78 ? 273 HOH A O     1 
HETATM 594 O  O     . HOH D 3 .  ? -1.692  -10.062 -8.675  1.00 21.31 ? 274 HOH A O     1 
HETATM 595 O  O     . HOH D 3 .  ? -5.604  15.000  7.644   1.00 23.21 ? 275 HOH A O     1 
HETATM 596 O  O     . HOH D 3 .  ? -5.173  -7.215  10.366  1.00 27.56 ? 276 HOH A O     1 
HETATM 597 O  O     . HOH D 3 .  ? 1.534   9.485   -2.944  1.00 20.47 ? 277 HOH A O     1 
HETATM 598 O  O     . HOH D 3 .  ? 0.803   -11.703 7.581   1.00 17.52 ? 278 HOH A O     1 
HETATM 599 O  O     . HOH D 3 .  ? -1.304  9.152   -2.711  1.00 21.74 ? 279 HOH A O     1 
HETATM 600 O  O     . HOH D 3 .  ? -2.383  7.371   -0.812  1.00 24.23 ? 280 HOH A O     1 
HETATM 601 O  O     . HOH D 3 .  ? 3.314   0.848   3.042   1.00 27.72 ? 281 HOH A O     1 
HETATM 602 O  O     . HOH D 3 .  ? -2.159  -9.863  9.671   1.00 22.41 ? 282 HOH A O     1 
HETATM 603 O  O     . HOH D 3 .  ? -3.450  -10.742 7.826   1.00 19.76 ? 283 HOH A O     1 
HETATM 604 O  O     . HOH D 3 .  ? -0.381  3.157   1.709   1.00 20.99 ? 284 HOH A O     1 
HETATM 605 O  O     . HOH D 3 .  ? 3.120   -9.531  -13.688 1.00 25.06 ? 285 HOH A O     1 
HETATM 606 O  O     . HOH D 3 .  ? -7.481  16.330  8.366   1.00 23.58 ? 286 HOH A O     1 
HETATM 607 O  O     . HOH E 3 .  ? -14.523 1.411   7.961   1.00 20.39 ? 101 HOH B O     1 
HETATM 608 O  O     . HOH E 3 .  ? 12.082  -7.641  4.590   1.00 27.94 ? 102 HOH B O     1 
HETATM 609 O  O     . HOH E 3 .  ? -14.289 -1.120  1.890   1.00 21.73 ? 103 HOH B O     1 
HETATM 610 O  O     . HOH E 3 .  ? 15.178  -1.163  7.614   1.00 20.22 ? 104 HOH B O     1 
HETATM 611 O  O     . HOH E 3 .  ? -6.875  2.746   0.643   1.00 22.40 ? 105 HOH B O     1 
HETATM 612 O  O     . HOH E 3 .  ? -9.564  -1.208  -3.386  1.00 24.11 ? 106 HOH B O     1 
HETATM 613 O  O     . HOH E 3 .  ? 4.624   8.854   1.038   1.00 25.72 ? 107 HOH B O     1 
HETATM 614 O  O     . HOH E 3 .  ? -10.708 14.269  12.208  1.00 15.46 ? 108 HOH B O     1 
HETATM 615 O  O     . HOH E 3 .  ? -15.025 -8.174  -2.035  1.00 15.18 ? 109 HOH B O     1 
HETATM 616 O  O     . HOH E 3 .  ? -9.549  1.110   -9.928  1.00 24.30 ? 110 HOH B O     1 
HETATM 617 O  O     . HOH E 3 .  ? 1.615   5.389   -2.097  1.00 12.98 ? 111 HOH B O     1 
HETATM 618 O  O     . HOH E 3 .  ? -8.164  -2.651  -11.654 1.00 15.75 ? 112 HOH B O     1 
HETATM 619 O  O     . HOH E 3 .  ? 2.455   -0.706  -0.877  1.00 20.08 ? 113 HOH B O     1 
HETATM 620 O  O     . HOH E 3 .  ? -7.946  5.679   11.384  1.00 13.17 ? 114 HOH B O     1 
HETATM 621 O  O     . HOH E 3 .  ? 9.715   -4.469  4.795   1.00 25.29 ? 115 HOH B O     1 
HETATM 622 O  O     . HOH E 3 .  ? -3.273  5.647   -7.048  1.00 27.52 ? 116 HOH B O     1 
HETATM 623 O  O     . HOH E 3 .  ? 2.833   7.726   -1.306  1.00 13.14 ? 117 HOH B O     1 
HETATM 624 O  O     . HOH E 3 .  ? -13.610 6.694   16.492  1.00 17.84 ? 118 HOH B O     1 
HETATM 625 O  O     . HOH E 3 .  ? -8.618  0.666   -0.464  1.00 22.55 ? 119 HOH B O     1 
HETATM 626 O  O     . HOH E 3 .  ? -2.942  0.259   -1.183  1.00 19.97 ? 120 HOH B O     1 
HETATM 627 O  O     . HOH E 3 .  ? 2.753   8.292   -8.234  1.00 22.49 ? 121 HOH B O     1 
HETATM 628 O  O     . HOH E 3 .  ? -10.740 -2.128  -1.006  1.00 16.93 ? 122 HOH B O     1 
HETATM 629 O  O     . HOH E 3 .  ? -13.903 -4.757  -4.744  1.00 27.17 ? 123 HOH B O     1 
HETATM 630 O  O     . HOH E 3 .  ? -5.976  2.497   -6.639  1.00 28.01 ? 124 HOH B O     1 
HETATM 631 O  O     . HOH E 3 .  ? -5.493  -8.685  -7.212  1.00 15.34 ? 125 HOH B O     1 
HETATM 632 O  O     . HOH E 3 .  ? -17.312 -2.315  3.914   1.00 14.84 ? 126 HOH B O     1 
HETATM 633 O  O     . HOH E 3 .  ? 0.481   -1.572  -11.804 1.00 13.32 ? 127 HOH B O     1 
HETATM 634 O  O     . HOH E 3 .  ? -14.831 5.627   8.810   1.00 23.22 ? 128 HOH B O     1 
HETATM 635 O  O     . HOH E 3 .  ? -14.399 1.293   5.250   1.00 19.55 ? 129 HOH B O     1 
HETATM 636 O  O     . HOH E 3 .  ? 10.694  -3.345  1.009   1.00 21.78 ? 130 HOH B O     1 
HETATM 637 O  O     . HOH E 3 .  ? 11.070  -4.670  -1.693  1.00 17.59 ? 131 HOH B O     1 
HETATM 638 O  O     . HOH E 3 .  ? -14.613 -3.873  11.945  1.00 20.01 ? 132 HOH B O     1 
HETATM 639 O  O     . HOH E 3 .  ? 3.418   3.682   -0.978  1.00 14.46 ? 133 HOH B O     1 
HETATM 640 O  O     . HOH E 3 .  ? -6.663  -0.535  -2.456  1.00 20.82 ? 134 HOH B O     1 
HETATM 641 O  O     . HOH E 3 .  ? -1.826  5.702   -11.172 1.00 14.22 ? 135 HOH B O     1 
HETATM 642 O  O     . HOH E 3 .  ? 6.513   2.784   0.956   1.00 12.79 ? 136 HOH B O     1 
HETATM 643 O  O     . HOH E 3 .  ? -16.488 -3.921  7.914   1.00 20.35 ? 137 HOH B O     1 
HETATM 644 O  O     . HOH E 3 .  ? 16.503  0.104   3.102   1.00 16.18 ? 138 HOH B O     1 
HETATM 645 O  O     . HOH E 3 .  ? 9.168   0.204   1.894   1.00 14.19 ? 139 HOH B O     1 
HETATM 646 O  O     . HOH E 3 .  ? -2.800  -5.765  -9.184  1.00 15.66 ? 140 HOH B O     1 
HETATM 647 O  O     . HOH E 3 .  ? 1.016   -3.606  -9.995  1.00 15.07 ? 141 HOH B O     1 
HETATM 648 O  O     . HOH E 3 .  ? -8.086  -7.432  2.634   1.00 13.61 ? 142 HOH B O     1 
HETATM 649 O  O     . HOH E 3 .  ? 8.677   8.806   -3.402  1.00 12.78 ? 143 HOH B O     1 
HETATM 650 O  O     . HOH E 3 .  ? 7.654   1.398   -8.865  1.00 13.97 ? 144 HOH B O     1 
HETATM 651 O  O     . HOH E 3 .  ? 14.232  4.197   -1.376  1.00 12.19 ? 145 HOH B O     1 
HETATM 652 O  O     . HOH E 3 .  ? -8.118  -4.332  6.529   1.00 17.25 ? 146 HOH B O     1 
HETATM 653 O  O     . HOH E 3 .  ? 13.616  6.077   3.383   1.00 18.99 ? 147 HOH B O     1 
HETATM 654 O  O     . HOH E 3 .  ? -6.157  1.118   10.296  1.00 22.31 ? 148 HOH B O     1 
HETATM 655 O  O     . HOH E 3 .  ? -0.504  3.020   -4.943  1.00 12.70 ? 149 HOH B O     1 
HETATM 656 O  O     . HOH E 3 .  ? 11.222  6.398   4.877   1.00 15.16 ? 150 HOH B O     1 
HETATM 657 O  O     . HOH E 3 .  ? -10.738 4.307   15.107  1.00 15.01 ? 151 HOH B O     1 
HETATM 658 O  O     . HOH E 3 .  ? -10.628 1.891   2.125   1.00 22.48 ? 152 HOH B O     1 
HETATM 659 O  O     . HOH E 3 .  ? -4.349  0.373   -3.798  1.00 22.74 ? 153 HOH B O     1 
HETATM 660 O  O     . HOH E 3 .  ? -16.882 7.803   14.406  1.00 19.52 ? 154 HOH B O     1 
HETATM 661 O  O     . HOH E 3 .  ? -4.117  2.232   -5.411  1.00 25.15 ? 155 HOH B O     1 
HETATM 662 O  O     . HOH E 3 .  ? 13.272  -6.550  -3.389  1.00 27.39 ? 156 HOH B O     1 
HETATM 663 O  O     . HOH E 3 .  ? -15.385 3.691   14.881  1.00 21.43 ? 157 HOH B O     1 
HETATM 664 O  O     . HOH E 3 .  ? -16.247 -4.671  -2.551  1.00 20.45 ? 158 HOH B O     1 
HETATM 665 O  O     . HOH E 3 .  ? 12.936  -7.441  -0.250  1.00 26.59 ? 159 HOH B O     1 
HETATM 666 O  O     . HOH E 3 .  ? -14.495 -1.841  -0.505  1.00 25.69 ? 160 HOH B O     1 
HETATM 667 O  O     . HOH E 3 .  ? 18.081  1.512   0.731   1.00 18.25 ? 161 HOH B O     1 
HETATM 668 O  O     . HOH E 3 .  ? -13.101 3.169   3.308   1.00 18.61 ? 162 HOH B O     1 
HETATM 669 O  O     . HOH E 3 .  ? 8.352   -2.323  -0.086  1.00 17.17 ? 163 HOH B O     1 
HETATM 670 O  O     . HOH E 3 .  ? -14.514 5.928   5.867   1.00 19.63 ? 164 HOH B O     1 
HETATM 671 O  O     . HOH E 3 .  ? -6.834  -3.054  8.909   1.00 14.22 ? 165 HOH B O     1 
HETATM 672 O  O     . HOH E 3 .  ? -0.837  1.282   -2.747  1.00 17.56 ? 166 HOH B O     1 
HETATM 673 O  O     . HOH E 3 .  ? 6.390   0.061   0.348   1.00 16.77 ? 167 HOH B O     1 
HETATM 674 O  O     . HOH E 3 .  ? 16.492  3.108   2.402   1.00 21.19 ? 168 HOH B O     1 
HETATM 675 O  O     . HOH E 3 .  ? -9.011  -4.947  9.201   1.00 23.06 ? 169 HOH B O     1 
HETATM 676 O  O     . HOH E 3 .  ? -8.030  -6.923  5.553   1.00 22.13 ? 170 HOH B O     1 
HETATM 677 O  O     . HOH E 3 .  ? -10.478 -4.492  11.751  1.00 23.89 ? 171 HOH B O     1 
HETATM 678 O  O     . HOH E 3 .  ? -13.079 2.674   15.543  1.00 24.47 ? 172 HOH B O     1 
HETATM 679 O  O     . HOH E 3 .  ? -5.626  4.833   -7.096  1.00 33.22 ? 173 HOH B O     1 
HETATM 680 O  O     . HOH E 3 .  ? -13.906 6.166   2.733   1.00 26.08 ? 174 HOH B O     1 
HETATM 681 O  O     . HOH E 3 .  ? -4.608  -7.766  -9.607  1.00 18.04 ? 175 HOH B O     1 
HETATM 682 O  O     . HOH E 3 .  ? -15.999 3.483   8.010   1.00 25.73 ? 176 HOH B O     1 
HETATM 683 O  O     . HOH E 3 .  ? -12.118 -0.274  0.169   1.00 26.14 ? 177 HOH B O     1 
HETATM 684 O  O     . HOH E 3 .  ? -4.440  2.235   -0.463  1.00 26.69 ? 178 HOH B O     1 
HETATM 685 O  O     . HOH E 3 .  ? -17.687 0.384   4.651   1.00 29.60 ? 179 HOH B O     1 
HETATM 686 O  O     . HOH E 3 .  ? 7.238   9.086   -5.968  1.00 25.65 ? 180 HOH B O     1 
HETATM 687 O  O     . HOH E 3 .  ? -10.092 1.575   -5.699  1.00 37.37 ? 181 HOH B O     1 
HETATM 688 O  O     . HOH E 3 .  ? 3.201   1.391   0.511   1.00 20.85 ? 182 HOH B O     1 
HETATM 689 O  O     . HOH E 3 .  ? -0.793  4.923   -0.671  1.00 22.39 ? 183 HOH B O     1 
HETATM 690 O  O     . HOH E 3 .  ? -10.879 4.052   -4.887  1.00 37.23 ? 184 HOH B O     1 
# 
